data_9FM9
#
_entry.id   9FM9
#
_cell.length_a   1.00
_cell.length_b   1.00
_cell.length_c   1.00
_cell.angle_alpha   90.00
_cell.angle_beta   90.00
_cell.angle_gamma   90.00
#
_symmetry.space_group_name_H-M   'P 1'
#
loop_
_entity.id
_entity.type
_entity.pdbx_description
1 polymer 'Aldehyde dehydrogenase'
2 non-polymer 'POTASSIUM ION'
#
_entity_poly.entity_id   1
_entity_poly.type   'polypeptide(L)'
_entity_poly.pdbx_seq_one_letter_code
;MGHHHHHHHHHHSSGHIEGRHMPNDQTHPFRGVNALPFEERYDNFIGGEWVAPVSGRYFTNTTPITGAEIGQIARSEAGD
IELALDAAHAAKEKWGATSPAERANIMLKIADRMERNLELLATAETWDNGKPIRETMAADLPLAIDHFRYFAGVLRAQEG
SISQIDDDTVAYHFHEPLGVVGQIIPWNFPLLMACWKLAPAIAAGNCVVLKPAEQTPAGIMVWANLIGDLLPPGVLNIVN
GFGLEAGKPLASSNRIAKIAFTGETTTGRLIMQYASENLIPVTLELGGKSPNIFFADVAREDDDFFDKALEGFTMFALNQ
GEVCTCPSRVLIQESIYDKFMERAVQRVQAIKQGDPRESDTMIGAQASSEQKEKILSYLDIGKKEGAEVLTGGKAADLGG
ELSGGYYIEPTIFRGNNKMRIFQEEIFGPVVSVTTFKDQAEALEIANDTLYGLGAGVWSRDANTCYRMGRGIKAGRVWTN
CYHAYPAHAAFGGYKQSGIGRETHKMMLDHYQQTKNMLVSYSPKKLGFF
;
_entity_poly.pdbx_strand_id   A,B,C,D
#
loop_
_chem_comp.id
_chem_comp.type
_chem_comp.name
_chem_comp.formula
K non-polymer 'POTASSIUM ION' 'K 1'
#
# COMPACT_ATOMS: atom_id res chain seq x y z
N ARG A 31 -37.00 -24.07 6.57
CA ARG A 31 -35.96 -23.62 5.65
C ARG A 31 -36.49 -23.51 4.22
N GLY A 32 -36.48 -22.30 3.71
CA GLY A 32 -36.92 -22.03 2.35
C GLY A 32 -36.96 -20.54 2.08
N VAL A 33 -37.03 -20.20 0.79
CA VAL A 33 -37.09 -18.80 0.40
C VAL A 33 -38.38 -18.16 0.88
N ASN A 34 -39.49 -18.88 0.77
CA ASN A 34 -40.80 -18.36 1.13
C ASN A 34 -41.12 -18.49 2.61
N ALA A 35 -40.25 -19.11 3.40
CA ALA A 35 -40.40 -19.17 4.84
C ALA A 35 -39.55 -18.09 5.50
N LEU A 36 -39.95 -17.72 6.72
CA LEU A 36 -39.28 -16.64 7.42
C LEU A 36 -37.84 -17.01 7.74
N PRO A 37 -36.86 -16.20 7.34
CA PRO A 37 -35.46 -16.49 7.66
C PRO A 37 -34.92 -15.81 8.92
N PHE A 38 -35.71 -14.99 9.59
CA PHE A 38 -35.27 -14.31 10.79
C PHE A 38 -35.86 -14.99 12.03
N GLU A 39 -35.62 -14.37 13.18
CA GLU A 39 -36.32 -14.71 14.41
C GLU A 39 -36.54 -13.42 15.18
N GLU A 40 -37.30 -13.52 16.27
CA GLU A 40 -37.61 -12.35 17.07
C GLU A 40 -36.52 -12.06 18.08
N ARG A 41 -36.39 -10.79 18.44
CA ARG A 41 -35.43 -10.32 19.45
C ARG A 41 -33.98 -10.59 19.01
N TYR A 42 -33.63 -9.97 17.88
CA TYR A 42 -32.23 -9.68 17.56
C TYR A 42 -31.70 -8.59 18.48
N ASP A 43 -31.01 -9.02 19.54
CA ASP A 43 -30.32 -8.10 20.44
C ASP A 43 -29.06 -7.57 19.76
N ASN A 44 -28.27 -6.81 20.50
CA ASN A 44 -27.03 -6.24 19.97
C ASN A 44 -25.92 -7.29 19.99
N PHE A 45 -25.19 -7.38 18.88
CA PHE A 45 -24.07 -8.33 18.77
C PHE A 45 -22.80 -7.61 19.21
N ILE A 46 -22.60 -7.56 20.52
CA ILE A 46 -21.53 -6.77 21.13
C ILE A 46 -20.51 -7.74 21.74
N GLY A 47 -19.28 -7.66 21.25
CA GLY A 47 -18.20 -8.44 21.82
C GLY A 47 -18.40 -9.94 21.73
N GLY A 48 -18.73 -10.43 20.54
CA GLY A 48 -18.95 -11.85 20.36
C GLY A 48 -20.08 -12.39 21.20
N GLU A 49 -21.09 -11.57 21.50
CA GLU A 49 -22.18 -11.94 22.36
C GLU A 49 -23.47 -11.39 21.79
N TRP A 50 -24.59 -11.73 22.44
CA TRP A 50 -25.91 -11.18 22.12
C TRP A 50 -26.43 -10.54 23.40
N VAL A 51 -26.25 -9.23 23.51
CA VAL A 51 -26.60 -8.49 24.72
C VAL A 51 -27.76 -7.55 24.40
N ALA A 52 -28.73 -7.52 25.29
CA ALA A 52 -29.84 -6.60 25.17
C ALA A 52 -29.36 -5.16 25.35
N PRO A 53 -30.09 -4.20 24.82
CA PRO A 53 -29.74 -2.79 25.06
C PRO A 53 -29.80 -2.45 26.54
N VAL A 54 -29.37 -1.22 26.85
CA VAL A 54 -29.45 -0.74 28.23
C VAL A 54 -30.90 -0.72 28.70
N SER A 55 -31.82 -0.33 27.82
CA SER A 55 -33.24 -0.36 28.11
C SER A 55 -33.94 -1.34 27.18
N GLY A 56 -35.12 -1.79 27.61
CA GLY A 56 -35.89 -2.76 26.86
C GLY A 56 -36.51 -2.18 25.59
N ARG A 57 -36.02 -1.04 25.14
CA ARG A 57 -36.52 -0.42 23.92
C ARG A 57 -36.25 -1.33 22.71
N TYR A 58 -37.33 -1.77 22.06
CA TYR A 58 -37.25 -2.73 20.96
C TYR A 58 -38.17 -2.23 19.85
N PHE A 59 -37.61 -1.73 18.76
CA PHE A 59 -38.46 -1.33 17.64
C PHE A 59 -38.76 -2.55 16.79
N THR A 60 -39.43 -2.35 15.65
CA THR A 60 -39.99 -3.44 14.88
C THR A 60 -39.53 -3.36 13.43
N ASN A 61 -38.89 -4.41 12.95
CA ASN A 61 -38.59 -4.53 11.54
C ASN A 61 -39.84 -4.93 10.76
N THR A 62 -39.90 -4.55 9.50
CA THR A 62 -41.09 -4.79 8.69
C THR A 62 -40.67 -5.09 7.25
N THR A 63 -41.15 -6.21 6.72
CA THR A 63 -40.77 -6.61 5.38
C THR A 63 -41.43 -5.71 4.33
N PRO A 64 -40.66 -5.16 3.40
CA PRO A 64 -41.28 -4.40 2.31
C PRO A 64 -42.17 -5.23 1.40
N ILE A 65 -41.88 -6.53 1.26
CA ILE A 65 -42.59 -7.35 0.28
C ILE A 65 -44.09 -7.32 0.53
N THR A 66 -44.48 -7.59 1.78
CA THR A 66 -45.86 -7.51 2.24
C THR A 66 -45.76 -6.80 3.58
N GLY A 67 -46.00 -5.49 3.61
CA GLY A 67 -45.74 -4.72 4.81
C GLY A 67 -46.35 -5.37 6.04
N ALA A 68 -45.49 -5.91 6.88
CA ALA A 68 -45.88 -6.75 8.01
C ALA A 68 -44.65 -7.03 8.85
N GLU A 69 -44.89 -7.41 10.10
CA GLU A 69 -43.81 -7.60 11.05
C GLU A 69 -43.02 -8.87 10.72
N ILE A 70 -41.70 -8.78 10.82
CA ILE A 70 -40.82 -9.92 10.61
C ILE A 70 -39.85 -10.03 11.77
N GLY A 71 -40.22 -9.50 12.93
CA GLY A 71 -39.38 -9.58 14.12
C GLY A 71 -39.20 -8.22 14.77
N GLN A 72 -38.61 -8.27 15.96
CA GLN A 72 -38.52 -7.13 16.84
C GLN A 72 -37.04 -6.84 17.12
N ILE A 73 -36.61 -5.63 16.82
CA ILE A 73 -35.19 -5.27 16.79
C ILE A 73 -34.90 -4.28 17.91
N ALA A 74 -33.75 -4.46 18.55
CA ALA A 74 -33.36 -3.65 19.69
C ALA A 74 -33.14 -2.20 19.30
N ARG A 75 -33.60 -1.28 20.15
CA ARG A 75 -33.42 0.15 19.97
C ARG A 75 -32.25 0.60 20.84
N SER A 76 -31.22 1.16 20.21
CA SER A 76 -29.94 1.39 20.87
C SER A 76 -29.75 2.86 21.20
N GLU A 77 -29.55 3.15 22.48
CA GLU A 77 -29.20 4.48 22.94
C GLU A 77 -27.68 4.63 22.92
N ALA A 78 -27.16 5.69 23.54
CA ALA A 78 -25.72 5.90 23.54
C ALA A 78 -24.99 4.88 24.40
N GLY A 79 -25.67 4.31 25.42
CA GLY A 79 -25.01 3.36 26.29
C GLY A 79 -24.58 2.09 25.59
N ASP A 80 -25.39 1.62 24.64
CA ASP A 80 -24.99 0.45 23.86
C ASP A 80 -23.78 0.75 22.99
N ILE A 81 -23.70 1.97 22.47
CA ILE A 81 -22.50 2.38 21.77
C ILE A 81 -21.30 2.36 22.71
N GLU A 82 -21.51 2.65 23.99
CA GLU A 82 -20.39 2.62 24.93
C GLU A 82 -19.95 1.19 25.21
N LEU A 83 -20.89 0.26 25.37
CA LEU A 83 -20.52 -1.15 25.52
C LEU A 83 -19.78 -1.65 24.28
N ALA A 84 -20.28 -1.28 23.10
CA ALA A 84 -19.65 -1.70 21.86
C ALA A 84 -18.25 -1.15 21.75
N LEU A 85 -18.04 0.11 22.14
CA LEU A 85 -16.72 0.69 22.06
C LEU A 85 -15.77 0.08 23.09
N ASP A 86 -16.27 -0.29 24.27
CA ASP A 86 -15.42 -0.96 25.24
C ASP A 86 -14.92 -2.29 24.70
N ALA A 87 -15.83 -3.12 24.18
CA ALA A 87 -15.42 -4.40 23.61
C ALA A 87 -14.48 -4.20 22.42
N ALA A 88 -14.78 -3.22 21.57
CA ALA A 88 -13.92 -2.92 20.44
C ALA A 88 -12.53 -2.50 20.88
N HIS A 89 -12.42 -1.79 22.00
CA HIS A 89 -11.10 -1.37 22.45
C HIS A 89 -10.30 -2.52 23.04
N ALA A 90 -10.93 -3.41 23.79
CA ALA A 90 -10.22 -4.59 24.28
C ALA A 90 -9.70 -5.42 23.10
N ALA A 91 -10.57 -5.72 22.14
CA ALA A 91 -10.11 -6.48 20.99
C ALA A 91 -9.14 -5.66 20.15
N LYS A 92 -9.20 -4.33 20.23
CA LYS A 92 -8.21 -3.51 19.55
C LYS A 92 -6.83 -3.79 20.11
N GLU A 93 -6.74 -3.85 21.43
CA GLU A 93 -5.47 -4.22 22.06
C GLU A 93 -4.97 -5.55 21.53
N LYS A 94 -5.82 -6.58 21.56
CA LYS A 94 -5.31 -7.92 21.22
C LYS A 94 -5.25 -8.17 19.72
N TRP A 95 -6.40 -8.20 19.05
CA TRP A 95 -6.53 -8.45 17.62
C TRP A 95 -5.65 -7.55 16.76
N GLY A 96 -5.19 -6.41 17.29
CA GLY A 96 -4.39 -5.50 16.48
C GLY A 96 -3.09 -6.11 16.03
N ALA A 97 -2.45 -6.91 16.89
CA ALA A 97 -1.17 -7.52 16.60
C ALA A 97 -1.28 -8.93 16.07
N THR A 98 -2.50 -9.40 15.78
CA THR A 98 -2.67 -10.65 15.07
C THR A 98 -2.05 -10.54 13.69
N SER A 99 -1.25 -11.54 13.30
CA SER A 99 -0.46 -11.43 12.10
C SER A 99 -1.36 -11.34 10.87
N PRO A 100 -0.89 -10.69 9.80
CA PRO A 100 -1.74 -10.57 8.60
C PRO A 100 -2.18 -11.91 8.03
N ALA A 101 -1.39 -12.96 8.21
CA ALA A 101 -1.76 -14.27 7.71
C ALA A 101 -2.84 -14.93 8.55
N GLU A 102 -2.92 -14.62 9.84
CA GLU A 102 -3.99 -15.16 10.67
C GLU A 102 -5.32 -14.50 10.38
N ARG A 103 -5.33 -13.17 10.25
CA ARG A 103 -6.57 -12.45 9.95
C ARG A 103 -7.07 -12.79 8.56
N ALA A 104 -6.17 -12.97 7.59
CA ALA A 104 -6.60 -13.39 6.27
C ALA A 104 -7.16 -14.80 6.28
N ASN A 105 -6.62 -15.68 7.13
CA ASN A 105 -7.21 -17.00 7.28
C ASN A 105 -8.61 -16.92 7.88
N ILE A 106 -8.80 -16.06 8.88
CA ILE A 106 -10.13 -15.89 9.45
C ILE A 106 -11.10 -15.34 8.42
N MET A 107 -10.65 -14.40 7.59
CA MET A 107 -11.51 -13.85 6.56
C MET A 107 -11.85 -14.90 5.51
N LEU A 108 -10.89 -15.73 5.13
CA LEU A 108 -11.16 -16.78 4.17
C LEU A 108 -12.17 -17.77 4.72
N LYS A 109 -12.05 -18.11 6.01
CA LYS A 109 -13.02 -19.00 6.62
C LYS A 109 -14.40 -18.35 6.68
N ILE A 110 -14.46 -17.04 6.94
CA ILE A 110 -15.74 -16.33 6.93
C ILE A 110 -16.38 -16.40 5.55
N ALA A 111 -15.60 -16.14 4.51
CA ALA A 111 -16.12 -16.20 3.15
C ALA A 111 -16.61 -17.60 2.81
N ASP A 112 -15.87 -18.63 3.23
CA ASP A 112 -16.30 -20.00 2.95
C ASP A 112 -17.60 -20.34 3.69
N ARG A 113 -17.72 -19.91 4.94
CA ARG A 113 -18.96 -20.14 5.67
C ARG A 113 -20.14 -19.47 4.99
N MET A 114 -19.94 -18.24 4.51
CA MET A 114 -21.01 -17.54 3.82
C MET A 114 -21.37 -18.23 2.51
N GLU A 115 -20.36 -18.68 1.76
CA GLU A 115 -20.63 -19.34 0.48
C GLU A 115 -21.35 -20.66 0.67
N ARG A 116 -21.15 -21.32 1.81
CA ARG A 116 -21.90 -22.55 2.05
C ARG A 116 -23.29 -22.30 2.60
N ASN A 117 -23.64 -21.06 2.91
CA ASN A 117 -24.96 -20.67 3.38
C ASN A 117 -25.51 -19.52 2.54
N LEU A 118 -25.25 -19.54 1.24
CA LEU A 118 -25.66 -18.42 0.40
C LEU A 118 -27.18 -18.30 0.34
N GLU A 119 -27.88 -19.43 0.30
CA GLU A 119 -29.34 -19.40 0.21
C GLU A 119 -29.97 -18.74 1.43
N LEU A 120 -29.51 -19.09 2.63
CA LEU A 120 -30.07 -18.52 3.84
C LEU A 120 -29.86 -17.01 3.91
N LEU A 121 -28.64 -16.56 3.61
CA LEU A 121 -28.36 -15.13 3.64
C LEU A 121 -29.16 -14.38 2.58
N ALA A 122 -29.24 -14.94 1.37
CA ALA A 122 -29.98 -14.28 0.31
C ALA A 122 -31.47 -14.20 0.62
N THR A 123 -32.02 -15.24 1.24
CA THR A 123 -33.42 -15.19 1.67
C THR A 123 -33.63 -14.14 2.75
N ALA A 124 -32.70 -14.02 3.69
CA ALA A 124 -32.82 -12.97 4.69
C ALA A 124 -32.78 -11.59 4.05
N GLU A 125 -31.94 -11.42 3.05
CA GLU A 125 -31.83 -10.11 2.40
C GLU A 125 -33.10 -9.78 1.62
N THR A 126 -33.64 -10.76 0.88
CA THR A 126 -34.91 -10.55 0.18
C THR A 126 -36.01 -10.18 1.16
N TRP A 127 -36.13 -10.91 2.26
CA TRP A 127 -37.21 -10.64 3.21
C TRP A 127 -37.06 -9.27 3.85
N ASP A 128 -35.85 -8.88 4.24
CA ASP A 128 -35.68 -7.65 5.00
C ASP A 128 -35.63 -6.41 4.12
N ASN A 129 -35.19 -6.54 2.88
CA ASN A 129 -35.03 -5.40 2.00
C ASN A 129 -36.12 -5.31 0.93
N GLY A 130 -36.78 -6.42 0.62
CA GLY A 130 -37.69 -6.44 -0.50
C GLY A 130 -37.04 -6.66 -1.84
N LYS A 131 -35.73 -6.88 -1.85
CA LYS A 131 -35.00 -7.11 -3.08
C LYS A 131 -35.39 -8.47 -3.66
N PRO A 132 -35.42 -8.60 -4.99
CA PRO A 132 -35.74 -9.91 -5.57
C PRO A 132 -34.72 -10.97 -5.16
N ILE A 133 -35.22 -12.19 -4.93
CA ILE A 133 -34.32 -13.29 -4.61
C ILE A 133 -33.38 -13.55 -5.77
N ARG A 134 -33.85 -13.30 -7.00
CA ARG A 134 -33.00 -13.34 -8.16
C ARG A 134 -31.80 -12.42 -7.99
N GLU A 135 -32.05 -11.15 -7.65
CA GLU A 135 -30.96 -10.18 -7.53
C GLU A 135 -30.01 -10.55 -6.40
N THR A 136 -30.54 -10.94 -5.23
CA THR A 136 -29.67 -11.32 -4.13
C THR A 136 -28.79 -12.49 -4.53
N MET A 137 -29.40 -13.65 -4.81
CA MET A 137 -28.62 -14.84 -5.09
C MET A 137 -27.70 -14.67 -6.29
N ALA A 138 -28.02 -13.78 -7.22
CA ALA A 138 -27.14 -13.62 -8.37
C ALA A 138 -25.97 -12.70 -8.08
N ALA A 139 -26.24 -11.50 -7.57
CA ALA A 139 -25.19 -10.49 -7.47
C ALA A 139 -24.79 -10.12 -6.05
N ASP A 140 -25.69 -10.14 -5.08
CA ASP A 140 -25.38 -9.47 -3.82
C ASP A 140 -24.55 -10.35 -2.89
N LEU A 141 -24.88 -11.62 -2.77
CA LEU A 141 -24.13 -12.47 -1.86
C LEU A 141 -22.82 -12.94 -2.49
N PRO A 142 -22.81 -13.34 -3.77
CA PRO A 142 -21.51 -13.60 -4.40
C PRO A 142 -20.56 -12.43 -4.30
N LEU A 143 -21.05 -11.19 -4.43
CA LEU A 143 -20.18 -10.03 -4.29
C LEU A 143 -19.63 -9.89 -2.87
N ALA A 144 -20.45 -10.18 -1.86
CA ALA A 144 -19.96 -10.09 -0.49
C ALA A 144 -18.90 -11.16 -0.20
N ILE A 145 -19.13 -12.39 -0.66
CA ILE A 145 -18.14 -13.45 -0.46
C ILE A 145 -16.85 -13.12 -1.22
N ASP A 146 -16.98 -12.67 -2.46
CA ASP A 146 -15.81 -12.28 -3.23
C ASP A 146 -15.10 -11.12 -2.58
N HIS A 147 -15.83 -10.28 -1.84
CA HIS A 147 -15.23 -9.11 -1.24
C HIS A 147 -14.39 -9.50 -0.03
N PHE A 148 -14.91 -10.44 0.78
CA PHE A 148 -14.11 -10.98 1.88
C PHE A 148 -12.87 -11.70 1.37
N ARG A 149 -13.03 -12.53 0.32
CA ARG A 149 -11.86 -13.20 -0.23
C ARG A 149 -10.85 -12.21 -0.79
N TYR A 150 -11.33 -11.18 -1.48
CA TYR A 150 -10.45 -10.17 -2.04
C TYR A 150 -9.66 -9.46 -0.96
N PHE A 151 -10.30 -9.12 0.15
CA PHE A 151 -9.57 -8.35 1.14
C PHE A 151 -8.67 -9.21 2.00
N ALA A 152 -9.01 -10.49 2.24
CA ALA A 152 -8.03 -11.41 2.80
C ALA A 152 -6.80 -11.49 1.89
N GLY A 153 -7.02 -11.56 0.59
CA GLY A 153 -5.91 -11.55 -0.34
C GLY A 153 -5.03 -10.33 -0.26
N VAL A 154 -5.63 -9.14 -0.46
CA VAL A 154 -4.85 -7.91 -0.45
C VAL A 154 -4.24 -7.64 0.91
N LEU A 155 -4.75 -8.26 1.98
CA LEU A 155 -4.08 -8.22 3.26
C LEU A 155 -2.81 -9.06 3.23
N ARG A 156 -2.89 -10.28 2.67
CA ARG A 156 -1.68 -11.09 2.55
C ARG A 156 -0.63 -10.44 1.67
N ALA A 157 -1.05 -9.71 0.64
CA ALA A 157 -0.13 -9.12 -0.31
C ALA A 157 0.31 -7.71 0.07
N GLN A 158 -0.15 -7.19 1.20
CA GLN A 158 0.14 -5.82 1.60
C GLN A 158 1.49 -5.75 2.29
N GLU A 159 2.35 -4.86 1.84
CA GLU A 159 3.65 -4.62 2.44
C GLU A 159 3.85 -3.14 2.65
N GLY A 160 4.55 -2.79 3.73
CA GLY A 160 4.80 -1.40 4.02
C GLY A 160 5.89 -0.83 3.14
N SER A 161 6.73 0.06 3.67
CA SER A 161 7.68 0.73 2.81
C SER A 161 8.95 1.06 3.58
N ILE A 162 10.06 1.15 2.85
CA ILE A 162 11.37 1.52 3.35
C ILE A 162 11.86 2.66 2.48
N SER A 163 12.72 3.50 3.03
CA SER A 163 13.37 4.55 2.25
C SER A 163 14.80 4.71 2.72
N GLN A 164 15.74 4.37 1.86
CA GLN A 164 17.16 4.58 2.15
C GLN A 164 17.46 6.06 2.00
N ILE A 165 17.44 6.79 3.11
CA ILE A 165 17.72 8.23 3.04
C ILE A 165 19.16 8.47 2.66
N ASP A 166 20.08 7.79 3.34
CA ASP A 166 21.49 7.82 3.01
C ASP A 166 22.08 6.47 3.45
N ASP A 167 23.40 6.41 3.54
CA ASP A 167 24.02 5.16 3.97
C ASP A 167 23.72 4.85 5.43
N ASP A 168 23.44 5.87 6.25
CA ASP A 168 23.34 5.69 7.68
C ASP A 168 21.95 5.90 8.25
N THR A 169 21.00 6.37 7.46
CA THR A 169 19.66 6.66 7.94
C THR A 169 18.64 5.99 7.03
N VAL A 170 17.70 5.25 7.63
CA VAL A 170 16.64 4.57 6.90
C VAL A 170 15.32 4.96 7.53
N ALA A 171 14.29 5.18 6.71
CA ALA A 171 12.95 5.41 7.20
C ALA A 171 12.09 4.19 6.93
N TYR A 172 11.42 3.71 7.96
CA TYR A 172 10.60 2.50 7.91
C TYR A 172 9.14 2.91 8.02
N HIS A 173 8.36 2.61 7.00
CA HIS A 173 6.95 2.97 6.96
C HIS A 173 6.13 1.71 7.23
N PHE A 174 5.62 1.59 8.44
CA PHE A 174 4.82 0.47 8.85
C PHE A 174 3.35 0.78 8.65
N HIS A 175 2.58 -0.20 8.21
CA HIS A 175 1.13 -0.09 8.23
C HIS A 175 0.62 -0.48 9.61
N GLU A 176 -0.26 0.33 10.17
CA GLU A 176 -0.79 0.05 11.49
C GLU A 176 -2.30 0.18 11.46
N PRO A 177 -3.00 -0.58 12.30
CA PRO A 177 -4.43 -0.35 12.46
C PRO A 177 -4.70 1.05 13.00
N LEU A 178 -5.85 1.59 12.64
CA LEU A 178 -6.32 2.84 13.24
C LEU A 178 -6.81 2.63 14.66
N GLY A 179 -7.13 1.40 15.03
CA GLY A 179 -7.71 1.13 16.32
C GLY A 179 -9.15 0.68 16.19
N VAL A 180 -10.08 1.53 16.56
CA VAL A 180 -11.51 1.25 16.46
C VAL A 180 -12.12 2.22 15.46
N VAL A 181 -12.88 1.70 14.51
CA VAL A 181 -13.57 2.49 13.52
C VAL A 181 -15.07 2.27 13.66
N GLY A 182 -15.85 3.26 13.27
CA GLY A 182 -17.29 3.18 13.29
C GLY A 182 -17.83 3.34 11.87
N GLN A 183 -18.88 2.59 11.56
CA GLN A 183 -19.46 2.65 10.23
C GLN A 183 -20.97 2.67 10.33
N ILE A 184 -21.60 3.53 9.54
CA ILE A 184 -23.04 3.64 9.44
C ILE A 184 -23.40 3.19 8.04
N ILE A 185 -24.09 2.04 7.93
CA ILE A 185 -24.36 1.46 6.64
C ILE A 185 -25.77 1.85 6.18
N PRO A 186 -25.99 2.06 4.89
CA PRO A 186 -27.33 2.39 4.42
C PRO A 186 -28.24 1.18 4.43
N TRP A 187 -29.46 1.32 3.91
CA TRP A 187 -30.37 0.20 3.80
C TRP A 187 -30.56 -0.30 2.38
N ASN A 188 -30.11 0.44 1.37
CA ASN A 188 -30.35 -0.01 0.00
C ASN A 188 -29.65 -1.33 -0.29
N PHE A 189 -28.41 -1.48 0.20
CA PHE A 189 -27.66 -2.73 0.12
C PHE A 189 -27.22 -3.06 1.54
N PRO A 190 -28.05 -3.69 2.34
CA PRO A 190 -27.69 -3.87 3.76
C PRO A 190 -26.46 -4.74 3.94
N LEU A 191 -26.53 -5.99 3.47
CA LEU A 191 -25.42 -6.91 3.67
C LEU A 191 -24.26 -6.60 2.74
N LEU A 192 -24.54 -6.17 1.51
CA LEU A 192 -23.47 -5.86 0.58
C LEU A 192 -22.61 -4.70 1.07
N MET A 193 -23.25 -3.62 1.53
CA MET A 193 -22.48 -2.51 2.09
C MET A 193 -21.88 -2.86 3.45
N ALA A 194 -22.56 -3.69 4.23
CA ALA A 194 -21.95 -4.16 5.48
C ALA A 194 -20.64 -4.87 5.20
N CYS A 195 -20.62 -5.73 4.18
CA CYS A 195 -19.39 -6.44 3.83
C CYS A 195 -18.37 -5.51 3.19
N TRP A 196 -18.82 -4.60 2.32
CA TRP A 196 -17.91 -3.63 1.70
C TRP A 196 -17.18 -2.81 2.73
N LYS A 197 -17.84 -2.48 3.85
CA LYS A 197 -17.18 -1.72 4.90
C LYS A 197 -16.43 -2.59 5.89
N LEU A 198 -16.87 -3.83 6.10
CA LEU A 198 -16.29 -4.68 7.12
C LEU A 198 -15.02 -5.37 6.64
N ALA A 199 -14.96 -5.78 5.38
CA ALA A 199 -13.79 -6.49 4.91
C ALA A 199 -12.51 -5.67 5.06
N PRO A 200 -12.42 -4.43 4.57
CA PRO A 200 -11.18 -3.68 4.77
C PRO A 200 -10.93 -3.31 6.21
N ALA A 201 -11.99 -3.12 6.99
CA ALA A 201 -11.81 -2.70 8.37
C ALA A 201 -11.19 -3.80 9.23
N ILE A 202 -11.65 -5.05 9.07
CA ILE A 202 -11.08 -6.13 9.85
C ILE A 202 -9.87 -6.78 9.18
N ALA A 203 -9.68 -6.57 7.88
CA ALA A 203 -8.42 -6.95 7.27
C ALA A 203 -7.29 -6.13 7.84
N ALA A 204 -7.55 -4.85 8.13
CA ALA A 204 -6.53 -3.92 8.61
C ALA A 204 -6.29 -4.02 10.11
N GLY A 205 -7.00 -4.89 10.81
CA GLY A 205 -6.81 -5.02 12.24
C GLY A 205 -7.60 -4.04 13.07
N ASN A 206 -8.65 -3.45 12.52
CA ASN A 206 -9.48 -2.49 13.22
C ASN A 206 -10.70 -3.19 13.79
N CYS A 207 -10.97 -2.95 15.06
CA CYS A 207 -12.24 -3.37 15.64
C CYS A 207 -13.32 -2.40 15.20
N VAL A 208 -14.51 -2.95 14.94
CA VAL A 208 -15.57 -2.20 14.27
C VAL A 208 -16.78 -2.13 15.19
N VAL A 209 -17.33 -0.94 15.32
CA VAL A 209 -18.70 -0.76 15.79
C VAL A 209 -19.53 -0.40 14.59
N LEU A 210 -20.57 -1.18 14.34
CA LEU A 210 -21.30 -1.14 13.07
C LEU A 210 -22.76 -0.81 13.35
N LYS A 211 -23.25 0.26 12.73
CA LYS A 211 -24.63 0.70 12.92
C LYS A 211 -25.43 0.35 11.68
N PRO A 212 -26.39 -0.58 11.76
CA PRO A 212 -27.23 -0.88 10.61
C PRO A 212 -28.33 0.16 10.46
N ALA A 213 -28.72 0.44 9.23
CA ALA A 213 -29.84 1.33 8.99
C ALA A 213 -31.11 0.68 9.51
N GLU A 214 -31.92 1.45 10.25
CA GLU A 214 -33.08 0.90 10.93
C GLU A 214 -34.16 0.41 9.97
N GLN A 215 -34.06 0.74 8.68
CA GLN A 215 -34.96 0.16 7.70
C GLN A 215 -34.71 -1.34 7.54
N THR A 216 -33.43 -1.75 7.55
CA THR A 216 -33.04 -3.13 7.29
C THR A 216 -32.08 -3.62 8.37
N PRO A 217 -32.56 -3.83 9.59
CA PRO A 217 -31.65 -4.20 10.68
C PRO A 217 -31.35 -5.68 10.76
N ALA A 218 -32.26 -6.54 10.30
CA ALA A 218 -32.23 -7.95 10.67
C ALA A 218 -31.45 -8.84 9.71
N GLY A 219 -30.88 -8.30 8.64
CA GLY A 219 -30.04 -9.12 7.78
C GLY A 219 -28.64 -9.28 8.33
N ILE A 220 -28.04 -8.18 8.77
CA ILE A 220 -26.74 -8.21 9.41
C ILE A 220 -26.76 -9.09 10.66
N MET A 221 -27.90 -9.15 11.35
CA MET A 221 -28.03 -10.04 12.49
C MET A 221 -27.92 -11.50 12.09
N VAL A 222 -28.59 -11.88 11.00
CA VAL A 222 -28.50 -13.25 10.53
C VAL A 222 -27.07 -13.58 10.13
N TRP A 223 -26.43 -12.67 9.40
CA TRP A 223 -25.04 -12.88 9.00
C TRP A 223 -24.11 -12.98 10.22
N ALA A 224 -24.36 -12.17 11.24
CA ALA A 224 -23.54 -12.19 12.45
C ALA A 224 -23.70 -13.50 13.21
N ASN A 225 -24.94 -13.93 13.44
CA ASN A 225 -25.11 -15.19 14.15
C ASN A 225 -24.63 -16.36 13.31
N LEU A 226 -24.53 -16.18 11.99
CA LEU A 226 -23.87 -17.18 11.16
C LEU A 226 -22.38 -17.24 11.47
N ILE A 227 -21.67 -16.11 11.33
CA ILE A 227 -20.22 -16.13 11.39
C ILE A 227 -19.67 -15.58 12.70
N GLY A 228 -20.52 -15.36 13.70
CA GLY A 228 -20.05 -14.73 14.92
C GLY A 228 -19.28 -15.68 15.84
N ASP A 229 -18.46 -16.53 15.24
CA ASP A 229 -17.56 -17.37 16.01
C ASP A 229 -16.20 -17.54 15.34
N LEU A 230 -15.96 -16.90 14.21
CA LEU A 230 -14.66 -16.95 13.58
C LEU A 230 -13.76 -15.79 13.96
N LEU A 231 -14.34 -14.67 14.37
CA LEU A 231 -13.63 -13.48 14.79
C LEU A 231 -13.51 -13.43 16.30
N PRO A 232 -12.39 -12.97 16.83
CA PRO A 232 -12.25 -12.81 18.26
C PRO A 232 -13.30 -11.88 18.82
N PRO A 233 -13.80 -12.12 20.03
CA PRO A 233 -14.80 -11.23 20.61
C PRO A 233 -14.33 -9.78 20.62
N GLY A 234 -15.16 -8.90 20.07
CA GLY A 234 -14.87 -7.49 20.02
C GLY A 234 -14.36 -6.98 18.70
N VAL A 235 -13.90 -7.87 17.82
CA VAL A 235 -13.43 -7.43 16.52
C VAL A 235 -14.59 -6.89 15.70
N LEU A 236 -15.76 -7.49 15.84
CA LEU A 236 -16.96 -7.02 15.16
C LEU A 236 -18.05 -6.81 16.20
N ASN A 237 -18.55 -5.57 16.29
CA ASN A 237 -19.67 -5.23 17.14
C ASN A 237 -20.70 -4.53 16.28
N ILE A 238 -21.95 -4.95 16.38
CA ILE A 238 -23.02 -4.39 15.57
C ILE A 238 -24.12 -3.91 16.50
N VAL A 239 -24.43 -2.63 16.46
CA VAL A 239 -25.38 -1.99 17.37
C VAL A 239 -26.48 -1.36 16.54
N ASN A 240 -27.70 -1.84 16.72
CA ASN A 240 -28.83 -1.46 15.87
C ASN A 240 -29.74 -0.48 16.59
N GLY A 241 -30.11 0.59 15.90
CA GLY A 241 -30.98 1.59 16.49
C GLY A 241 -31.42 2.59 15.44
N PHE A 242 -32.00 3.69 15.90
CA PHE A 242 -32.41 4.76 15.01
C PHE A 242 -31.24 5.69 14.73
N GLY A 243 -31.20 6.22 13.50
CA GLY A 243 -30.05 6.97 13.03
C GLY A 243 -29.77 8.24 13.82
N LEU A 244 -30.73 8.72 14.61
CA LEU A 244 -30.48 9.86 15.48
C LEU A 244 -30.20 9.44 16.91
N GLU A 245 -30.80 8.35 17.38
CA GLU A 245 -30.57 7.89 18.74
C GLU A 245 -29.23 7.19 18.87
N ALA A 246 -28.79 6.49 17.82
CA ALA A 246 -27.54 5.74 17.85
C ALA A 246 -26.52 6.19 16.81
N GLY A 247 -26.95 6.77 15.69
CA GLY A 247 -26.00 7.24 14.70
C GLY A 247 -25.17 8.41 15.21
N LYS A 248 -25.83 9.38 15.86
CA LYS A 248 -25.09 10.51 16.41
C LYS A 248 -24.12 10.11 17.51
N PRO A 249 -24.51 9.33 18.54
CA PRO A 249 -23.53 8.96 19.57
C PRO A 249 -22.35 8.21 19.03
N LEU A 250 -22.53 7.42 17.96
CA LEU A 250 -21.39 6.76 17.35
C LEU A 250 -20.52 7.75 16.60
N ALA A 251 -21.13 8.65 15.83
CA ALA A 251 -20.33 9.64 15.11
C ALA A 251 -19.76 10.69 16.05
N SER A 252 -20.47 11.03 17.13
CA SER A 252 -20.01 12.03 18.09
C SER A 252 -19.27 11.37 19.24
N SER A 253 -18.26 10.58 18.87
CA SER A 253 -17.43 9.90 19.86
C SER A 253 -15.97 10.09 19.52
N ASN A 254 -15.17 10.35 20.54
CA ASN A 254 -13.72 10.43 20.39
C ASN A 254 -13.03 9.07 20.49
N ARG A 255 -13.78 8.01 20.78
CA ARG A 255 -13.22 6.67 20.90
C ARG A 255 -13.23 5.91 19.58
N ILE A 256 -13.37 6.61 18.46
CA ILE A 256 -13.28 5.99 17.15
C ILE A 256 -12.24 6.76 16.36
N ALA A 257 -11.39 6.04 15.64
CA ALA A 257 -10.39 6.71 14.82
C ALA A 257 -10.95 7.15 13.48
N LYS A 258 -12.20 6.83 13.17
CA LYS A 258 -12.78 7.15 11.88
C LYS A 258 -14.28 6.86 11.92
N ILE A 259 -15.02 7.61 11.12
CA ILE A 259 -16.43 7.33 10.86
C ILE A 259 -16.62 7.18 9.36
N ALA A 260 -17.28 6.10 8.96
CA ALA A 260 -17.61 5.85 7.57
C ALA A 260 -19.12 5.94 7.40
N PHE A 261 -19.56 6.55 6.31
CA PHE A 261 -20.97 6.83 6.11
C PHE A 261 -21.34 6.65 4.65
N THR A 262 -22.54 6.10 4.43
CA THR A 262 -23.15 6.04 3.11
C THR A 262 -24.62 6.36 3.27
N GLY A 263 -25.11 7.37 2.56
CA GLY A 263 -26.48 7.80 2.77
C GLY A 263 -26.75 9.14 2.12
N GLU A 264 -27.69 9.88 2.70
CA GLU A 264 -28.15 11.14 2.12
C GLU A 264 -27.22 12.28 2.49
N THR A 265 -27.16 13.28 1.62
CA THR A 265 -26.21 14.37 1.78
C THR A 265 -26.50 15.22 3.01
N THR A 266 -27.77 15.31 3.43
CA THR A 266 -28.08 16.03 4.66
C THR A 266 -27.45 15.35 5.86
N THR A 267 -27.64 14.04 5.98
CA THR A 267 -26.99 13.29 7.05
C THR A 267 -25.48 13.28 6.85
N GLY A 268 -25.01 13.33 5.61
CA GLY A 268 -23.58 13.42 5.37
C GLY A 268 -22.98 14.70 5.92
N ARG A 269 -23.65 15.83 5.71
CA ARG A 269 -23.20 17.09 6.30
C ARG A 269 -23.29 17.04 7.82
N LEU A 270 -24.35 16.45 8.36
CA LEU A 270 -24.44 16.31 9.81
C LEU A 270 -23.25 15.53 10.35
N ILE A 271 -22.97 14.37 9.77
CA ILE A 271 -21.88 13.52 10.26
C ILE A 271 -20.55 14.23 10.12
N MET A 272 -20.37 14.95 9.00
CA MET A 272 -19.16 15.77 8.85
C MET A 272 -19.02 16.76 9.99
N GLN A 273 -20.13 17.38 10.38
CA GLN A 273 -20.08 18.29 11.54
C GLN A 273 -19.64 17.57 12.80
N TYR A 274 -20.33 16.48 13.16
CA TYR A 274 -20.02 15.83 14.44
C TYR A 274 -18.59 15.31 14.46
N ALA A 275 -18.11 14.75 13.36
CA ALA A 275 -16.79 14.18 13.31
C ALA A 275 -15.71 15.19 12.96
N SER A 276 -16.08 16.43 12.64
CA SER A 276 -15.10 17.49 12.56
C SER A 276 -14.92 18.17 13.90
N GLU A 277 -15.93 18.11 14.77
CA GLU A 277 -15.72 18.65 16.11
C GLU A 277 -14.76 17.81 16.94
N ASN A 278 -14.39 16.62 16.46
CA ASN A 278 -13.53 15.70 17.21
C ASN A 278 -12.21 15.43 16.51
N LEU A 279 -11.99 15.96 15.32
CA LEU A 279 -10.76 15.85 14.53
C LEU A 279 -10.60 14.48 13.87
N ILE A 280 -11.53 13.55 14.07
CA ILE A 280 -11.46 12.23 13.46
C ILE A 280 -11.81 12.33 11.98
N PRO A 281 -11.05 11.70 11.10
CA PRO A 281 -11.36 11.78 9.66
C PRO A 281 -12.69 11.11 9.35
N VAL A 282 -13.30 11.55 8.26
CA VAL A 282 -14.62 11.10 7.83
C VAL A 282 -14.50 10.52 6.43
N THR A 283 -15.29 9.50 6.13
CA THR A 283 -15.34 8.93 4.79
C THR A 283 -16.81 8.76 4.39
N LEU A 284 -17.31 9.68 3.58
CA LEU A 284 -18.70 9.65 3.12
C LEU A 284 -18.81 9.01 1.74
N GLU A 285 -20.02 8.57 1.42
CA GLU A 285 -20.39 8.12 0.08
C GLU A 285 -21.88 8.45 -0.08
N LEU A 286 -22.16 9.61 -0.67
CA LEU A 286 -23.51 10.12 -0.73
C LEU A 286 -24.13 9.87 -2.10
N GLY A 287 -25.46 9.86 -2.14
CA GLY A 287 -26.16 9.50 -3.36
C GLY A 287 -25.93 10.53 -4.46
N GLY A 288 -25.87 10.04 -5.71
CA GLY A 288 -25.71 10.90 -6.85
C GLY A 288 -26.75 10.60 -7.92
N LYS A 289 -27.02 11.61 -8.73
CA LYS A 289 -27.92 11.47 -9.87
C LYS A 289 -27.06 11.10 -11.08
N SER A 290 -27.02 9.81 -11.39
CA SER A 290 -26.02 9.27 -12.29
C SER A 290 -26.53 9.29 -13.72
N PRO A 291 -25.85 9.97 -14.64
CA PRO A 291 -26.27 9.92 -16.04
C PRO A 291 -25.97 8.56 -16.66
N ASN A 292 -26.67 8.29 -17.76
CA ASN A 292 -26.48 7.05 -18.51
C ASN A 292 -26.63 7.43 -19.98
N ILE A 293 -25.50 7.75 -20.62
CA ILE A 293 -25.51 8.26 -21.98
C ILE A 293 -25.57 7.12 -22.97
N PHE A 294 -26.43 7.26 -23.98
CA PHE A 294 -26.58 6.27 -25.05
C PHE A 294 -26.33 6.96 -26.38
N PHE A 295 -25.19 6.67 -27.00
CA PHE A 295 -24.88 7.30 -28.27
C PHE A 295 -25.61 6.61 -29.41
N ALA A 296 -25.73 7.32 -30.53
CA ALA A 296 -26.48 6.83 -31.68
C ALA A 296 -25.81 5.66 -32.38
N ASP A 297 -24.67 5.20 -31.88
CA ASP A 297 -24.01 4.03 -32.45
C ASP A 297 -24.47 2.73 -31.80
N VAL A 298 -25.10 2.78 -30.63
CA VAL A 298 -25.52 1.55 -29.98
C VAL A 298 -26.56 0.82 -30.81
N ALA A 299 -27.30 1.54 -31.64
CA ALA A 299 -28.36 0.96 -32.45
C ALA A 299 -28.01 0.85 -33.92
N ARG A 300 -26.72 0.83 -34.26
CA ARG A 300 -26.32 0.74 -35.66
C ARG A 300 -26.81 -0.56 -36.30
N GLU A 301 -26.38 -1.69 -35.76
CA GLU A 301 -26.66 -2.99 -36.32
C GLU A 301 -27.72 -3.77 -35.54
N ASP A 302 -28.32 -3.16 -34.52
CA ASP A 302 -29.31 -3.68 -33.58
C ASP A 302 -28.98 -5.13 -33.18
N ASP A 303 -27.69 -5.43 -33.14
CA ASP A 303 -27.21 -6.77 -32.81
C ASP A 303 -27.22 -6.95 -31.30
N ASP A 304 -26.55 -8.01 -30.82
CA ASP A 304 -26.54 -8.29 -29.39
C ASP A 304 -26.03 -7.12 -28.57
N PHE A 305 -25.22 -6.24 -29.15
CA PHE A 305 -24.80 -5.05 -28.42
C PHE A 305 -25.98 -4.11 -28.16
N PHE A 306 -26.91 -4.03 -29.11
CA PHE A 306 -28.10 -3.22 -28.88
C PHE A 306 -28.97 -3.83 -27.80
N ASP A 307 -29.06 -5.16 -27.75
CA ASP A 307 -29.74 -5.81 -26.64
C ASP A 307 -29.05 -5.49 -25.32
N LYS A 308 -27.72 -5.45 -25.33
CA LYS A 308 -26.99 -5.09 -24.11
C LYS A 308 -27.28 -3.65 -23.71
N ALA A 309 -27.36 -2.74 -24.68
CA ALA A 309 -27.65 -1.35 -24.36
C ALA A 309 -29.06 -1.18 -23.81
N LEU A 310 -30.03 -1.92 -24.35
CA LEU A 310 -31.39 -1.87 -23.81
C LEU A 310 -31.42 -2.48 -22.41
N GLU A 311 -30.65 -3.55 -22.19
CA GLU A 311 -30.44 -4.09 -20.86
C GLU A 311 -29.96 -3.00 -19.91
N GLY A 312 -28.95 -2.24 -20.34
CA GLY A 312 -28.39 -1.21 -19.49
C GLY A 312 -29.36 -0.07 -19.22
N PHE A 313 -30.16 0.29 -20.21
CA PHE A 313 -31.21 1.28 -19.98
C PHE A 313 -32.20 0.79 -18.94
N THR A 314 -32.66 -0.46 -19.07
CA THR A 314 -33.57 -1.03 -18.09
C THR A 314 -32.93 -1.24 -16.73
N MET A 315 -31.61 -1.18 -16.66
CA MET A 315 -30.93 -1.33 -15.38
C MET A 315 -31.22 -0.23 -14.40
N PHE A 316 -32.08 0.76 -14.70
CA PHE A 316 -32.47 1.73 -13.69
C PHE A 316 -33.36 1.11 -12.62
N ALA A 317 -34.00 -0.02 -12.91
CA ALA A 317 -34.90 -0.68 -11.98
C ALA A 317 -34.21 -1.75 -11.17
N LEU A 318 -32.88 -1.86 -11.28
CA LEU A 318 -32.13 -2.77 -10.43
C LEU A 318 -32.17 -2.27 -8.99
N ASN A 319 -32.37 -3.20 -8.06
CA ASN A 319 -32.57 -2.87 -6.65
C ASN A 319 -33.75 -1.94 -6.43
N GLN A 320 -34.73 -1.97 -7.34
CA GLN A 320 -35.86 -1.04 -7.34
C GLN A 320 -35.39 0.40 -7.33
N GLY A 321 -34.39 0.69 -8.15
CA GLY A 321 -33.84 2.03 -8.27
C GLY A 321 -33.09 2.53 -7.07
N GLU A 322 -33.18 1.85 -5.92
CA GLU A 322 -32.50 2.27 -4.70
C GLU A 322 -31.01 1.94 -4.80
N VAL A 323 -30.35 2.62 -5.72
CA VAL A 323 -28.91 2.51 -5.91
C VAL A 323 -28.35 3.92 -5.89
N CYS A 324 -27.30 4.13 -5.10
CA CYS A 324 -26.67 5.44 -5.06
C CYS A 324 -26.12 5.84 -6.42
N THR A 325 -25.90 4.86 -7.31
CA THR A 325 -25.45 5.09 -8.67
C THR A 325 -26.50 4.68 -9.69
N CYS A 326 -27.77 4.82 -9.34
CA CYS A 326 -28.84 4.43 -10.24
C CYS A 326 -28.81 5.29 -11.50
N PRO A 327 -28.94 4.69 -12.69
CA PRO A 327 -28.95 5.48 -13.93
C PRO A 327 -30.31 6.13 -14.18
N SER A 328 -30.73 6.98 -13.25
CA SER A 328 -32.04 7.61 -13.30
C SER A 328 -32.03 8.89 -14.12
N ARG A 329 -31.07 9.03 -15.03
CA ARG A 329 -31.03 10.18 -15.93
C ARG A 329 -30.37 9.70 -17.22
N VAL A 330 -31.19 9.30 -18.18
CA VAL A 330 -30.73 8.70 -19.43
C VAL A 330 -30.61 9.77 -20.49
N LEU A 331 -29.47 9.83 -21.16
CA LEU A 331 -29.20 10.83 -22.20
C LEU A 331 -29.03 10.08 -23.51
N ILE A 332 -30.08 10.02 -24.30
CA ILE A 332 -30.05 9.35 -25.60
C ILE A 332 -29.71 10.37 -26.68
N GLN A 333 -28.81 10.00 -27.58
CA GLN A 333 -28.51 10.87 -28.71
C GLN A 333 -29.78 11.15 -29.49
N GLU A 334 -29.88 12.36 -30.04
CA GLU A 334 -31.15 12.83 -30.57
C GLU A 334 -31.66 11.95 -31.69
N SER A 335 -30.84 11.69 -32.70
CA SER A 335 -31.32 10.91 -33.84
C SER A 335 -31.07 9.43 -33.69
N ILE A 336 -31.33 8.87 -32.52
CA ILE A 336 -31.46 7.42 -32.35
C ILE A 336 -32.64 7.21 -31.41
N TYR A 337 -33.24 8.32 -30.98
CA TYR A 337 -34.24 8.29 -29.91
C TYR A 337 -35.43 7.43 -30.26
N ASP A 338 -35.86 7.44 -31.53
CA ASP A 338 -37.09 6.76 -31.92
C ASP A 338 -36.99 5.25 -31.67
N LYS A 339 -36.04 4.60 -32.33
CA LYS A 339 -35.87 3.15 -32.19
C LYS A 339 -35.59 2.78 -30.75
N PHE A 340 -34.68 3.51 -30.09
CA PHE A 340 -34.29 3.14 -28.75
C PHE A 340 -35.45 3.23 -27.79
N MET A 341 -36.24 4.30 -27.87
CA MET A 341 -37.36 4.41 -26.94
C MET A 341 -38.49 3.45 -27.26
N GLU A 342 -38.76 3.14 -28.53
CA GLU A 342 -39.81 2.16 -28.77
C GLU A 342 -39.41 0.79 -28.22
N ARG A 343 -38.18 0.36 -28.53
CA ARG A 343 -37.71 -0.93 -28.02
C ARG A 343 -37.57 -0.92 -26.50
N ALA A 344 -37.11 0.19 -25.93
CA ALA A 344 -36.85 0.27 -24.51
C ALA A 344 -38.14 0.33 -23.70
N VAL A 345 -39.15 1.04 -24.20
CA VAL A 345 -40.43 1.04 -23.51
C VAL A 345 -41.07 -0.34 -23.60
N GLN A 346 -40.91 -1.02 -24.74
CA GLN A 346 -41.34 -2.41 -24.81
C GLN A 346 -40.67 -3.25 -23.73
N ARG A 347 -39.35 -3.16 -23.62
CA ARG A 347 -38.59 -3.99 -22.68
C ARG A 347 -38.73 -3.56 -21.23
N VAL A 348 -39.20 -2.34 -20.96
CA VAL A 348 -39.50 -1.93 -19.60
C VAL A 348 -40.90 -2.38 -19.19
N GLN A 349 -41.85 -2.34 -20.12
CA GLN A 349 -43.12 -3.01 -19.86
C GLN A 349 -42.92 -4.50 -19.65
N ALA A 350 -41.91 -5.09 -20.30
CA ALA A 350 -41.61 -6.51 -20.13
C ALA A 350 -41.03 -6.83 -18.76
N ILE A 351 -40.63 -5.85 -17.97
CA ILE A 351 -40.15 -6.12 -16.62
C ILE A 351 -41.28 -6.77 -15.82
N LYS A 352 -41.02 -7.96 -15.29
CA LYS A 352 -42.04 -8.70 -14.55
C LYS A 352 -42.02 -8.26 -13.10
N GLN A 353 -43.10 -7.64 -12.64
CA GLN A 353 -43.25 -7.24 -11.25
C GLN A 353 -44.07 -8.28 -10.51
N GLY A 354 -43.56 -8.72 -9.37
CA GLY A 354 -44.26 -9.74 -8.62
C GLY A 354 -43.69 -9.87 -7.24
N ASP A 355 -44.03 -10.98 -6.59
CA ASP A 355 -43.46 -11.27 -5.28
C ASP A 355 -41.95 -11.40 -5.42
N PRO A 356 -41.17 -10.60 -4.68
CA PRO A 356 -39.70 -10.67 -4.84
C PRO A 356 -39.12 -12.02 -4.48
N ARG A 357 -39.83 -12.85 -3.74
CA ARG A 357 -39.35 -14.17 -3.36
C ARG A 357 -39.53 -15.19 -4.48
N GLU A 358 -40.19 -14.83 -5.57
CA GLU A 358 -40.25 -15.68 -6.74
C GLU A 358 -38.99 -15.49 -7.58
N SER A 359 -38.46 -16.59 -8.11
CA SER A 359 -37.24 -16.52 -8.90
C SER A 359 -37.45 -15.78 -10.22
N ASP A 360 -38.69 -15.65 -10.68
CA ASP A 360 -38.98 -14.97 -11.93
C ASP A 360 -39.16 -13.47 -11.75
N THR A 361 -39.50 -13.02 -10.55
CA THR A 361 -39.69 -11.59 -10.30
C THR A 361 -38.43 -10.82 -10.64
N MET A 362 -38.61 -9.68 -11.29
CA MET A 362 -37.49 -8.88 -11.76
C MET A 362 -37.30 -7.58 -11.00
N ILE A 363 -38.30 -7.16 -10.22
CA ILE A 363 -38.23 -5.92 -9.46
C ILE A 363 -39.07 -6.08 -8.21
N GLY A 364 -38.54 -5.68 -7.07
CA GLY A 364 -39.19 -5.93 -5.79
C GLY A 364 -39.90 -4.73 -5.19
N ALA A 365 -39.89 -4.65 -3.87
CA ALA A 365 -40.57 -3.58 -3.16
C ALA A 365 -39.60 -2.43 -2.87
N GLN A 366 -40.15 -1.30 -2.44
CA GLN A 366 -39.33 -0.22 -1.93
C GLN A 366 -39.07 -0.44 -0.44
N ALA A 367 -37.87 -0.04 -0.02
CA ALA A 367 -37.37 -0.46 1.29
C ALA A 367 -38.22 0.03 2.45
N SER A 368 -39.05 1.05 2.25
CA SER A 368 -39.89 1.55 3.34
C SER A 368 -41.06 2.31 2.74
N SER A 369 -42.09 2.51 3.59
CA SER A 369 -43.27 3.25 3.15
C SER A 369 -42.95 4.73 2.94
N GLU A 370 -42.08 5.29 3.79
CA GLU A 370 -41.69 6.68 3.63
C GLU A 370 -41.00 6.91 2.30
N GLN A 371 -40.14 5.98 1.89
CA GLN A 371 -39.51 6.11 0.58
C GLN A 371 -40.53 5.99 -0.54
N LYS A 372 -41.52 5.10 -0.39
CA LYS A 372 -42.57 5.00 -1.39
C LYS A 372 -43.29 6.33 -1.54
N GLU A 373 -43.57 6.99 -0.41
CA GLU A 373 -44.19 8.31 -0.47
C GLU A 373 -43.27 9.32 -1.15
N LYS A 374 -41.96 9.23 -0.90
CA LYS A 374 -41.03 10.17 -1.51
C LYS A 374 -41.02 10.03 -3.04
N ILE A 375 -40.93 8.80 -3.54
CA ILE A 375 -40.97 8.63 -5.00
C ILE A 375 -42.34 9.02 -5.56
N LEU A 376 -43.42 8.75 -4.83
CA LEU A 376 -44.72 9.19 -5.32
C LEU A 376 -44.77 10.72 -5.44
N SER A 377 -44.25 11.43 -4.44
CA SER A 377 -44.24 12.88 -4.49
C SER A 377 -43.37 13.38 -5.64
N TYR A 378 -42.24 12.72 -5.89
CA TYR A 378 -41.39 13.14 -7.01
C TYR A 378 -42.03 12.83 -8.35
N LEU A 379 -42.79 11.75 -8.45
CA LEU A 379 -43.58 11.51 -9.66
C LEU A 379 -44.60 12.61 -9.87
N ASP A 380 -45.26 13.04 -8.79
CA ASP A 380 -46.25 14.11 -8.92
C ASP A 380 -45.58 15.43 -9.29
N ILE A 381 -44.40 15.69 -8.74
CA ILE A 381 -43.64 16.89 -9.12
C ILE A 381 -43.28 16.86 -10.59
N GLY A 382 -42.81 15.70 -11.08
CA GLY A 382 -42.48 15.60 -12.48
C GLY A 382 -43.68 15.77 -13.38
N LYS A 383 -44.82 15.20 -12.99
CA LYS A 383 -46.05 15.39 -13.75
C LYS A 383 -46.48 16.85 -13.77
N LYS A 384 -46.37 17.53 -12.62
CA LYS A 384 -46.75 18.92 -12.53
C LYS A 384 -45.76 19.86 -13.21
N GLU A 385 -44.55 19.38 -13.51
CA GLU A 385 -43.52 20.20 -14.13
C GLU A 385 -43.47 20.06 -15.65
N GLY A 386 -44.47 19.42 -16.25
CA GLY A 386 -44.52 19.34 -17.70
C GLY A 386 -43.60 18.32 -18.33
N ALA A 387 -43.52 17.12 -17.76
CA ALA A 387 -42.73 16.03 -18.31
C ALA A 387 -43.65 14.84 -18.53
N GLU A 388 -43.72 14.36 -19.77
CA GLU A 388 -44.64 13.28 -20.08
C GLU A 388 -44.15 11.97 -19.47
N VAL A 389 -45.10 11.07 -19.23
CA VAL A 389 -44.82 9.77 -18.63
C VAL A 389 -44.95 8.71 -19.72
N LEU A 390 -43.85 8.02 -20.01
CA LEU A 390 -43.85 7.02 -21.07
C LEU A 390 -44.31 5.66 -20.59
N THR A 391 -44.05 5.32 -19.33
CA THR A 391 -44.59 4.12 -18.72
C THR A 391 -44.56 4.31 -17.22
N GLY A 392 -45.38 3.54 -16.52
CA GLY A 392 -45.45 3.66 -15.09
C GLY A 392 -46.03 5.00 -14.68
N GLY A 393 -45.73 5.40 -13.45
CA GLY A 393 -46.13 6.70 -12.97
C GLY A 393 -46.86 6.69 -11.65
N LYS A 394 -47.12 5.51 -11.10
CA LYS A 394 -47.88 5.41 -9.87
C LYS A 394 -47.40 4.18 -9.10
N ALA A 395 -48.10 3.86 -8.03
CA ALA A 395 -47.81 2.67 -7.23
C ALA A 395 -48.37 1.44 -7.95
N ALA A 396 -48.33 0.29 -7.29
CA ALA A 396 -48.85 -0.94 -7.88
C ALA A 396 -49.36 -1.85 -6.78
N ASP A 397 -50.56 -2.39 -6.98
CA ASP A 397 -51.13 -3.39 -6.09
C ASP A 397 -50.99 -4.73 -6.81
N LEU A 398 -50.03 -5.53 -6.35
CA LEU A 398 -49.73 -6.80 -6.99
C LEU A 398 -50.64 -7.94 -6.52
N GLY A 399 -51.76 -7.61 -5.89
CA GLY A 399 -52.72 -8.63 -5.49
C GLY A 399 -52.26 -9.48 -4.34
N GLY A 400 -53.21 -10.10 -3.65
CA GLY A 400 -52.87 -10.96 -2.53
C GLY A 400 -52.23 -10.18 -1.39
N GLU A 401 -51.33 -10.84 -0.67
CA GLU A 401 -50.65 -10.22 0.45
C GLU A 401 -49.72 -9.10 0.02
N LEU A 402 -49.40 -9.00 -1.27
CA LEU A 402 -48.50 -7.96 -1.78
C LEU A 402 -49.13 -6.58 -1.74
N SER A 403 -50.42 -6.46 -1.44
CA SER A 403 -51.06 -5.15 -1.37
C SER A 403 -50.40 -4.27 -0.33
N GLY A 404 -50.13 -4.83 0.85
CA GLY A 404 -49.47 -4.07 1.90
C GLY A 404 -48.06 -3.64 1.55
N GLY A 405 -47.44 -4.30 0.56
CA GLY A 405 -46.10 -3.94 0.17
C GLY A 405 -46.05 -2.65 -0.61
N TYR A 406 -44.83 -2.16 -0.80
CA TYR A 406 -44.57 -0.85 -1.37
C TYR A 406 -43.90 -1.04 -2.72
N TYR A 407 -44.70 -1.03 -3.78
CA TYR A 407 -44.24 -1.32 -5.14
C TYR A 407 -44.56 -0.12 -6.01
N ILE A 408 -43.52 0.54 -6.51
CA ILE A 408 -43.68 1.60 -7.50
C ILE A 408 -43.48 1.00 -8.88
N GLU A 409 -44.41 1.29 -9.79
CA GLU A 409 -44.26 0.80 -11.16
C GLU A 409 -43.07 1.47 -11.82
N PRO A 410 -42.26 0.72 -12.58
CA PRO A 410 -41.14 1.34 -13.28
C PRO A 410 -41.57 2.48 -14.18
N THR A 411 -41.15 3.69 -13.85
CA THR A 411 -41.63 4.89 -14.49
C THR A 411 -40.57 5.48 -15.40
N ILE A 412 -40.98 5.89 -16.59
CA ILE A 412 -40.13 6.66 -17.50
C ILE A 412 -40.74 8.05 -17.65
N PHE A 413 -39.94 9.08 -17.40
CA PHE A 413 -40.32 10.44 -17.68
C PHE A 413 -39.66 10.90 -18.97
N ARG A 414 -39.98 12.11 -19.40
CA ARG A 414 -39.37 12.66 -20.61
C ARG A 414 -39.43 14.18 -20.51
N GLY A 415 -38.30 14.80 -20.27
CA GLY A 415 -38.20 16.25 -20.20
C GLY A 415 -36.84 16.69 -20.68
N ASN A 416 -36.32 17.75 -20.06
CA ASN A 416 -34.98 18.22 -20.32
C ASN A 416 -34.23 18.35 -19.00
N ASN A 417 -32.96 18.72 -19.10
CA ASN A 417 -32.05 18.67 -17.96
C ASN A 417 -32.39 19.69 -16.88
N LYS A 418 -33.30 20.62 -17.17
CA LYS A 418 -33.56 21.71 -16.24
C LYS A 418 -34.71 21.46 -15.28
N MET A 419 -35.57 20.48 -15.55
CA MET A 419 -36.65 20.16 -14.62
C MET A 419 -36.08 19.59 -13.32
N ARG A 420 -36.90 19.62 -12.28
CA ARG A 420 -36.45 19.18 -10.97
C ARG A 420 -36.06 17.71 -10.96
N ILE A 421 -36.90 16.86 -11.56
CA ILE A 421 -36.64 15.42 -11.54
C ILE A 421 -35.37 15.04 -12.26
N PHE A 422 -34.83 15.93 -13.11
CA PHE A 422 -33.50 15.75 -13.67
C PHE A 422 -32.40 16.27 -12.75
N GLN A 423 -32.73 17.16 -11.83
CA GLN A 423 -31.76 17.77 -10.94
C GLN A 423 -31.90 17.33 -9.50
N GLU A 424 -32.80 16.39 -9.21
CA GLU A 424 -33.00 15.93 -7.84
C GLU A 424 -33.07 14.41 -7.85
N GLU A 425 -32.64 13.81 -6.73
CA GLU A 425 -32.42 12.37 -6.64
C GLU A 425 -33.62 11.70 -6.00
N ILE A 426 -34.04 10.58 -6.59
CA ILE A 426 -35.31 9.96 -6.27
C ILE A 426 -35.16 8.67 -5.45
N PHE A 427 -34.21 7.81 -5.82
CA PHE A 427 -34.12 6.45 -5.28
C PHE A 427 -35.43 5.68 -5.45
N GLY A 428 -35.85 5.56 -6.70
CA GLY A 428 -36.99 4.76 -7.05
C GLY A 428 -36.88 4.27 -8.47
N PRO A 429 -37.71 3.32 -8.86
CA PRO A 429 -37.65 2.80 -10.23
C PRO A 429 -38.14 3.83 -11.23
N VAL A 430 -37.54 5.01 -11.20
CA VAL A 430 -37.98 6.15 -12.01
C VAL A 430 -36.77 6.66 -12.78
N VAL A 431 -36.90 6.72 -14.10
CA VAL A 431 -35.83 7.18 -14.98
C VAL A 431 -36.35 8.34 -15.81
N SER A 432 -35.56 9.40 -15.91
CA SER A 432 -35.91 10.59 -16.67
C SER A 432 -35.03 10.64 -17.91
N VAL A 433 -35.66 10.86 -19.06
CA VAL A 433 -35.01 10.72 -20.35
C VAL A 433 -35.00 12.06 -21.07
N THR A 434 -33.84 12.45 -21.59
CA THR A 434 -33.74 13.60 -22.46
C THR A 434 -32.81 13.25 -23.62
N THR A 435 -32.62 14.20 -24.52
CA THR A 435 -31.82 13.98 -25.71
C THR A 435 -30.72 15.02 -25.81
N PHE A 436 -29.62 14.64 -26.46
CA PHE A 436 -28.55 15.56 -26.78
C PHE A 436 -28.26 15.47 -28.27
N LYS A 437 -27.63 16.52 -28.79
CA LYS A 437 -27.32 16.58 -30.22
C LYS A 437 -25.97 15.95 -30.55
N ASP A 438 -24.91 16.40 -29.89
CA ASP A 438 -23.57 15.91 -30.17
C ASP A 438 -22.81 15.63 -28.87
N GLN A 439 -21.51 15.39 -28.97
CA GLN A 439 -20.73 15.03 -27.79
C GLN A 439 -20.64 16.18 -26.80
N ALA A 440 -20.51 17.42 -27.29
CA ALA A 440 -20.37 18.55 -26.38
C ALA A 440 -21.62 18.73 -25.53
N GLU A 441 -22.80 18.64 -26.15
CA GLU A 441 -24.03 18.70 -25.38
C GLU A 441 -24.14 17.54 -24.41
N ALA A 442 -23.61 16.37 -24.80
CA ALA A 442 -23.60 15.23 -23.90
C ALA A 442 -22.79 15.53 -22.65
N LEU A 443 -21.59 16.10 -22.82
CA LEU A 443 -20.80 16.48 -21.65
C LEU A 443 -21.51 17.54 -20.82
N GLU A 444 -22.10 18.54 -21.48
CA GLU A 444 -22.75 19.62 -20.72
C GLU A 444 -23.89 19.09 -19.87
N ILE A 445 -24.73 18.24 -20.45
CA ILE A 445 -25.88 17.71 -19.70
C ILE A 445 -25.41 16.73 -18.64
N ALA A 446 -24.43 15.88 -18.95
CA ALA A 446 -23.94 14.91 -17.98
C ALA A 446 -23.32 15.59 -16.77
N ASN A 447 -22.52 16.63 -17.01
CA ASN A 447 -21.82 17.28 -15.91
C ASN A 447 -22.69 18.28 -15.17
N ASP A 448 -23.77 18.76 -15.77
CA ASP A 448 -24.63 19.75 -15.13
C ASP A 448 -25.47 19.06 -14.06
N THR A 449 -24.88 18.93 -12.88
CA THR A 449 -25.52 18.35 -11.71
C THR A 449 -24.65 18.66 -10.50
N LEU A 450 -25.15 18.32 -9.32
CA LEU A 450 -24.44 18.54 -8.07
C LEU A 450 -23.78 17.27 -7.55
N TYR A 451 -23.73 16.22 -8.36
CA TYR A 451 -23.22 14.93 -7.92
C TYR A 451 -22.27 14.38 -8.97
N GLY A 452 -21.36 13.54 -8.52
CA GLY A 452 -20.43 12.90 -9.43
C GLY A 452 -20.15 11.45 -9.06
N LEU A 453 -21.14 10.76 -8.51
CA LEU A 453 -20.86 9.44 -7.95
C LEU A 453 -20.61 8.41 -9.06
N GLY A 454 -21.46 8.39 -10.09
CA GLY A 454 -21.32 7.41 -11.14
C GLY A 454 -21.87 7.92 -12.45
N ALA A 455 -21.57 7.19 -13.51
CA ALA A 455 -22.04 7.52 -14.85
C ALA A 455 -21.86 6.29 -15.74
N GLY A 456 -22.55 6.31 -16.88
CA GLY A 456 -22.46 5.21 -17.83
C GLY A 456 -22.41 5.71 -19.26
N VAL A 457 -21.57 5.09 -20.09
CA VAL A 457 -21.33 5.56 -21.45
C VAL A 457 -21.43 4.37 -22.40
N TRP A 458 -22.48 4.34 -23.20
CA TRP A 458 -22.67 3.29 -24.19
C TRP A 458 -22.37 3.84 -25.58
N SER A 459 -21.46 3.19 -26.28
CA SER A 459 -21.06 3.62 -27.61
C SER A 459 -20.13 2.57 -28.18
N ARG A 460 -19.98 2.59 -29.50
CA ARG A 460 -19.03 1.70 -30.16
C ARG A 460 -17.76 2.40 -30.62
N ASP A 461 -17.80 3.71 -30.84
CA ASP A 461 -16.59 4.44 -31.19
C ASP A 461 -15.58 4.34 -30.05
N ALA A 462 -14.30 4.17 -30.42
CA ALA A 462 -13.26 4.04 -29.41
C ALA A 462 -12.92 5.38 -28.76
N ASN A 463 -12.83 6.44 -29.56
CA ASN A 463 -12.49 7.75 -29.00
C ASN A 463 -13.61 8.28 -28.13
N THR A 464 -14.86 8.03 -28.52
CA THR A 464 -16.00 8.57 -27.79
C THR A 464 -16.04 8.04 -26.36
N CYS A 465 -15.81 6.75 -26.19
CA CYS A 465 -15.86 6.16 -24.86
C CYS A 465 -14.82 6.79 -23.94
N TYR A 466 -13.59 6.95 -24.42
CA TYR A 466 -12.55 7.50 -23.57
C TYR A 466 -12.77 8.98 -23.30
N ARG A 467 -13.08 9.76 -24.33
CA ARG A 467 -13.35 11.18 -24.14
C ARG A 467 -14.49 11.39 -23.15
N MET A 468 -15.53 10.57 -23.24
CA MET A 468 -16.70 10.75 -22.38
C MET A 468 -16.41 10.26 -20.96
N GLY A 469 -15.53 9.27 -20.81
CA GLY A 469 -15.17 8.82 -19.47
C GLY A 469 -14.21 9.77 -18.77
N ARG A 470 -13.35 10.42 -19.54
CA ARG A 470 -12.45 11.42 -18.96
C ARG A 470 -13.18 12.72 -18.67
N GLY A 471 -14.11 13.11 -19.55
CA GLY A 471 -14.84 14.35 -19.34
C GLY A 471 -15.79 14.30 -18.18
N ILE A 472 -16.52 13.18 -18.02
CA ILE A 472 -17.58 13.13 -17.03
C ILE A 472 -16.98 13.19 -15.64
N LYS A 473 -17.42 14.17 -14.84
CA LYS A 473 -16.96 14.33 -13.47
C LYS A 473 -17.67 13.30 -12.58
N ALA A 474 -17.27 12.04 -12.77
CA ALA A 474 -17.84 10.94 -12.00
C ALA A 474 -16.72 10.07 -11.46
N GLY A 475 -16.87 9.62 -10.22
CA GLY A 475 -15.86 8.77 -9.63
C GLY A 475 -15.66 7.48 -10.39
N ARG A 476 -16.76 6.85 -10.77
CA ARG A 476 -16.75 5.66 -11.62
C ARG A 476 -17.50 5.96 -12.91
N VAL A 477 -16.93 5.53 -14.02
CA VAL A 477 -17.56 5.62 -15.32
C VAL A 477 -17.61 4.22 -15.93
N TRP A 478 -18.81 3.71 -16.14
CA TRP A 478 -19.01 2.44 -16.81
C TRP A 478 -19.06 2.68 -18.32
N THR A 479 -18.22 1.98 -19.07
CA THR A 479 -18.24 2.05 -20.52
C THR A 479 -18.80 0.75 -21.08
N ASN A 480 -19.89 0.84 -21.83
CA ASN A 480 -20.50 -0.29 -22.53
C ASN A 480 -20.96 -1.39 -21.59
N CYS A 481 -21.10 -1.08 -20.32
CA CYS A 481 -21.78 -1.91 -19.35
C CYS A 481 -22.37 -0.98 -18.32
N TYR A 482 -23.02 -1.53 -17.31
CA TYR A 482 -23.37 -0.65 -16.22
C TYR A 482 -23.71 -1.55 -15.05
N HIS A 483 -23.73 -1.00 -13.84
CA HIS A 483 -23.92 -1.79 -12.61
C HIS A 483 -23.00 -2.99 -12.54
N ALA A 484 -21.71 -2.75 -12.66
CA ALA A 484 -20.70 -3.76 -12.39
C ALA A 484 -19.91 -3.32 -11.16
N TYR A 485 -20.00 -4.09 -10.08
CA TYR A 485 -19.27 -3.73 -8.86
C TYR A 485 -18.23 -4.80 -8.49
N PRO A 486 -17.30 -5.14 -9.39
CA PRO A 486 -16.34 -6.19 -9.03
C PRO A 486 -15.29 -5.63 -8.08
N ALA A 487 -15.11 -6.31 -6.94
CA ALA A 487 -14.01 -5.99 -6.04
C ALA A 487 -12.72 -5.84 -6.84
N HIS A 488 -11.87 -4.91 -6.38
CA HIS A 488 -10.62 -4.50 -7.02
C HIS A 488 -10.85 -3.51 -8.16
N ALA A 489 -11.99 -2.85 -8.16
CA ALA A 489 -12.23 -1.65 -8.96
C ALA A 489 -12.67 -0.53 -8.03
N ALA A 490 -12.01 0.62 -8.12
CA ALA A 490 -12.26 1.72 -7.19
C ALA A 490 -13.63 2.34 -7.42
N PHE A 491 -14.17 2.94 -6.37
CA PHE A 491 -15.56 3.38 -6.34
C PHE A 491 -15.71 4.52 -5.36
N GLY A 492 -16.09 5.70 -5.84
CA GLY A 492 -16.20 6.85 -4.96
C GLY A 492 -16.92 8.00 -5.62
N GLY A 493 -17.20 9.02 -4.81
CA GLY A 493 -17.90 10.21 -5.25
C GLY A 493 -16.94 11.30 -5.66
N TYR A 494 -17.21 11.96 -6.79
CA TYR A 494 -16.19 12.72 -7.49
C TYR A 494 -16.36 14.22 -7.34
N LYS A 495 -17.58 14.71 -7.10
CA LYS A 495 -17.77 16.14 -6.89
C LYS A 495 -18.20 16.44 -5.46
N GLN A 496 -19.37 15.93 -5.07
CA GLN A 496 -19.96 16.25 -3.77
C GLN A 496 -20.65 15.04 -3.15
N SER A 497 -20.56 13.88 -3.79
CA SER A 497 -21.31 12.70 -3.40
C SER A 497 -20.49 11.71 -2.56
N GLY A 498 -19.48 12.18 -1.83
CA GLY A 498 -18.72 11.33 -0.94
C GLY A 498 -17.23 11.62 -1.01
N ILE A 499 -16.50 10.93 -0.14
CA ILE A 499 -15.04 11.05 -0.05
C ILE A 499 -14.44 9.65 0.03
N GLY A 500 -13.33 9.45 -0.66
CA GLY A 500 -12.63 8.17 -0.64
C GLY A 500 -13.06 7.24 -1.76
N ARG A 501 -12.49 6.04 -1.72
CA ARG A 501 -12.78 4.99 -2.70
C ARG A 501 -13.10 3.70 -1.97
N GLU A 502 -13.94 2.87 -2.60
CA GLU A 502 -14.38 1.60 -2.03
C GLU A 502 -14.14 0.47 -3.02
N THR A 503 -14.27 -0.75 -2.51
CA THR A 503 -14.16 -1.99 -3.28
C THR A 503 -12.78 -2.18 -3.91
N HIS A 504 -11.79 -1.42 -3.48
CA HIS A 504 -10.43 -1.53 -4.01
C HIS A 504 -9.47 -1.77 -2.87
N LYS A 505 -8.26 -2.20 -3.22
CA LYS A 505 -7.25 -2.53 -2.22
C LYS A 505 -6.80 -1.33 -1.43
N MET A 506 -7.08 -0.11 -1.89
CA MET A 506 -6.77 1.10 -1.14
C MET A 506 -7.86 1.46 -0.15
N MET A 507 -8.92 0.68 -0.05
CA MET A 507 -9.74 0.70 1.16
C MET A 507 -8.94 0.31 2.39
N LEU A 508 -7.91 -0.53 2.20
CA LEU A 508 -7.05 -0.89 3.32
C LEU A 508 -6.37 0.33 3.89
N ASP A 509 -5.88 1.21 3.02
CA ASP A 509 -5.18 2.40 3.48
C ASP A 509 -6.11 3.38 4.17
N HIS A 510 -7.39 3.39 3.78
CA HIS A 510 -8.36 4.21 4.49
C HIS A 510 -8.64 3.69 5.89
N TYR A 511 -8.17 2.49 6.23
CA TYR A 511 -8.36 1.94 7.56
C TYR A 511 -7.03 1.66 8.25
N GLN A 512 -5.95 2.22 7.75
CA GLN A 512 -4.63 2.04 8.32
C GLN A 512 -3.96 3.40 8.43
N GLN A 513 -3.01 3.50 9.35
CA GLN A 513 -2.17 4.68 9.47
C GLN A 513 -0.73 4.26 9.20
N THR A 514 0.07 5.21 8.74
CA THR A 514 1.48 4.96 8.48
C THR A 514 2.29 5.40 9.69
N LYS A 515 3.14 4.50 10.17
CA LYS A 515 4.08 4.80 11.23
C LYS A 515 5.45 4.94 10.59
N ASN A 516 6.02 6.13 10.66
CA ASN A 516 7.37 6.36 10.18
C ASN A 516 8.34 6.18 11.33
N MET A 517 9.35 5.33 11.13
CA MET A 517 10.44 5.16 12.08
C MET A 517 11.72 5.56 11.36
N LEU A 518 12.25 6.73 11.67
CA LEU A 518 13.49 7.19 11.09
C LEU A 518 14.64 6.75 11.99
N VAL A 519 15.46 5.85 11.50
CA VAL A 519 16.53 5.24 12.28
C VAL A 519 17.86 5.69 11.70
N SER A 520 18.74 6.17 12.58
CA SER A 520 20.09 6.54 12.21
C SER A 520 21.05 5.49 12.73
N TYR A 521 21.90 4.97 11.84
CA TYR A 521 22.93 4.01 12.21
C TYR A 521 24.32 4.63 12.23
N SER A 522 24.39 5.96 12.31
CA SER A 522 25.64 6.67 12.42
C SER A 522 25.78 7.24 13.81
N PRO A 523 26.82 6.90 14.56
CA PRO A 523 26.99 7.49 15.90
C PRO A 523 27.70 8.83 15.86
N LYS A 524 27.75 9.45 14.69
CA LYS A 524 28.43 10.73 14.51
C LYS A 524 27.45 11.88 14.67
N LYS A 525 27.83 12.89 15.44
CA LYS A 525 26.95 14.02 15.70
C LYS A 525 26.65 14.78 14.41
N LEU A 526 25.48 15.42 14.40
CA LEU A 526 25.04 16.14 13.21
C LEU A 526 26.00 17.27 12.85
N GLY A 527 26.44 18.03 13.85
CA GLY A 527 27.34 19.15 13.62
C GLY A 527 26.74 20.47 14.03
N PHE A 528 25.46 20.67 13.72
CA PHE A 528 24.73 21.85 14.18
C PHE A 528 24.10 21.53 15.53
N PHE A 529 24.37 22.37 16.52
CA PHE A 529 24.13 22.08 17.93
C PHE A 529 24.99 20.91 18.37
N GLY B 32 24.01 40.69 0.22
CA GLY B 32 24.05 41.35 1.52
C GLY B 32 22.97 40.85 2.46
N VAL B 33 23.37 40.04 3.44
CA VAL B 33 22.41 39.51 4.41
C VAL B 33 21.90 40.63 5.31
N ASN B 34 22.78 41.56 5.68
CA ASN B 34 22.39 42.67 6.54
C ASN B 34 21.71 43.80 5.77
N ALA B 35 21.57 43.66 4.46
CA ALA B 35 20.87 44.63 3.63
C ALA B 35 19.41 44.22 3.47
N LEU B 36 18.54 45.22 3.34
CA LEU B 36 17.10 44.95 3.32
C LEU B 36 16.71 44.22 2.04
N PRO B 37 16.02 43.09 2.13
CA PRO B 37 15.61 42.33 0.94
C PRO B 37 14.19 42.59 0.46
N PHE B 38 13.45 43.50 1.09
CA PHE B 38 12.02 43.64 0.86
C PHE B 38 11.70 44.99 0.24
N GLU B 39 10.88 44.98 -0.81
CA GLU B 39 10.22 46.18 -1.25
C GLU B 39 9.16 46.59 -0.23
N GLU B 40 8.83 47.87 -0.23
CA GLU B 40 7.90 48.42 0.74
C GLU B 40 6.45 48.30 0.30
N ARG B 41 6.20 47.72 -0.88
CA ARG B 41 4.84 47.57 -1.40
C ARG B 41 4.72 46.17 -1.98
N TYR B 42 4.27 45.22 -1.16
CA TYR B 42 3.90 43.88 -1.61
C TYR B 42 2.39 43.82 -1.76
N ASP B 43 1.94 43.85 -3.01
CA ASP B 43 0.53 43.69 -3.35
C ASP B 43 0.18 42.20 -3.33
N ASN B 44 -0.99 41.86 -3.83
CA ASN B 44 -1.44 40.48 -3.90
C ASN B 44 -1.07 39.90 -5.26
N PHE B 45 -0.26 38.85 -5.27
CA PHE B 45 0.05 38.15 -6.50
C PHE B 45 -1.17 37.35 -6.93
N ILE B 46 -1.75 37.72 -8.07
CA ILE B 46 -2.97 37.07 -8.56
C ILE B 46 -2.94 37.04 -10.07
N GLY B 47 -3.06 35.84 -10.64
CA GLY B 47 -3.11 35.71 -12.09
C GLY B 47 -1.85 36.15 -12.79
N GLY B 48 -0.70 35.83 -12.23
CA GLY B 48 0.56 36.15 -12.88
C GLY B 48 0.94 37.61 -12.85
N GLU B 49 0.23 38.44 -12.11
CA GLU B 49 0.47 39.87 -12.08
C GLU B 49 0.22 40.40 -10.67
N TRP B 50 0.79 41.56 -10.38
CA TRP B 50 0.69 42.18 -9.08
C TRP B 50 -0.57 43.04 -9.02
N VAL B 51 -1.48 42.69 -8.12
CA VAL B 51 -2.79 43.32 -8.03
C VAL B 51 -2.90 44.01 -6.69
N ALA B 52 -3.19 45.31 -6.72
CA ALA B 52 -3.46 46.04 -5.50
C ALA B 52 -4.79 45.58 -4.91
N PRO B 53 -4.92 45.58 -3.58
CA PRO B 53 -6.19 45.17 -2.98
C PRO B 53 -7.31 46.13 -3.34
N VAL B 54 -8.52 45.58 -3.44
CA VAL B 54 -9.68 46.40 -3.78
C VAL B 54 -10.06 47.31 -2.62
N SER B 55 -9.89 46.83 -1.38
CA SER B 55 -10.22 47.64 -0.22
C SER B 55 -9.21 48.74 0.05
N GLY B 56 -8.06 48.72 -0.63
CA GLY B 56 -7.05 49.75 -0.45
C GLY B 56 -6.28 49.70 0.85
N ARG B 57 -6.71 48.91 1.83
CA ARG B 57 -5.99 48.87 3.09
C ARG B 57 -4.67 48.11 2.92
N TYR B 58 -3.82 48.25 3.93
CA TYR B 58 -2.51 47.64 3.97
C TYR B 58 -2.17 47.36 5.42
N PHE B 59 -1.09 46.64 5.65
CA PHE B 59 -0.61 46.46 7.01
C PHE B 59 0.91 46.45 7.01
N THR B 60 1.48 46.86 8.13
CA THR B 60 2.92 47.01 8.27
C THR B 60 3.56 45.67 8.59
N ASN B 61 4.69 45.39 7.97
CA ASN B 61 5.45 44.18 8.21
C ASN B 61 6.57 44.48 9.20
N THR B 62 6.66 43.66 10.24
CA THR B 62 7.62 43.87 11.32
C THR B 62 8.67 42.78 11.25
N THR B 63 9.93 43.17 11.17
CA THR B 63 11.01 42.21 11.34
C THR B 63 11.21 41.91 12.83
N PRO B 64 11.19 40.65 13.24
CA PRO B 64 11.27 40.34 14.66
C PRO B 64 12.69 40.36 15.21
N ILE B 65 13.69 40.52 14.35
CA ILE B 65 15.06 40.67 14.81
C ILE B 65 15.19 41.92 15.67
N THR B 66 14.58 43.03 15.24
CA THR B 66 14.67 44.30 15.93
C THR B 66 13.33 44.89 16.34
N GLY B 67 12.22 44.37 15.82
CA GLY B 67 10.92 44.95 16.07
C GLY B 67 10.54 46.09 15.16
N ALA B 68 11.38 46.42 14.17
CA ALA B 68 11.19 47.58 13.31
C ALA B 68 10.17 47.26 12.21
N GLU B 69 10.09 48.14 11.22
CA GLU B 69 9.18 47.99 10.10
C GLU B 69 9.98 47.79 8.81
N ILE B 70 9.47 46.93 7.93
CA ILE B 70 10.19 46.54 6.72
C ILE B 70 9.37 46.67 5.46
N GLY B 71 8.11 47.05 5.54
CA GLY B 71 7.34 47.30 4.34
C GLY B 71 5.85 47.31 4.60
N GLN B 72 5.11 47.61 3.54
CA GLN B 72 3.65 47.56 3.55
C GLN B 72 3.20 46.40 2.69
N ILE B 73 2.32 45.56 3.24
CA ILE B 73 1.84 44.38 2.54
C ILE B 73 0.32 44.43 2.50
N ALA B 74 -0.24 44.06 1.35
CA ALA B 74 -1.66 44.25 1.08
C ALA B 74 -2.53 43.52 2.09
N ARG B 75 -3.53 44.22 2.61
CA ARG B 75 -4.56 43.63 3.43
C ARG B 75 -5.75 43.34 2.54
N SER B 76 -6.14 42.07 2.48
CA SER B 76 -7.20 41.64 1.57
C SER B 76 -8.31 40.97 2.35
N GLU B 77 -9.47 40.87 1.72
CA GLU B 77 -10.68 40.35 2.33
C GLU B 77 -11.38 39.47 1.29
N ALA B 78 -12.67 39.23 1.51
CA ALA B 78 -13.42 38.30 0.68
C ALA B 78 -13.57 38.79 -0.76
N GLY B 79 -12.96 39.93 -1.08
CA GLY B 79 -13.00 40.45 -2.43
C GLY B 79 -11.80 40.06 -3.26
N ASP B 80 -10.61 40.08 -2.66
CA ASP B 80 -9.42 39.58 -3.33
C ASP B 80 -9.33 38.06 -3.29
N ILE B 81 -9.95 37.43 -2.30
CA ILE B 81 -10.08 35.98 -2.31
C ILE B 81 -10.80 35.53 -3.57
N GLU B 82 -11.88 36.23 -3.93
CA GLU B 82 -12.61 35.87 -5.14
C GLU B 82 -11.82 36.20 -6.38
N LEU B 83 -11.01 37.26 -6.37
CA LEU B 83 -10.14 37.54 -7.51
C LEU B 83 -9.14 36.40 -7.72
N ALA B 84 -8.54 35.94 -6.63
CA ALA B 84 -7.60 34.82 -6.71
C ALA B 84 -8.31 33.57 -7.23
N LEU B 85 -9.51 33.30 -6.72
CA LEU B 85 -10.25 32.11 -7.17
C LEU B 85 -10.62 32.22 -8.64
N ASP B 86 -10.96 33.42 -9.11
CA ASP B 86 -11.30 33.60 -10.51
C ASP B 86 -10.10 33.34 -11.41
N ALA B 87 -8.93 33.89 -11.04
CA ALA B 87 -7.74 33.61 -11.82
C ALA B 87 -7.40 32.12 -11.81
N ALA B 88 -7.51 31.49 -10.63
CA ALA B 88 -7.20 30.08 -10.50
C ALA B 88 -8.13 29.23 -11.37
N HIS B 89 -9.43 29.53 -11.34
CA HIS B 89 -10.37 28.74 -12.13
C HIS B 89 -10.24 29.02 -13.61
N ALA B 90 -9.82 30.23 -13.99
CA ALA B 90 -9.55 30.50 -15.39
C ALA B 90 -8.28 29.84 -15.87
N ALA B 91 -7.38 29.44 -14.97
CA ALA B 91 -6.16 28.75 -15.37
C ALA B 91 -6.19 27.24 -15.12
N LYS B 92 -7.17 26.73 -14.37
CA LYS B 92 -7.15 25.33 -13.96
C LYS B 92 -7.31 24.38 -15.14
N GLU B 93 -8.17 24.73 -16.10
CA GLU B 93 -8.41 23.83 -17.22
C GLU B 93 -7.18 23.72 -18.11
N LYS B 94 -6.43 24.80 -18.29
CA LYS B 94 -5.21 24.73 -19.07
C LYS B 94 -4.06 24.09 -18.29
N TRP B 95 -4.03 24.26 -16.97
CA TRP B 95 -2.95 23.67 -16.19
C TRP B 95 -3.11 22.15 -16.08
N GLY B 96 -4.32 21.67 -15.81
CA GLY B 96 -4.52 20.25 -15.60
C GLY B 96 -4.40 19.42 -16.86
N ALA B 97 -4.42 20.06 -18.03
CA ALA B 97 -4.29 19.33 -19.29
C ALA B 97 -2.84 19.26 -19.78
N THR B 98 -1.93 19.97 -19.12
CA THR B 98 -0.51 19.84 -19.45
C THR B 98 0.00 18.46 -19.05
N SER B 99 0.94 17.95 -19.83
CA SER B 99 1.53 16.65 -19.56
C SER B 99 2.22 16.65 -18.20
N PRO B 100 2.21 15.52 -17.50
CA PRO B 100 2.98 15.44 -16.24
C PRO B 100 4.47 15.64 -16.43
N ALA B 101 5.01 15.39 -17.63
CA ALA B 101 6.39 15.71 -17.92
C ALA B 101 6.60 17.20 -18.20
N GLU B 102 5.54 17.95 -18.47
CA GLU B 102 5.66 19.40 -18.57
C GLU B 102 5.50 20.08 -17.23
N ARG B 103 4.77 19.45 -16.30
CA ARG B 103 4.64 19.97 -14.95
C ARG B 103 5.81 19.58 -14.07
N ALA B 104 6.72 18.74 -14.55
CA ALA B 104 7.93 18.39 -13.84
C ALA B 104 9.13 19.19 -14.29
N ASN B 105 9.23 19.52 -15.58
CA ASN B 105 10.30 20.39 -16.03
C ASN B 105 10.14 21.79 -15.45
N ILE B 106 8.91 22.26 -15.31
CA ILE B 106 8.67 23.56 -14.69
C ILE B 106 9.07 23.52 -13.22
N MET B 107 8.79 22.42 -12.54
CA MET B 107 9.20 22.29 -11.14
C MET B 107 10.72 22.23 -11.01
N LEU B 108 11.39 21.54 -11.94
CA LEU B 108 12.85 21.50 -11.92
C LEU B 108 13.44 22.89 -12.18
N LYS B 109 12.81 23.66 -13.07
CA LYS B 109 13.28 25.02 -13.32
C LYS B 109 13.04 25.90 -12.09
N ILE B 110 11.93 25.69 -11.40
CA ILE B 110 11.68 26.42 -10.15
C ILE B 110 12.77 26.10 -9.13
N ALA B 111 13.13 24.82 -9.02
CA ALA B 111 14.17 24.44 -8.07
C ALA B 111 15.53 25.01 -8.46
N ASP B 112 15.84 25.04 -9.76
CA ASP B 112 17.09 25.64 -10.22
C ASP B 112 17.13 27.12 -9.88
N ARG B 113 16.04 27.84 -10.11
CA ARG B 113 16.02 29.26 -9.77
C ARG B 113 16.12 29.48 -8.27
N MET B 114 15.42 28.66 -7.47
CA MET B 114 15.52 28.79 -6.02
C MET B 114 16.90 28.45 -5.50
N GLU B 115 17.64 27.59 -6.19
CA GLU B 115 18.99 27.24 -5.75
C GLU B 115 20.00 28.30 -6.17
N ARG B 116 19.83 28.88 -7.36
CA ARG B 116 20.72 29.96 -7.78
C ARG B 116 20.61 31.18 -6.87
N ASN B 117 19.45 31.40 -6.25
CA ASN B 117 19.18 32.55 -5.41
C ASN B 117 18.92 32.13 -3.97
N LEU B 118 19.72 31.19 -3.47
CA LEU B 118 19.45 30.62 -2.15
C LEU B 118 19.67 31.64 -1.03
N GLU B 119 20.59 32.59 -1.23
CA GLU B 119 20.88 33.58 -0.21
C GLU B 119 19.77 34.62 -0.09
N LEU B 120 19.25 35.11 -1.22
CA LEU B 120 18.14 36.06 -1.18
C LEU B 120 16.96 35.49 -0.42
N LEU B 121 16.57 34.25 -0.74
CA LEU B 121 15.47 33.61 -0.03
C LEU B 121 15.83 33.35 1.42
N ALA B 122 17.07 32.94 1.68
CA ALA B 122 17.50 32.75 3.06
C ALA B 122 17.45 34.06 3.83
N THR B 123 17.92 35.15 3.21
CA THR B 123 17.91 36.44 3.88
C THR B 123 16.48 36.94 4.12
N ALA B 124 15.58 36.69 3.17
CA ALA B 124 14.18 37.09 3.36
C ALA B 124 13.54 36.31 4.50
N GLU B 125 13.72 34.98 4.50
CA GLU B 125 13.20 34.16 5.59
C GLU B 125 13.86 34.51 6.91
N THR B 126 15.06 35.08 6.88
CA THR B 126 15.71 35.51 8.12
C THR B 126 15.12 36.82 8.62
N TRP B 127 14.99 37.81 7.74
CA TRP B 127 14.46 39.10 8.16
C TRP B 127 13.02 38.99 8.62
N ASP B 128 12.18 38.26 7.88
CA ASP B 128 10.75 38.23 8.21
C ASP B 128 10.46 37.32 9.40
N ASN B 129 11.17 36.20 9.53
CA ASN B 129 10.90 35.23 10.58
C ASN B 129 11.84 35.38 11.77
N GLY B 130 13.04 35.93 11.56
CA GLY B 130 13.99 36.11 12.63
C GLY B 130 14.60 34.83 13.16
N LYS B 131 14.90 33.89 12.29
CA LYS B 131 15.58 32.66 12.67
C LYS B 131 17.01 32.69 12.13
N PRO B 132 17.94 31.94 12.74
CA PRO B 132 19.35 32.08 12.39
C PRO B 132 19.59 31.86 10.90
N ILE B 133 20.51 32.65 10.34
CA ILE B 133 20.83 32.56 8.93
C ILE B 133 21.43 31.19 8.61
N ARG B 134 22.08 30.56 9.59
CA ARG B 134 22.63 29.23 9.35
C ARG B 134 21.52 28.20 9.17
N GLU B 135 20.41 28.38 9.87
CA GLU B 135 19.31 27.43 9.76
C GLU B 135 18.50 27.63 8.49
N THR B 136 18.63 28.78 7.83
CA THR B 136 18.00 28.99 6.54
C THR B 136 18.91 28.63 5.36
N MET B 137 20.21 28.83 5.50
CA MET B 137 21.12 28.37 4.46
C MET B 137 21.49 26.90 4.60
N ALA B 138 21.17 26.25 5.71
CA ALA B 138 21.47 24.85 5.92
C ALA B 138 20.25 23.96 5.75
N ALA B 139 19.18 24.25 6.50
CA ALA B 139 17.99 23.40 6.48
C ALA B 139 16.92 23.89 5.51
N ASP B 140 16.44 25.11 5.72
CA ASP B 140 15.20 25.54 5.07
C ASP B 140 15.30 25.52 3.55
N LEU B 141 16.18 26.35 2.98
CA LEU B 141 16.26 26.44 1.53
C LEU B 141 16.68 25.15 0.84
N PRO B 142 17.71 24.42 1.31
CA PRO B 142 17.98 23.12 0.70
C PRO B 142 16.80 22.16 0.78
N LEU B 143 16.05 22.17 1.89
CA LEU B 143 14.88 21.30 1.98
C LEU B 143 13.81 21.72 0.98
N ALA B 144 13.58 23.02 0.79
CA ALA B 144 12.58 23.46 -0.16
C ALA B 144 12.96 23.09 -1.58
N ILE B 145 14.22 23.31 -1.95
CA ILE B 145 14.67 22.91 -3.28
C ILE B 145 14.58 21.40 -3.45
N ASP B 146 14.89 20.66 -2.40
CA ASP B 146 14.80 19.21 -2.44
C ASP B 146 13.36 18.74 -2.64
N HIS B 147 12.41 19.43 -2.02
CA HIS B 147 11.01 19.09 -2.21
C HIS B 147 10.56 19.36 -3.64
N PHE B 148 10.96 20.50 -4.20
CA PHE B 148 10.55 20.77 -5.57
C PHE B 148 11.20 19.81 -6.57
N ARG B 149 12.38 19.27 -6.25
CA ARG B 149 12.94 18.22 -7.08
C ARG B 149 12.28 16.86 -6.84
N TYR B 150 11.99 16.55 -5.58
CA TYR B 150 11.43 15.26 -5.23
C TYR B 150 10.05 15.07 -5.83
N PHE B 151 9.16 16.05 -5.63
CA PHE B 151 7.80 15.89 -6.14
C PHE B 151 7.73 16.09 -7.64
N ALA B 152 8.77 16.66 -8.25
CA ALA B 152 8.90 16.57 -9.69
C ALA B 152 9.42 15.20 -10.13
N GLY B 153 10.02 14.46 -9.22
CA GLY B 153 10.41 13.10 -9.51
C GLY B 153 9.27 12.11 -9.32
N VAL B 154 8.61 12.18 -8.17
CA VAL B 154 7.46 11.35 -7.88
C VAL B 154 6.38 11.48 -8.95
N LEU B 155 6.24 12.67 -9.54
CA LEU B 155 5.23 12.86 -10.57
C LEU B 155 5.60 12.18 -11.88
N ARG B 156 6.89 12.06 -12.19
CA ARG B 156 7.28 11.39 -13.42
C ARG B 156 7.06 9.90 -13.34
N ALA B 157 7.20 9.30 -12.16
CA ALA B 157 7.06 7.87 -11.98
C ALA B 157 5.64 7.45 -11.60
N GLN B 158 4.73 8.41 -11.42
CA GLN B 158 3.37 8.07 -11.06
C GLN B 158 2.68 7.33 -12.20
N GLU B 159 1.79 6.41 -11.84
CA GLU B 159 1.12 5.57 -12.82
C GLU B 159 -0.22 5.12 -12.26
N GLY B 160 -1.25 5.19 -13.08
CA GLY B 160 -2.52 4.61 -12.73
C GLY B 160 -2.45 3.10 -12.81
N SER B 161 -3.47 2.47 -12.25
CA SER B 161 -3.52 1.01 -12.20
C SER B 161 -4.63 0.49 -13.11
N ILE B 162 -4.41 -0.70 -13.64
CA ILE B 162 -5.31 -1.32 -14.60
C ILE B 162 -5.61 -2.72 -14.08
N SER B 163 -6.82 -2.93 -13.57
CA SER B 163 -7.15 -4.13 -12.82
C SER B 163 -7.99 -5.05 -13.71
N GLN B 164 -7.33 -6.02 -14.34
CA GLN B 164 -8.03 -7.03 -15.12
C GLN B 164 -9.05 -7.75 -14.26
N ILE B 165 -10.29 -7.78 -14.72
CA ILE B 165 -11.37 -8.43 -13.98
C ILE B 165 -11.77 -9.76 -14.59
N ASP B 166 -11.79 -9.88 -15.91
CA ASP B 166 -11.94 -11.11 -16.66
C ASP B 166 -11.55 -10.76 -18.10
N ASP B 167 -11.77 -11.69 -19.03
CA ASP B 167 -11.42 -11.38 -20.41
C ASP B 167 -12.31 -10.30 -21.01
N ASP B 168 -13.45 -10.00 -20.39
CA ASP B 168 -14.42 -9.07 -20.95
C ASP B 168 -14.45 -7.73 -20.25
N THR B 169 -13.97 -7.64 -19.01
CA THR B 169 -14.11 -6.44 -18.22
C THR B 169 -12.75 -6.01 -17.69
N VAL B 170 -12.41 -4.74 -17.85
CA VAL B 170 -11.19 -4.16 -17.32
C VAL B 170 -11.50 -2.85 -16.64
N ALA B 171 -10.96 -2.64 -15.45
CA ALA B 171 -11.08 -1.38 -14.73
C ALA B 171 -9.80 -0.59 -14.87
N TYR B 172 -9.88 0.62 -15.42
CA TYR B 172 -8.75 1.51 -15.56
C TYR B 172 -8.86 2.63 -14.54
N HIS B 173 -7.83 2.79 -13.73
CA HIS B 173 -7.79 3.87 -12.74
C HIS B 173 -6.83 4.94 -13.22
N PHE B 174 -7.31 6.18 -13.26
CA PHE B 174 -6.54 7.32 -13.69
C PHE B 174 -6.43 8.30 -12.53
N HIS B 175 -5.35 9.07 -12.52
CA HIS B 175 -5.18 10.17 -11.57
C HIS B 175 -5.50 11.48 -12.26
N GLU B 176 -6.32 12.29 -11.61
CA GLU B 176 -6.70 13.60 -12.14
C GLU B 176 -6.48 14.66 -11.07
N PRO B 177 -6.24 15.91 -11.47
CA PRO B 177 -6.12 16.98 -10.49
C PRO B 177 -7.42 17.23 -9.75
N LEU B 178 -7.30 17.69 -8.51
CA LEU B 178 -8.47 18.06 -7.73
C LEU B 178 -9.16 19.32 -8.26
N GLY B 179 -8.45 20.14 -9.03
CA GLY B 179 -9.01 21.41 -9.47
C GLY B 179 -8.25 22.60 -8.93
N VAL B 180 -8.87 23.34 -8.02
CA VAL B 180 -8.25 24.49 -7.37
C VAL B 180 -8.22 24.21 -5.88
N VAL B 181 -7.04 24.27 -5.27
CA VAL B 181 -6.84 23.99 -3.86
C VAL B 181 -6.50 25.29 -3.15
N GLY B 182 -6.97 25.42 -1.91
CA GLY B 182 -6.65 26.58 -1.10
C GLY B 182 -5.78 26.19 0.06
N GLN B 183 -4.72 26.95 0.31
CA GLN B 183 -3.68 26.57 1.26
C GLN B 183 -3.46 27.71 2.26
N ILE B 184 -3.40 27.38 3.54
CA ILE B 184 -3.16 28.35 4.60
C ILE B 184 -1.90 27.89 5.33
N ILE B 185 -0.76 28.43 4.93
CA ILE B 185 0.53 28.03 5.50
C ILE B 185 0.77 28.74 6.81
N PRO B 186 1.54 28.17 7.73
CA PRO B 186 1.81 28.84 9.00
C PRO B 186 3.08 29.68 8.96
N TRP B 187 3.32 30.41 10.04
CA TRP B 187 4.40 31.39 10.07
C TRP B 187 5.75 30.75 10.34
N ASN B 188 5.82 29.79 11.27
CA ASN B 188 7.10 29.33 11.78
C ASN B 188 8.00 28.75 10.70
N PHE B 189 7.44 28.28 9.59
CA PHE B 189 8.24 27.89 8.42
C PHE B 189 7.62 28.59 7.21
N PRO B 190 8.06 29.80 6.92
CA PRO B 190 7.40 30.60 5.87
C PRO B 190 7.61 30.03 4.49
N LEU B 191 8.79 29.50 4.21
CA LEU B 191 9.13 29.03 2.88
C LEU B 191 9.25 27.51 2.81
N LEU B 192 9.29 26.82 3.94
CA LEU B 192 9.30 25.37 3.92
C LEU B 192 7.89 24.80 3.86
N MET B 193 7.04 25.19 4.82
CA MET B 193 5.64 24.76 4.77
C MET B 193 4.92 25.29 3.55
N ALA B 194 5.42 26.37 2.94
CA ALA B 194 4.86 26.82 1.68
C ALA B 194 5.27 25.90 0.54
N CYS B 195 6.50 25.41 0.56
CA CYS B 195 6.98 24.50 -0.48
C CYS B 195 6.73 23.04 -0.14
N TRP B 196 6.41 22.72 1.12
CA TRP B 196 5.95 21.38 1.44
C TRP B 196 4.60 21.07 0.82
N LYS B 197 3.83 22.09 0.47
CA LYS B 197 2.46 21.89 0.01
C LYS B 197 2.19 22.42 -1.39
N LEU B 198 2.92 23.42 -1.87
CA LEU B 198 2.80 23.81 -3.27
C LEU B 198 3.29 22.70 -4.18
N ALA B 199 4.48 22.19 -3.92
CA ALA B 199 5.07 21.16 -4.79
C ALA B 199 4.16 19.94 -4.96
N PRO B 200 3.59 19.34 -3.90
CA PRO B 200 2.59 18.30 -4.14
C PRO B 200 1.39 18.79 -4.93
N ALA B 201 0.93 20.02 -4.67
CA ALA B 201 -0.27 20.53 -5.30
C ALA B 201 -0.04 20.95 -6.74
N ILE B 202 1.11 21.55 -7.04
CA ILE B 202 1.41 21.94 -8.40
C ILE B 202 1.86 20.74 -9.24
N ALA B 203 2.53 19.77 -8.62
CA ALA B 203 2.84 18.54 -9.33
C ALA B 203 1.58 17.83 -9.76
N ALA B 204 0.60 17.74 -8.87
CA ALA B 204 -0.65 17.07 -9.17
C ALA B 204 -1.54 17.85 -10.11
N GLY B 205 -1.10 18.97 -10.68
CA GLY B 205 -1.87 19.68 -11.68
C GLY B 205 -2.92 20.64 -11.19
N ASN B 206 -2.96 20.92 -9.89
CA ASN B 206 -3.94 21.86 -9.37
C ASN B 206 -3.43 23.30 -9.52
N CYS B 207 -4.36 24.24 -9.37
CA CYS B 207 -4.05 25.65 -9.30
C CYS B 207 -4.25 26.11 -7.87
N VAL B 208 -3.32 26.91 -7.35
CA VAL B 208 -3.22 27.15 -5.93
C VAL B 208 -3.56 28.61 -5.63
N VAL B 209 -4.44 28.80 -4.64
CA VAL B 209 -4.63 30.06 -3.95
C VAL B 209 -3.97 29.92 -2.59
N LEU B 210 -2.80 30.52 -2.43
CA LEU B 210 -1.99 30.43 -1.23
C LEU B 210 -2.22 31.66 -0.37
N LYS B 211 -2.42 31.45 0.93
CA LYS B 211 -2.61 32.54 1.88
C LYS B 211 -1.55 32.49 2.96
N PRO B 212 -0.48 33.28 2.83
CA PRO B 212 0.57 33.26 3.85
C PRO B 212 0.08 33.82 5.18
N ALA B 213 0.64 33.30 6.26
CA ALA B 213 0.34 33.82 7.58
C ALA B 213 0.77 35.27 7.69
N GLU B 214 -0.09 36.11 8.26
CA GLU B 214 0.20 37.53 8.34
C GLU B 214 1.47 37.82 9.14
N GLN B 215 1.88 36.91 10.03
CA GLN B 215 3.07 37.14 10.82
C GLN B 215 4.35 37.05 10.00
N THR B 216 4.33 36.38 8.85
CA THR B 216 5.50 36.27 7.98
C THR B 216 5.05 36.26 6.53
N PRO B 217 4.60 37.41 6.02
CA PRO B 217 4.07 37.47 4.64
C PRO B 217 5.03 37.95 3.57
N ALA B 218 6.31 38.15 3.88
CA ALA B 218 7.24 38.74 2.92
C ALA B 218 8.12 37.73 2.21
N GLY B 219 8.54 36.66 2.88
CA GLY B 219 9.38 35.67 2.23
C GLY B 219 8.70 35.02 1.04
N ILE B 220 7.42 34.64 1.21
CA ILE B 220 6.65 34.10 0.10
C ILE B 220 6.54 35.11 -1.02
N MET B 221 6.54 36.40 -0.68
CA MET B 221 6.45 37.44 -1.69
C MET B 221 7.72 37.54 -2.52
N VAL B 222 8.89 37.52 -1.89
CA VAL B 222 10.14 37.54 -2.64
C VAL B 222 10.25 36.29 -3.48
N TRP B 223 9.90 35.14 -2.91
CA TRP B 223 9.95 33.89 -3.64
C TRP B 223 9.06 33.94 -4.87
N ALA B 224 7.84 34.48 -4.73
CA ALA B 224 6.95 34.63 -5.88
C ALA B 224 7.49 35.64 -6.88
N ASN B 225 8.19 36.67 -6.40
CA ASN B 225 8.84 37.61 -7.31
C ASN B 225 9.83 36.91 -8.22
N LEU B 226 10.69 36.06 -7.64
CA LEU B 226 11.79 35.53 -8.42
C LEU B 226 11.33 34.43 -9.38
N ILE B 227 10.34 33.63 -9.01
CA ILE B 227 9.82 32.61 -9.93
C ILE B 227 8.40 32.88 -10.37
N GLY B 228 8.02 34.15 -10.49
CA GLY B 228 6.66 34.46 -10.91
C GLY B 228 6.37 33.96 -12.31
N ASP B 229 7.30 34.18 -13.24
CA ASP B 229 7.05 33.93 -14.66
C ASP B 229 7.30 32.49 -15.07
N LEU B 230 7.77 31.62 -14.15
CA LEU B 230 7.99 30.23 -14.51
C LEU B 230 6.67 29.48 -14.65
N LEU B 231 5.76 29.68 -13.71
CA LEU B 231 4.43 29.09 -13.78
C LEU B 231 3.59 29.86 -14.80
N PRO B 232 2.51 29.26 -15.28
CA PRO B 232 1.60 30.00 -16.16
C PRO B 232 0.63 30.83 -15.33
N PRO B 233 0.15 31.94 -15.88
CA PRO B 233 -0.65 32.87 -15.08
C PRO B 233 -1.83 32.20 -14.39
N GLY B 234 -2.04 32.54 -13.12
CA GLY B 234 -3.16 32.06 -12.35
C GLY B 234 -2.91 30.76 -11.61
N VAL B 235 -1.87 30.01 -11.97
CA VAL B 235 -1.58 28.76 -11.28
C VAL B 235 -1.19 29.04 -9.83
N LEU B 236 -0.35 30.04 -9.60
CA LEU B 236 0.02 30.47 -8.27
C LEU B 236 -0.59 31.83 -8.01
N ASN B 237 -1.47 31.91 -7.01
CA ASN B 237 -2.12 33.16 -6.64
C ASN B 237 -1.97 33.33 -5.14
N ILE B 238 -1.30 34.40 -4.72
CA ILE B 238 -0.93 34.57 -3.33
C ILE B 238 -1.63 35.81 -2.82
N VAL B 239 -2.34 35.69 -1.69
CA VAL B 239 -3.09 36.79 -1.09
C VAL B 239 -2.76 36.84 0.40
N ASN B 240 -2.45 38.03 0.90
CA ASN B 240 -2.14 38.23 2.30
C ASN B 240 -3.36 38.73 3.06
N GLY B 241 -3.28 38.64 4.39
CA GLY B 241 -4.36 39.11 5.23
C GLY B 241 -4.35 38.37 6.55
N PHE B 242 -5.30 38.76 7.40
CA PHE B 242 -5.45 38.16 8.72
C PHE B 242 -6.36 36.93 8.63
N GLY B 243 -6.45 36.20 9.73
CA GLY B 243 -7.12 34.92 9.76
C GLY B 243 -8.63 34.94 9.86
N LEU B 244 -9.25 36.11 9.91
CA LEU B 244 -10.70 36.20 9.91
C LEU B 244 -11.26 36.95 8.71
N GLU B 245 -10.42 37.57 7.90
CA GLU B 245 -10.89 38.35 6.76
C GLU B 245 -10.42 37.83 5.41
N ALA B 246 -9.21 37.26 5.33
CA ALA B 246 -8.74 36.64 4.11
C ALA B 246 -8.55 35.14 4.25
N GLY B 247 -8.67 34.60 5.46
CA GLY B 247 -8.51 33.18 5.69
C GLY B 247 -9.82 32.42 5.60
N LYS B 248 -10.84 32.90 6.32
CA LYS B 248 -12.15 32.27 6.24
C LYS B 248 -12.75 32.31 4.83
N PRO B 249 -12.72 33.43 4.09
CA PRO B 249 -13.27 33.39 2.72
C PRO B 249 -12.62 32.35 1.83
N LEU B 250 -11.31 32.13 1.97
CA LEU B 250 -10.64 31.12 1.17
C LEU B 250 -10.98 29.71 1.69
N ALA B 251 -11.01 29.54 3.01
CA ALA B 251 -11.21 28.25 3.63
C ALA B 251 -12.68 27.90 3.81
N SER B 252 -13.59 28.67 3.22
CA SER B 252 -15.01 28.35 3.29
C SER B 252 -15.66 28.44 1.92
N SER B 253 -14.91 28.76 0.88
CA SER B 253 -15.45 28.88 -0.46
C SER B 253 -15.91 27.53 -0.99
N ASN B 254 -16.92 27.57 -1.84
CA ASN B 254 -17.33 26.40 -2.60
C ASN B 254 -16.59 26.27 -3.92
N ARG B 255 -15.71 27.22 -4.23
CA ARG B 255 -14.91 27.17 -5.44
C ARG B 255 -13.60 26.43 -5.26
N ILE B 256 -13.27 26.02 -4.03
CA ILE B 256 -12.07 25.24 -3.79
C ILE B 256 -12.46 23.78 -3.63
N ALA B 257 -11.58 22.89 -4.11
CA ALA B 257 -11.79 21.46 -3.97
C ALA B 257 -11.27 20.94 -2.64
N LYS B 258 -10.17 21.50 -2.16
CA LYS B 258 -9.53 21.05 -0.94
C LYS B 258 -8.96 22.26 -0.20
N ILE B 259 -8.99 22.21 1.12
CA ILE B 259 -8.39 23.23 1.97
C ILE B 259 -7.32 22.57 2.82
N ALA B 260 -6.08 23.03 2.65
CA ALA B 260 -4.96 22.57 3.46
C ALA B 260 -4.66 23.63 4.51
N PHE B 261 -4.52 23.20 5.76
CA PHE B 261 -4.21 24.12 6.84
C PHE B 261 -3.08 23.53 7.67
N THR B 262 -2.28 24.43 8.25
CA THR B 262 -1.21 24.03 9.15
C THR B 262 -1.09 25.08 10.24
N GLY B 263 -1.12 24.66 11.49
CA GLY B 263 -1.02 25.61 12.57
C GLY B 263 -1.63 25.16 13.88
N GLU B 264 -2.49 26.01 14.44
CA GLU B 264 -3.05 25.79 15.77
C GLU B 264 -4.30 24.93 15.69
N THR B 265 -4.50 24.11 16.74
CA THR B 265 -5.57 23.12 16.74
C THR B 265 -6.94 23.77 16.68
N THR B 266 -7.16 24.84 17.45
CA THR B 266 -8.45 25.52 17.43
C THR B 266 -8.72 26.14 16.06
N THR B 267 -7.69 26.74 15.45
CA THR B 267 -7.87 27.23 14.09
C THR B 267 -8.17 26.09 13.13
N GLY B 268 -7.62 24.90 13.40
CA GLY B 268 -7.93 23.74 12.58
C GLY B 268 -9.38 23.31 12.72
N ARG B 269 -9.92 23.38 13.94
CA ARG B 269 -11.35 23.10 14.11
C ARG B 269 -12.20 24.15 13.40
N LEU B 270 -11.78 25.42 13.45
CA LEU B 270 -12.47 26.45 12.68
C LEU B 270 -12.48 26.11 11.19
N ILE B 271 -11.34 25.69 10.67
CA ILE B 271 -11.24 25.33 9.25
C ILE B 271 -12.16 24.15 8.93
N MET B 272 -12.17 23.14 9.81
CA MET B 272 -12.99 21.97 9.54
C MET B 272 -14.48 22.32 9.56
N GLN B 273 -14.90 23.16 10.49
CA GLN B 273 -16.28 23.60 10.51
C GLN B 273 -16.62 24.39 9.25
N TYR B 274 -15.73 25.31 8.84
CA TYR B 274 -16.01 26.12 7.68
C TYR B 274 -16.08 25.31 6.40
N ALA B 275 -15.25 24.27 6.28
CA ALA B 275 -15.23 23.45 5.07
C ALA B 275 -16.12 22.24 5.16
N SER B 276 -16.84 22.05 6.27
CA SER B 276 -17.82 20.98 6.35
C SER B 276 -19.17 21.36 5.75
N GLU B 277 -19.24 22.43 4.96
CA GLU B 277 -20.47 22.79 4.24
C GLU B 277 -20.44 22.32 2.78
N ASN B 278 -19.30 22.45 2.11
CA ASN B 278 -19.16 21.97 0.74
C ASN B 278 -18.54 20.59 0.68
N LEU B 279 -18.47 19.88 1.81
CA LEU B 279 -17.88 18.55 1.89
C LEU B 279 -16.50 18.54 1.22
N ILE B 280 -15.60 19.32 1.79
CA ILE B 280 -14.30 19.62 1.22
C ILE B 280 -13.24 18.94 2.07
N PRO B 281 -12.29 18.21 1.46
CA PRO B 281 -11.18 17.65 2.23
C PRO B 281 -10.35 18.74 2.90
N VAL B 282 -9.87 18.44 4.10
CA VAL B 282 -9.37 19.46 5.01
C VAL B 282 -7.99 19.16 5.58
N THR B 283 -7.12 18.51 4.80
CA THR B 283 -5.85 18.01 5.33
C THR B 283 -5.19 19.01 6.28
N LEU B 284 -4.79 18.51 7.45
CA LEU B 284 -4.32 19.36 8.53
C LEU B 284 -2.90 18.97 8.94
N GLU B 285 -2.35 19.79 9.83
CA GLU B 285 -1.16 19.42 10.60
C GLU B 285 -1.17 20.35 11.81
N LEU B 286 -1.43 19.80 13.00
CA LEU B 286 -1.77 20.62 14.16
C LEU B 286 -0.85 20.29 15.33
N GLY B 287 0.31 20.95 15.35
CA GLY B 287 1.22 20.92 16.48
C GLY B 287 1.57 19.54 17.01
N GLY B 288 2.09 19.49 18.22
CA GLY B 288 2.46 18.23 18.84
C GLY B 288 3.44 18.41 19.98
N LYS B 289 3.38 17.51 20.94
CA LYS B 289 4.25 17.55 22.12
C LYS B 289 5.08 16.27 22.11
N SER B 290 6.21 16.31 21.42
CA SER B 290 6.98 15.11 21.08
C SER B 290 8.00 14.81 22.16
N PRO B 291 8.03 13.59 22.69
CA PRO B 291 9.04 13.21 23.68
C PRO B 291 10.34 12.74 23.03
N ASN B 292 11.36 12.64 23.86
CA ASN B 292 12.71 12.25 23.44
C ASN B 292 13.31 11.38 24.53
N ILE B 293 13.38 10.06 24.28
CA ILE B 293 13.65 9.07 25.33
C ILE B 293 15.09 8.60 25.23
N PHE B 294 15.73 8.42 26.39
CA PHE B 294 17.10 7.93 26.50
C PHE B 294 17.13 6.75 27.48
N PHE B 295 17.65 5.60 27.03
CA PHE B 295 17.45 4.32 27.70
C PHE B 295 18.63 3.82 28.52
N ALA B 296 19.65 4.64 28.74
CA ALA B 296 20.89 4.30 29.45
C ALA B 296 21.82 3.48 28.59
N ASP B 297 21.42 3.07 27.40
CA ASP B 297 22.34 2.45 26.46
C ASP B 297 23.27 3.49 25.83
N VAL B 298 22.91 4.77 25.90
CA VAL B 298 23.78 5.82 25.37
C VAL B 298 25.02 5.99 26.24
N ALA B 299 24.86 5.97 27.55
CA ALA B 299 25.97 6.12 28.49
C ALA B 299 26.58 4.75 28.77
N ARG B 300 27.20 4.19 27.73
CA ARG B 300 27.89 2.92 27.84
C ARG B 300 29.37 2.99 27.47
N GLU B 301 29.80 3.99 26.72
CA GLU B 301 31.21 4.16 26.41
C GLU B 301 31.70 5.59 26.52
N ASP B 302 30.82 6.59 26.62
CA ASP B 302 31.18 8.01 26.51
C ASP B 302 31.82 8.30 25.16
N ASP B 303 31.35 7.61 24.13
CA ASP B 303 31.90 7.70 22.79
C ASP B 303 31.07 8.67 21.94
N ASP B 304 31.34 8.64 20.62
CA ASP B 304 30.63 9.50 19.69
C ASP B 304 29.13 9.31 19.75
N PHE B 305 28.65 8.13 20.14
CA PHE B 305 27.21 7.95 20.26
C PHE B 305 26.66 8.73 21.44
N PHE B 306 27.37 8.73 22.56
CA PHE B 306 26.95 9.58 23.68
C PHE B 306 27.00 11.05 23.30
N ASP B 307 27.99 11.43 22.50
CA ASP B 307 28.05 12.79 22.01
C ASP B 307 26.84 13.12 21.14
N LYS B 308 26.44 12.18 20.28
CA LYS B 308 25.28 12.41 19.42
C LYS B 308 23.99 12.49 20.23
N ALA B 309 23.88 11.68 21.28
CA ALA B 309 22.71 11.77 22.16
C ALA B 309 22.66 13.12 22.86
N LEU B 310 23.81 13.60 23.33
CA LEU B 310 23.87 14.93 23.94
C LEU B 310 23.43 16.00 22.95
N GLU B 311 23.93 15.92 21.71
CA GLU B 311 23.55 16.91 20.71
C GLU B 311 22.07 16.85 20.41
N GLY B 312 21.52 15.64 20.25
CA GLY B 312 20.11 15.49 19.98
C GLY B 312 19.22 15.93 21.11
N PHE B 313 19.73 15.95 22.34
CA PHE B 313 18.95 16.51 23.45
C PHE B 313 18.64 17.98 23.21
N THR B 314 19.66 18.77 22.91
CA THR B 314 19.53 20.22 22.77
C THR B 314 18.78 20.65 21.53
N MET B 315 18.20 19.72 20.78
CA MET B 315 17.56 20.05 19.51
C MET B 315 16.25 20.82 19.69
N PHE B 316 15.78 21.01 20.92
CA PHE B 316 14.62 21.87 21.15
C PHE B 316 14.91 23.29 20.71
N ALA B 317 16.16 23.73 20.82
CA ALA B 317 16.54 25.08 20.43
C ALA B 317 16.51 25.28 18.92
N LEU B 318 16.32 24.23 18.15
CA LEU B 318 16.29 24.37 16.69
C LEU B 318 15.03 25.10 16.27
N ASN B 319 15.20 26.20 15.54
CA ASN B 319 14.10 27.08 15.14
C ASN B 319 13.30 27.53 16.36
N GLN B 320 14.03 27.93 17.40
CA GLN B 320 13.45 28.53 18.62
C GLN B 320 12.33 27.67 19.20
N GLY B 321 12.32 26.39 18.92
CA GLY B 321 11.30 25.52 19.47
C GLY B 321 9.92 25.69 18.87
N GLU B 322 9.76 26.58 17.89
CA GLU B 322 8.48 26.73 17.22
C GLU B 322 8.40 25.81 16.00
N VAL B 323 8.72 24.55 16.24
CA VAL B 323 8.54 23.49 15.26
C VAL B 323 7.47 22.55 15.79
N CYS B 324 6.63 22.06 14.88
CA CYS B 324 5.54 21.17 15.27
C CYS B 324 6.06 19.95 16.01
N THR B 325 7.20 19.41 15.59
CA THR B 325 7.84 18.29 16.27
C THR B 325 8.96 18.83 17.16
N CYS B 326 8.58 19.34 18.30
CA CYS B 326 9.57 19.84 19.24
C CYS B 326 9.82 18.82 20.33
N PRO B 327 11.06 18.56 20.68
CA PRO B 327 11.37 17.52 21.68
C PRO B 327 11.06 17.95 23.09
N SER B 328 10.25 18.99 23.26
CA SER B 328 10.12 19.69 24.54
C SER B 328 9.81 18.79 25.74
N ARG B 329 9.47 17.53 25.52
CA ARG B 329 9.44 16.54 26.58
C ARG B 329 10.64 15.60 26.43
N VAL B 330 11.40 15.42 27.51
CA VAL B 330 12.57 14.56 27.48
C VAL B 330 12.46 13.52 28.59
N LEU B 331 12.61 12.26 28.21
CA LEU B 331 12.55 11.11 29.10
C LEU B 331 13.93 10.48 29.15
N ILE B 332 14.49 10.40 30.34
CA ILE B 332 15.85 9.88 30.51
C ILE B 332 15.80 8.73 31.52
N GLN B 333 16.51 7.65 31.19
CA GLN B 333 16.53 6.50 32.09
C GLN B 333 17.03 6.93 33.46
N GLU B 334 16.41 6.36 34.50
CA GLU B 334 16.67 6.80 35.87
C GLU B 334 18.13 6.62 36.27
N SER B 335 18.87 5.77 35.56
CA SER B 335 20.26 5.51 35.91
C SER B 335 21.25 6.49 35.30
N ILE B 336 20.84 7.28 34.31
CA ILE B 336 21.78 8.18 33.63
C ILE B 336 21.29 9.62 33.67
N TYR B 337 20.30 9.90 34.53
CA TYR B 337 19.76 11.26 34.57
C TYR B 337 20.83 12.26 35.02
N ASP B 338 21.62 11.89 36.03
CA ASP B 338 22.61 12.81 36.57
C ASP B 338 23.67 13.17 35.54
N LYS B 339 24.27 12.14 34.93
CA LYS B 339 25.33 12.36 33.94
C LYS B 339 24.80 13.09 32.72
N PHE B 340 23.64 12.66 32.22
CA PHE B 340 23.08 13.28 31.03
C PHE B 340 22.78 14.75 31.26
N MET B 341 22.20 15.10 32.40
CA MET B 341 22.00 16.51 32.72
C MET B 341 23.31 17.26 32.90
N GLU B 342 24.28 16.69 33.63
CA GLU B 342 25.48 17.47 33.89
C GLU B 342 26.29 17.72 32.62
N ARG B 343 26.01 17.01 31.52
CA ARG B 343 26.60 17.41 30.25
C ARG B 343 25.65 18.16 29.31
N ALA B 344 24.35 17.87 29.37
CA ALA B 344 23.40 18.54 28.49
C ALA B 344 23.18 19.98 28.89
N VAL B 345 23.20 20.28 30.20
CA VAL B 345 23.10 21.66 30.63
C VAL B 345 24.30 22.45 30.10
N GLN B 346 25.49 21.84 30.09
CA GLN B 346 26.65 22.49 29.51
C GLN B 346 26.44 22.78 28.04
N ARG B 347 25.98 21.80 27.29
CA ARG B 347 25.80 22.04 25.85
C ARG B 347 24.68 23.02 25.54
N VAL B 348 23.68 23.13 26.41
CA VAL B 348 22.66 24.17 26.24
C VAL B 348 23.25 25.54 26.57
N GLN B 349 24.01 25.64 27.66
CA GLN B 349 24.65 26.91 28.00
C GLN B 349 25.67 27.32 26.95
N ALA B 350 26.08 26.40 26.08
CA ALA B 350 26.97 26.74 24.98
C ALA B 350 26.22 27.19 23.73
N ILE B 351 24.90 27.31 23.79
CA ILE B 351 24.12 27.75 22.63
C ILE B 351 24.28 29.26 22.49
N LYS B 352 24.76 29.71 21.34
CA LYS B 352 25.08 31.11 21.12
C LYS B 352 23.87 31.86 20.57
N GLN B 353 23.53 32.97 21.21
CA GLN B 353 22.45 33.84 20.80
C GLN B 353 22.98 35.20 20.38
N GLY B 354 22.27 35.83 19.45
CA GLY B 354 22.68 37.13 18.96
C GLY B 354 21.90 37.51 17.72
N ASP B 355 22.43 38.48 17.00
CA ASP B 355 21.83 38.89 15.75
C ASP B 355 21.87 37.73 14.77
N PRO B 356 20.73 37.27 14.26
CA PRO B 356 20.71 36.05 13.44
C PRO B 356 21.21 36.23 12.01
N ARG B 357 21.89 37.33 11.71
CA ARG B 357 22.15 37.68 10.32
C ARG B 357 23.64 37.69 9.97
N GLU B 358 24.50 36.99 10.71
CA GLU B 358 25.86 37.02 10.19
C GLU B 358 26.38 35.67 9.72
N SER B 359 26.77 34.78 10.64
CA SER B 359 27.06 33.40 10.24
C SER B 359 26.95 32.41 11.39
N ASP B 360 26.67 32.89 12.60
CA ASP B 360 27.08 32.12 13.78
C ASP B 360 26.05 32.00 14.88
N THR B 361 24.96 32.76 14.86
CA THR B 361 23.94 32.59 15.89
C THR B 361 23.29 31.23 15.73
N MET B 362 23.06 30.57 16.86
CA MET B 362 22.42 29.26 16.88
C MET B 362 20.94 29.31 17.23
N ILE B 363 20.58 30.12 18.21
CA ILE B 363 19.19 30.31 18.63
C ILE B 363 18.77 31.72 18.25
N GLY B 364 17.65 31.84 17.54
CA GLY B 364 17.26 33.11 16.96
C GLY B 364 16.17 33.84 17.68
N ALA B 365 15.27 34.46 16.92
CA ALA B 365 14.22 35.31 17.47
C ALA B 365 12.85 34.70 17.22
N GLN B 366 11.91 35.04 18.09
CA GLN B 366 10.53 34.61 17.90
C GLN B 366 9.92 35.38 16.73
N ALA B 367 8.83 34.82 16.18
CA ALA B 367 8.22 35.42 15.00
C ALA B 367 7.50 36.72 15.32
N SER B 368 6.72 36.74 16.40
CA SER B 368 5.88 37.88 16.73
C SER B 368 6.03 38.23 18.21
N SER B 369 5.40 39.33 18.60
CA SER B 369 5.38 39.72 20.01
C SER B 369 4.45 38.81 20.81
N GLU B 370 3.29 38.45 20.23
CA GLU B 370 2.39 37.52 20.89
C GLU B 370 3.04 36.18 21.14
N GLN B 371 4.04 35.81 20.33
CA GLN B 371 4.77 34.58 20.58
C GLN B 371 5.53 34.67 21.90
N LYS B 372 6.30 35.75 22.10
CA LYS B 372 6.89 35.99 23.42
C LYS B 372 5.84 36.00 24.51
N GLU B 373 4.70 36.65 24.28
CA GLU B 373 3.71 36.75 25.34
C GLU B 373 3.24 35.36 25.78
N LYS B 374 2.90 34.52 24.82
CA LYS B 374 2.45 33.17 25.13
C LYS B 374 3.56 32.36 25.81
N ILE B 375 4.79 32.46 25.28
CA ILE B 375 5.88 31.65 25.84
C ILE B 375 6.22 32.10 27.25
N LEU B 376 6.19 33.42 27.50
CA LEU B 376 6.49 33.92 28.82
C LEU B 376 5.39 33.57 29.82
N SER B 377 4.13 33.59 29.37
CA SER B 377 3.06 33.10 30.23
C SER B 377 3.27 31.63 30.57
N TYR B 378 3.65 30.82 29.58
CA TYR B 378 3.90 29.41 29.83
C TYR B 378 5.07 29.22 30.79
N LEU B 379 6.13 30.02 30.62
CA LEU B 379 7.28 29.93 31.51
C LEU B 379 6.88 30.31 32.93
N ASP B 380 5.99 31.30 33.08
CA ASP B 380 5.48 31.65 34.40
C ASP B 380 4.71 30.48 35.01
N ILE B 381 3.84 29.85 34.22
CA ILE B 381 3.07 28.71 34.71
C ILE B 381 4.00 27.60 35.15
N GLY B 382 5.04 27.33 34.36
CA GLY B 382 5.99 26.29 34.72
C GLY B 382 6.79 26.63 35.96
N LYS B 383 7.20 27.89 36.09
CA LYS B 383 7.96 28.30 37.27
C LYS B 383 7.13 28.15 38.54
N LYS B 384 5.85 28.49 38.47
CA LYS B 384 5.02 28.45 39.66
C LYS B 384 4.31 27.11 39.87
N GLU B 385 4.38 26.20 38.91
CA GLU B 385 3.78 24.88 39.10
C GLU B 385 4.64 23.99 39.98
N GLY B 386 5.97 24.10 39.87
CA GLY B 386 6.86 23.24 40.62
C GLY B 386 7.88 22.57 39.73
N ALA B 387 8.06 23.09 38.53
CA ALA B 387 9.06 22.60 37.59
C ALA B 387 10.36 23.36 37.86
N GLU B 388 11.28 22.73 38.58
CA GLU B 388 12.57 23.36 38.85
C GLU B 388 13.29 23.67 37.55
N VAL B 389 13.92 24.83 37.51
CA VAL B 389 14.49 25.36 36.28
C VAL B 389 15.95 24.93 36.19
N LEU B 390 16.24 23.98 35.29
CA LEU B 390 17.62 23.57 35.08
C LEU B 390 18.43 24.66 34.39
N THR B 391 17.82 25.37 33.44
CA THR B 391 18.51 26.50 32.83
C THR B 391 17.49 27.43 32.19
N GLY B 392 17.91 28.69 31.99
CA GLY B 392 17.07 29.68 31.35
C GLY B 392 15.87 30.05 32.19
N GLY B 393 14.83 30.53 31.52
CA GLY B 393 13.57 30.81 32.20
C GLY B 393 13.10 32.24 32.13
N LYS B 394 13.60 33.01 31.18
CA LYS B 394 13.26 34.42 31.07
C LYS B 394 13.61 34.91 29.67
N ALA B 395 13.39 36.20 29.44
CA ALA B 395 13.66 36.81 28.15
C ALA B 395 15.17 36.87 27.90
N ALA B 396 15.54 37.33 26.71
CA ALA B 396 16.92 37.30 26.24
C ALA B 396 17.30 38.64 25.63
N ASP B 397 17.06 39.72 26.38
CA ASP B 397 17.46 41.07 25.96
C ASP B 397 18.91 41.08 25.52
N LEU B 398 19.14 41.42 24.25
CA LEU B 398 20.46 41.36 23.64
C LEU B 398 21.08 42.73 23.40
N GLY B 399 20.41 43.81 23.79
CA GLY B 399 20.99 45.14 23.69
C GLY B 399 21.24 45.62 22.28
N GLY B 400 21.71 46.86 22.15
CA GLY B 400 22.01 47.41 20.84
C GLY B 400 20.76 47.51 19.98
N GLU B 401 20.93 47.28 18.68
CA GLU B 401 19.78 47.21 17.79
C GLU B 401 19.17 45.82 17.85
N LEU B 402 18.97 45.31 19.06
CA LEU B 402 18.25 44.06 19.28
C LEU B 402 17.34 44.13 20.50
N SER B 403 17.23 45.29 21.16
CA SER B 403 16.41 45.38 22.35
C SER B 403 14.93 45.25 22.02
N GLY B 404 14.50 45.86 20.92
CA GLY B 404 13.14 45.69 20.45
C GLY B 404 12.87 44.37 19.76
N GLY B 405 13.90 43.54 19.61
CA GLY B 405 13.71 42.21 19.06
C GLY B 405 12.97 41.30 20.01
N TYR B 406 12.64 40.12 19.50
CA TYR B 406 11.87 39.14 20.25
C TYR B 406 12.77 37.93 20.53
N TYR B 407 13.34 37.90 21.73
CA TYR B 407 14.34 36.88 22.09
C TYR B 407 14.02 36.32 23.47
N ILE B 408 13.91 34.99 23.55
CA ILE B 408 13.75 34.28 24.81
C ILE B 408 14.88 33.27 24.94
N GLU B 409 15.45 33.19 26.14
CA GLU B 409 16.58 32.30 26.37
C GLU B 409 16.13 30.84 26.34
N PRO B 410 16.91 29.95 25.69
CA PRO B 410 16.61 28.51 25.75
C PRO B 410 16.51 28.00 27.19
N THR B 411 15.45 27.28 27.49
CA THR B 411 15.08 26.95 28.85
C THR B 411 14.93 25.43 29.00
N ILE B 412 15.34 24.93 30.17
CA ILE B 412 15.10 23.55 30.57
C ILE B 412 14.52 23.57 31.98
N PHE B 413 13.34 22.97 32.13
CA PHE B 413 12.70 22.71 33.41
C PHE B 413 12.90 21.25 33.83
N ARG B 414 12.21 20.85 34.89
CA ARG B 414 12.22 19.45 35.34
C ARG B 414 11.00 19.21 36.21
N GLY B 415 10.13 18.32 35.79
CA GLY B 415 8.94 17.98 36.56
C GLY B 415 8.46 16.58 36.23
N ASN B 416 7.15 16.35 36.41
CA ASN B 416 6.51 15.11 36.02
C ASN B 416 5.43 15.38 35.00
N ASN B 417 5.02 14.32 34.31
CA ASN B 417 4.25 14.45 33.07
C ASN B 417 2.85 15.04 33.28
N LYS B 418 2.41 15.13 34.54
CA LYS B 418 1.10 15.67 34.86
C LYS B 418 1.12 17.18 35.07
N MET B 419 2.07 17.86 34.44
CA MET B 419 2.23 19.30 34.58
C MET B 419 2.07 19.98 33.21
N ARG B 420 1.53 21.19 33.24
CA ARG B 420 1.03 21.83 32.02
C ARG B 420 2.14 22.04 31.00
N ILE B 421 3.38 22.23 31.44
CA ILE B 421 4.46 22.44 30.50
C ILE B 421 4.71 21.18 29.69
N PHE B 422 4.45 20.01 30.28
CA PHE B 422 4.51 18.77 29.55
C PHE B 422 3.30 18.58 28.63
N GLN B 423 2.13 19.10 29.03
CA GLN B 423 0.89 18.77 28.35
C GLN B 423 0.27 19.95 27.61
N GLU B 424 1.06 20.97 27.28
CA GLU B 424 0.64 22.03 26.37
C GLU B 424 1.82 22.47 25.53
N GLU B 425 1.57 22.70 24.24
CA GLU B 425 2.60 23.14 23.32
C GLU B 425 2.93 24.61 23.55
N ILE B 426 4.21 24.97 23.38
CA ILE B 426 4.65 26.33 23.68
C ILE B 426 5.17 27.04 22.43
N PHE B 427 5.76 26.29 21.49
CA PHE B 427 6.57 26.84 20.41
C PHE B 427 7.74 27.69 20.90
N GLY B 428 8.20 27.45 22.12
CA GLY B 428 9.33 28.19 22.64
C GLY B 428 10.60 27.37 22.65
N PRO B 429 11.74 28.03 22.83
CA PRO B 429 13.00 27.28 23.06
C PRO B 429 13.03 26.68 24.45
N VAL B 430 12.07 25.82 24.73
CA VAL B 430 11.81 25.29 26.06
C VAL B 430 11.70 23.78 25.97
N VAL B 431 12.25 23.09 26.97
CA VAL B 431 12.16 21.64 27.04
C VAL B 431 11.95 21.24 28.50
N SER B 432 11.21 20.15 28.70
CA SER B 432 10.95 19.63 30.03
C SER B 432 11.52 18.22 30.13
N VAL B 433 11.99 17.88 31.33
CA VAL B 433 12.75 16.65 31.56
C VAL B 433 12.11 15.88 32.70
N THR B 434 11.87 14.58 32.48
CA THR B 434 11.46 13.67 33.53
C THR B 434 12.02 12.29 33.22
N THR B 435 12.01 11.42 34.22
CA THR B 435 12.67 10.13 34.15
C THR B 435 11.65 9.00 34.19
N PHE B 436 12.15 7.78 33.98
CA PHE B 436 11.34 6.58 34.03
C PHE B 436 12.18 5.43 34.56
N LYS B 437 11.51 4.29 34.79
CA LYS B 437 12.19 3.12 35.32
C LYS B 437 12.57 2.13 34.21
N ASP B 438 11.65 1.80 33.32
CA ASP B 438 11.92 0.80 32.30
C ASP B 438 11.06 1.08 31.07
N GLN B 439 11.28 0.27 30.03
CA GLN B 439 10.76 0.55 28.70
C GLN B 439 9.23 0.62 28.70
N ALA B 440 8.56 -0.19 29.51
CA ALA B 440 7.11 -0.11 29.59
C ALA B 440 6.67 1.26 30.10
N GLU B 441 7.35 1.76 31.13
CA GLU B 441 7.08 3.11 31.62
C GLU B 441 7.40 4.15 30.57
N ALA B 442 8.41 3.90 29.74
CA ALA B 442 8.74 4.83 28.67
C ALA B 442 7.60 4.94 27.67
N LEU B 443 7.03 3.80 27.25
CA LEU B 443 5.87 3.86 26.35
C LEU B 443 4.69 4.52 27.02
N GLU B 444 4.45 4.20 28.30
CA GLU B 444 3.36 4.82 29.03
C GLU B 444 3.45 6.34 29.00
N ILE B 445 4.62 6.87 29.35
CA ILE B 445 4.77 8.32 29.43
C ILE B 445 4.77 8.95 28.04
N ALA B 446 5.40 8.28 27.06
CA ALA B 446 5.47 8.85 25.72
C ALA B 446 4.11 8.89 25.05
N ASN B 447 3.19 8.00 25.42
CA ASN B 447 1.85 8.05 24.87
C ASN B 447 0.86 8.81 25.76
N ASP B 448 1.29 9.28 26.93
CA ASP B 448 0.41 9.89 27.91
C ASP B 448 -0.16 11.23 27.46
N THR B 449 0.42 11.84 26.41
CA THR B 449 -0.06 13.13 25.97
C THR B 449 -1.30 12.96 25.08
N LEU B 450 -1.79 14.09 24.55
CA LEU B 450 -2.94 14.09 23.65
C LEU B 450 -2.56 14.30 22.20
N TYR B 451 -1.30 14.59 21.91
CA TYR B 451 -0.84 14.83 20.54
C TYR B 451 -0.01 13.64 20.08
N GLY B 452 -0.04 13.40 18.77
CA GLY B 452 0.61 12.22 18.23
C GLY B 452 1.51 12.50 17.06
N LEU B 453 2.26 13.61 17.10
CA LEU B 453 3.02 14.01 15.93
C LEU B 453 4.33 13.24 15.80
N GLY B 454 5.18 13.29 16.83
CA GLY B 454 6.51 12.74 16.71
C GLY B 454 7.05 12.25 18.03
N ALA B 455 8.24 11.66 17.98
CA ALA B 455 8.96 11.18 19.14
C ALA B 455 10.37 10.77 18.71
N GLY B 456 11.27 10.77 19.67
CA GLY B 456 12.63 10.33 19.43
C GLY B 456 13.04 9.26 20.43
N VAL B 457 13.81 8.29 19.95
CA VAL B 457 14.25 7.16 20.76
C VAL B 457 15.77 7.04 20.67
N TRP B 458 16.42 6.87 21.81
CA TRP B 458 17.88 6.78 21.88
C TRP B 458 18.26 5.51 22.64
N SER B 459 18.76 4.52 21.89
CA SER B 459 19.24 3.28 22.48
C SER B 459 20.16 2.60 21.47
N ARG B 460 20.95 1.65 21.96
CA ARG B 460 21.75 0.80 21.09
C ARG B 460 21.17 -0.60 20.92
N ASP B 461 20.26 -1.02 21.80
CA ASP B 461 19.64 -2.33 21.68
C ASP B 461 18.58 -2.31 20.58
N ALA B 462 18.63 -3.33 19.72
CA ALA B 462 17.71 -3.38 18.58
C ALA B 462 16.27 -3.62 19.03
N ASN B 463 16.06 -4.57 19.96
CA ASN B 463 14.71 -4.90 20.39
C ASN B 463 14.05 -3.71 21.09
N THR B 464 14.79 -3.03 21.96
CA THR B 464 14.26 -1.84 22.60
C THR B 464 13.90 -0.78 21.57
N CYS B 465 14.78 -0.56 20.59
CA CYS B 465 14.51 0.46 19.59
C CYS B 465 13.25 0.15 18.81
N TYR B 466 13.07 -1.11 18.41
CA TYR B 466 11.91 -1.49 17.61
C TYR B 466 10.63 -1.42 18.43
N ARG B 467 10.63 -1.98 19.64
CA ARG B 467 9.42 -1.97 20.44
C ARG B 467 9.03 -0.56 20.84
N MET B 468 10.01 0.33 21.02
CA MET B 468 9.70 1.73 21.33
C MET B 468 9.22 2.47 20.09
N GLY B 469 9.83 2.22 18.94
CA GLY B 469 9.33 2.83 17.73
C GLY B 469 7.92 2.41 17.38
N ARG B 470 7.57 1.15 17.62
CA ARG B 470 6.26 0.64 17.24
C ARG B 470 5.22 0.81 18.33
N GLY B 471 5.62 1.01 19.59
CA GLY B 471 4.68 1.20 20.66
C GLY B 471 4.31 2.66 20.88
N ILE B 472 5.13 3.57 20.38
CA ILE B 472 4.87 4.99 20.53
C ILE B 472 3.76 5.39 19.58
N LYS B 473 2.64 5.87 20.13
CA LYS B 473 1.49 6.29 19.33
C LYS B 473 1.78 7.66 18.74
N ALA B 474 2.64 7.68 17.73
CA ALA B 474 2.96 8.90 17.02
C ALA B 474 3.20 8.56 15.57
N GLY B 475 2.94 9.53 14.69
CA GLY B 475 3.05 9.28 13.27
C GLY B 475 4.47 9.14 12.78
N ARG B 476 5.43 9.68 13.53
CA ARG B 476 6.83 9.62 13.14
C ARG B 476 7.66 9.39 14.39
N VAL B 477 8.63 8.48 14.30
CA VAL B 477 9.52 8.18 15.41
C VAL B 477 10.95 8.27 14.92
N TRP B 478 11.77 9.03 15.62
CA TRP B 478 13.18 9.18 15.34
C TRP B 478 13.97 8.28 16.27
N THR B 479 14.85 7.46 15.70
CA THR B 479 15.66 6.53 16.48
C THR B 479 17.12 6.92 16.31
N ASN B 480 17.76 7.34 17.41
CA ASN B 480 19.17 7.71 17.42
C ASN B 480 19.47 8.84 16.44
N CYS B 481 18.48 9.68 16.20
CA CYS B 481 18.61 10.92 15.43
C CYS B 481 17.40 11.76 15.80
N TYR B 482 17.33 12.98 15.25
CA TYR B 482 16.10 13.73 15.44
C TYR B 482 16.12 14.92 14.48
N HIS B 483 14.94 15.46 14.19
CA HIS B 483 14.78 16.59 13.27
C HIS B 483 15.41 16.33 11.91
N ALA B 484 15.28 15.12 11.40
CA ALA B 484 15.60 14.84 10.01
C ALA B 484 14.30 14.84 9.21
N TYR B 485 14.27 15.63 8.13
CA TYR B 485 13.09 15.76 7.29
C TYR B 485 13.42 15.47 5.83
N PRO B 486 13.84 14.24 5.51
CA PRO B 486 14.09 13.90 4.11
C PRO B 486 12.79 13.92 3.31
N ALA B 487 12.94 14.23 2.02
CA ALA B 487 11.76 14.39 1.17
C ALA B 487 11.04 13.09 0.91
N HIS B 488 11.63 11.94 1.27
CA HIS B 488 11.06 10.65 0.93
C HIS B 488 10.50 9.90 2.14
N ALA B 489 10.50 10.52 3.32
CA ALA B 489 9.96 9.90 4.53
C ALA B 489 8.64 10.58 4.91
N ALA B 490 7.57 9.81 4.89
CA ALA B 490 6.23 10.33 5.18
C ALA B 490 6.17 10.95 6.57
N PHE B 491 5.88 12.24 6.61
CA PHE B 491 5.78 12.98 7.86
C PHE B 491 4.31 13.22 8.18
N GLY B 492 3.90 12.83 9.38
CA GLY B 492 2.55 13.10 9.84
C GLY B 492 2.39 12.63 11.27
N GLY B 493 1.17 12.74 11.75
CA GLY B 493 0.83 12.23 13.08
C GLY B 493 -0.59 11.73 13.07
N TYR B 494 -0.85 10.75 13.95
CA TYR B 494 -2.19 10.19 14.07
C TYR B 494 -2.64 10.19 15.52
N LYS B 495 -3.10 11.37 15.95
CA LYS B 495 -3.85 11.64 17.17
C LYS B 495 -4.50 12.98 16.87
N GLN B 496 -4.89 13.75 17.88
CA GLN B 496 -5.46 15.06 17.58
C GLN B 496 -4.31 15.94 17.09
N SER B 497 -3.72 15.56 15.94
CA SER B 497 -2.56 16.23 15.37
C SER B 497 -2.59 16.28 13.84
N GLY B 498 -3.73 16.04 13.20
CA GLY B 498 -3.88 16.26 11.78
C GLY B 498 -4.27 15.01 11.03
N ILE B 499 -4.43 15.18 9.71
CA ILE B 499 -4.86 14.12 8.80
C ILE B 499 -4.06 14.18 7.51
N GLY B 500 -3.10 13.27 7.35
CA GLY B 500 -2.36 13.19 6.10
C GLY B 500 -0.91 12.86 6.35
N ARG B 501 -0.12 12.95 5.28
CA ARG B 501 1.30 12.60 5.33
C ARG B 501 2.06 13.52 4.38
N GLU B 502 2.94 14.36 4.92
CA GLU B 502 3.79 15.20 4.09
C GLU B 502 5.10 14.48 3.76
N THR B 503 5.92 15.13 2.93
CA THR B 503 7.28 14.68 2.61
C THR B 503 7.31 13.26 2.08
N HIS B 504 6.33 12.89 1.25
CA HIS B 504 6.28 11.55 0.70
C HIS B 504 5.43 11.56 -0.55
N LYS B 505 5.55 10.48 -1.33
CA LYS B 505 4.75 10.33 -2.54
C LYS B 505 3.29 10.01 -2.25
N MET B 506 2.95 9.66 -1.01
CA MET B 506 1.53 9.54 -0.67
C MET B 506 0.82 10.87 -0.72
N MET B 507 1.55 11.96 -0.53
CA MET B 507 0.95 13.29 -0.53
C MET B 507 0.65 13.78 -1.94
N LEU B 508 1.24 13.17 -2.97
CA LEU B 508 0.83 13.50 -4.33
C LEU B 508 -0.59 13.03 -4.59
N ASP B 509 -1.03 11.98 -3.90
CA ASP B 509 -2.39 11.49 -4.08
C ASP B 509 -3.40 12.26 -3.25
N HIS B 510 -2.95 13.07 -2.29
CA HIS B 510 -3.88 13.87 -1.51
C HIS B 510 -4.39 15.06 -2.31
N TYR B 511 -3.69 15.44 -3.37
CA TYR B 511 -4.10 16.51 -4.26
C TYR B 511 -4.52 15.97 -5.62
N GLN B 512 -5.08 14.77 -5.61
CA GLN B 512 -5.50 14.10 -6.82
C GLN B 512 -6.77 13.31 -6.52
N GLN B 513 -7.43 12.86 -7.57
CA GLN B 513 -8.60 12.02 -7.43
C GLN B 513 -8.56 10.95 -8.51
N THR B 514 -9.24 9.84 -8.24
CA THR B 514 -9.19 8.67 -9.11
C THR B 514 -10.42 8.62 -10.00
N LYS B 515 -10.19 8.59 -11.31
CA LYS B 515 -11.22 8.28 -12.30
C LYS B 515 -11.18 6.79 -12.59
N ASN B 516 -12.24 6.08 -12.24
CA ASN B 516 -12.31 4.64 -12.46
C ASN B 516 -13.21 4.39 -13.67
N MET B 517 -12.62 4.06 -14.80
CA MET B 517 -13.33 3.71 -16.02
C MET B 517 -13.41 2.20 -16.11
N LEU B 518 -14.59 1.64 -15.87
CA LEU B 518 -14.79 0.18 -15.88
C LEU B 518 -15.42 -0.21 -17.20
N VAL B 519 -14.59 -0.62 -18.15
CA VAL B 519 -15.03 -0.95 -19.49
C VAL B 519 -15.37 -2.42 -19.58
N SER B 520 -16.44 -2.74 -20.30
CA SER B 520 -16.80 -4.09 -20.64
C SER B 520 -16.65 -4.29 -22.15
N TYR B 521 -16.15 -5.46 -22.53
CA TYR B 521 -15.86 -5.73 -23.93
C TYR B 521 -16.69 -6.86 -24.52
N SER B 522 -17.41 -7.62 -23.72
CA SER B 522 -18.33 -8.61 -24.25
C SER B 522 -19.62 -7.93 -24.68
N PRO B 523 -20.01 -8.01 -25.96
CA PRO B 523 -21.26 -7.40 -26.42
C PRO B 523 -22.46 -8.33 -26.26
N LYS B 524 -22.62 -8.90 -25.07
CA LYS B 524 -23.70 -9.83 -24.79
C LYS B 524 -24.31 -9.50 -23.45
N LYS B 525 -25.64 -9.46 -23.38
CA LYS B 525 -26.31 -9.03 -22.18
C LYS B 525 -26.13 -10.03 -21.06
N LEU B 526 -26.27 -9.55 -19.83
CA LEU B 526 -26.10 -10.41 -18.66
C LEU B 526 -27.24 -11.41 -18.54
N GLY B 527 -28.46 -11.01 -18.89
CA GLY B 527 -29.59 -11.92 -18.89
C GLY B 527 -30.71 -11.52 -17.95
N PHE B 528 -30.68 -10.31 -17.43
CA PHE B 528 -31.72 -9.86 -16.52
C PHE B 528 -31.69 -8.35 -16.39
N PHE B 529 -32.87 -7.74 -16.42
CA PHE B 529 -33.02 -6.27 -16.36
C PHE B 529 -32.45 -5.67 -15.07
N GLY C 32 -2.26 -44.16 10.27
CA GLY C 32 -1.32 -43.22 10.87
C GLY C 32 0.02 -43.18 10.15
N VAL C 33 1.05 -42.74 10.88
CA VAL C 33 2.38 -42.64 10.28
C VAL C 33 3.00 -44.01 10.02
N ASN C 34 2.60 -45.03 10.77
CA ASN C 34 3.22 -46.35 10.67
C ASN C 34 2.62 -47.20 9.55
N ALA C 35 1.52 -46.77 8.95
CA ALA C 35 0.92 -47.47 7.82
C ALA C 35 1.44 -46.82 6.55
N LEU C 36 2.02 -47.64 5.66
CA LEU C 36 2.55 -47.18 4.38
C LEU C 36 1.52 -46.34 3.64
N PRO C 37 1.75 -45.03 3.53
CA PRO C 37 0.78 -44.18 2.80
C PRO C 37 0.70 -44.52 1.33
N PHE C 38 1.78 -45.04 0.75
CA PHE C 38 1.89 -45.21 -0.69
C PHE C 38 0.98 -46.33 -1.14
N GLU C 39 0.54 -46.28 -2.40
CA GLU C 39 -0.45 -47.27 -2.79
C GLU C 39 0.17 -48.50 -3.43
N GLU C 40 0.65 -48.35 -4.67
CA GLU C 40 1.48 -49.19 -5.53
C GLU C 40 1.53 -48.54 -6.90
N ARG C 41 2.50 -48.95 -7.71
CA ARG C 41 2.47 -48.82 -9.15
C ARG C 41 2.02 -47.44 -9.64
N TYR C 42 2.42 -46.38 -8.94
CA TYR C 42 2.15 -45.02 -9.42
C TYR C 42 2.65 -44.84 -10.84
N ASP C 43 1.75 -44.45 -11.72
CA ASP C 43 2.08 -44.06 -13.07
C ASP C 43 2.08 -42.54 -13.17
N ASN C 44 2.22 -42.02 -14.38
CA ASN C 44 2.21 -40.59 -14.59
C ASN C 44 0.81 -40.04 -14.35
N PHE C 45 0.69 -38.71 -14.42
CA PHE C 45 -0.57 -38.01 -14.21
C PHE C 45 -0.62 -36.90 -15.25
N ILE C 46 -1.27 -37.17 -16.38
CA ILE C 46 -1.28 -36.27 -17.53
C ILE C 46 -2.72 -36.04 -17.95
N GLY C 47 -3.14 -34.78 -17.99
CA GLY C 47 -4.47 -34.45 -18.43
C GLY C 47 -5.56 -34.82 -17.46
N GLY C 48 -5.24 -34.99 -16.18
CA GLY C 48 -6.23 -35.34 -15.20
C GLY C 48 -6.47 -36.81 -15.00
N GLU C 49 -5.94 -37.66 -15.87
CA GLU C 49 -6.05 -39.11 -15.72
C GLU C 49 -4.68 -39.73 -15.57
N TRP C 50 -4.62 -40.83 -14.82
CA TRP C 50 -3.38 -41.56 -14.57
C TRP C 50 -2.98 -42.29 -15.84
N VAL C 51 -2.00 -41.74 -16.55
CA VAL C 51 -1.53 -42.34 -17.80
C VAL C 51 -0.33 -43.23 -17.51
N ALA C 52 -0.41 -44.47 -17.96
CA ALA C 52 0.70 -45.40 -17.82
C ALA C 52 1.83 -45.02 -18.78
N PRO C 53 3.05 -45.46 -18.50
CA PRO C 53 4.17 -45.14 -19.41
C PRO C 53 3.94 -45.67 -20.81
N VAL C 54 4.40 -44.90 -21.80
CA VAL C 54 4.34 -45.34 -23.19
C VAL C 54 5.16 -46.60 -23.39
N SER C 55 6.34 -46.67 -22.78
CA SER C 55 7.17 -47.86 -22.76
C SER C 55 7.14 -48.37 -21.32
N GLY C 56 6.39 -49.45 -21.10
CA GLY C 56 6.17 -49.97 -19.75
C GLY C 56 7.44 -50.17 -18.95
N ARG C 57 7.56 -49.43 -17.85
CA ARG C 57 8.71 -49.53 -16.95
C ARG C 57 8.34 -48.94 -15.61
N TYR C 58 8.91 -49.50 -14.56
CA TYR C 58 8.59 -49.11 -13.19
C TYR C 58 9.84 -49.27 -12.34
N PHE C 59 10.45 -48.17 -11.92
CA PHE C 59 11.57 -48.24 -11.01
C PHE C 59 11.06 -48.26 -9.58
N THR C 60 11.80 -48.91 -8.70
CA THR C 60 11.32 -49.14 -7.35
C THR C 60 11.49 -47.90 -6.49
N ASN C 61 10.60 -47.76 -5.51
CA ASN C 61 10.60 -46.65 -4.56
C ASN C 61 11.32 -47.16 -3.32
N THR C 62 12.56 -46.73 -3.13
CA THR C 62 13.37 -47.14 -1.99
C THR C 62 13.26 -46.06 -0.92
N THR C 63 12.54 -46.35 0.15
CA THR C 63 12.41 -45.35 1.22
C THR C 63 13.75 -45.18 1.93
N PRO C 64 14.26 -43.95 2.05
CA PRO C 64 15.51 -43.75 2.78
C PRO C 64 15.44 -44.12 4.24
N ILE C 65 14.25 -44.21 4.83
CA ILE C 65 14.13 -44.53 6.25
C ILE C 65 14.71 -45.90 6.55
N THR C 66 14.41 -46.89 5.71
CA THR C 66 14.87 -48.25 5.91
C THR C 66 15.47 -48.90 4.68
N GLY C 67 15.38 -48.26 3.51
CA GLY C 67 15.85 -48.90 2.30
C GLY C 67 14.95 -50.02 1.82
N ALA C 68 13.68 -50.00 2.20
CA ALA C 68 12.71 -51.02 1.84
C ALA C 68 11.86 -50.52 0.68
N GLU C 69 11.70 -51.35 -0.34
CA GLU C 69 10.89 -50.97 -1.50
C GLU C 69 9.46 -50.74 -1.08
N ILE C 70 8.90 -49.58 -1.48
CA ILE C 70 7.59 -49.16 -1.02
C ILE C 70 6.64 -48.81 -2.15
N GLY C 71 7.06 -48.93 -3.40
CA GLY C 71 6.16 -48.68 -4.51
C GLY C 71 6.89 -48.83 -5.82
N GLN C 72 6.13 -48.67 -6.90
CA GLN C 72 6.68 -48.71 -8.26
C GLN C 72 6.31 -47.42 -8.96
N ILE C 73 7.29 -46.79 -9.62
CA ILE C 73 7.12 -45.45 -10.17
C ILE C 73 7.40 -45.50 -11.66
N ALA C 74 6.55 -44.83 -12.43
CA ALA C 74 6.66 -44.81 -13.87
C ALA C 74 8.01 -44.25 -14.32
N ARG C 75 8.57 -44.83 -15.37
CA ARG C 75 9.85 -44.41 -15.93
C ARG C 75 9.60 -43.84 -17.32
N SER C 76 9.31 -42.55 -17.40
CA SER C 76 9.08 -41.88 -18.66
C SER C 76 10.41 -41.51 -19.31
N GLU C 77 10.45 -41.56 -20.65
CA GLU C 77 11.69 -41.24 -21.35
C GLU C 77 11.57 -40.00 -22.23
N ALA C 78 10.78 -40.04 -23.29
CA ALA C 78 10.70 -38.88 -24.18
C ALA C 78 9.30 -38.70 -24.74
N GLY C 79 8.48 -39.73 -24.64
CA GLY C 79 7.15 -39.69 -25.24
C GLY C 79 6.11 -39.27 -24.24
N ASP C 80 6.24 -39.77 -23.02
CA ASP C 80 5.34 -39.36 -21.95
C ASP C 80 5.48 -37.87 -21.64
N ILE C 81 6.69 -37.32 -21.78
CA ILE C 81 6.83 -35.89 -21.63
C ILE C 81 6.10 -35.16 -22.74
N GLU C 82 6.03 -35.76 -23.93
CA GLU C 82 5.27 -35.13 -25.01
C GLU C 82 3.77 -35.24 -24.78
N LEU C 83 3.30 -36.33 -24.18
CA LEU C 83 1.90 -36.38 -23.78
C LEU C 83 1.58 -35.33 -22.73
N ALA C 84 2.50 -35.12 -21.79
CA ALA C 84 2.32 -34.05 -20.80
C ALA C 84 2.25 -32.69 -21.47
N LEU C 85 3.16 -32.44 -22.42
CA LEU C 85 3.13 -31.17 -23.13
C LEU C 85 1.87 -31.03 -23.98
N ASP C 86 1.33 -32.14 -24.48
CA ASP C 86 0.07 -32.09 -25.21
C ASP C 86 -1.08 -31.67 -24.29
N ALA C 87 -1.17 -32.29 -23.12
CA ALA C 87 -2.23 -31.92 -22.18
C ALA C 87 -2.09 -30.47 -21.74
N ALA C 88 -0.86 -30.02 -21.49
CA ALA C 88 -0.63 -28.63 -21.10
C ALA C 88 -1.03 -27.66 -22.21
N HIS C 89 -0.52 -27.89 -23.42
CA HIS C 89 -0.86 -27.02 -24.54
C HIS C 89 -2.33 -27.12 -24.94
N ALA C 90 -3.04 -28.14 -24.48
CA ALA C 90 -4.47 -28.24 -24.76
C ALA C 90 -5.33 -27.58 -23.70
N ALA C 91 -4.84 -27.48 -22.47
CA ALA C 91 -5.54 -26.73 -21.43
C ALA C 91 -4.97 -25.34 -21.22
N LYS C 92 -4.05 -24.91 -22.09
CA LYS C 92 -3.36 -23.64 -21.91
C LYS C 92 -4.26 -22.44 -22.20
N GLU C 93 -5.07 -22.51 -23.24
CA GLU C 93 -5.82 -21.33 -23.67
C GLU C 93 -7.02 -21.04 -22.78
N LYS C 94 -7.67 -22.07 -22.25
CA LYS C 94 -8.84 -21.91 -21.42
C LYS C 94 -8.50 -21.62 -19.97
N TRP C 95 -7.26 -21.86 -19.55
CA TRP C 95 -6.89 -21.61 -18.16
C TRP C 95 -6.37 -20.19 -17.97
N GLY C 96 -5.58 -19.68 -18.91
CA GLY C 96 -5.16 -18.30 -18.82
C GLY C 96 -6.26 -17.31 -19.12
N ALA C 97 -7.38 -17.78 -19.66
CA ALA C 97 -8.58 -16.98 -19.88
C ALA C 97 -9.47 -16.93 -18.66
N THR C 98 -9.22 -17.75 -17.65
CA THR C 98 -10.02 -17.74 -16.44
C THR C 98 -9.81 -16.45 -15.69
N SER C 99 -10.82 -16.02 -14.93
CA SER C 99 -10.71 -14.82 -14.14
C SER C 99 -9.63 -15.01 -13.07
N PRO C 100 -8.92 -13.95 -12.71
CA PRO C 100 -8.05 -14.04 -11.54
C PRO C 100 -8.78 -14.41 -10.26
N ALA C 101 -10.06 -14.03 -10.11
CA ALA C 101 -10.79 -14.37 -8.90
C ALA C 101 -11.19 -15.84 -8.87
N GLU C 102 -11.59 -16.38 -10.02
CA GLU C 102 -11.91 -17.81 -10.09
C GLU C 102 -10.67 -18.66 -9.92
N ARG C 103 -9.57 -18.24 -10.54
CA ARG C 103 -8.29 -18.90 -10.36
C ARG C 103 -7.87 -18.89 -8.90
N ALA C 104 -8.02 -17.74 -8.23
CA ALA C 104 -7.67 -17.64 -6.83
C ALA C 104 -8.56 -18.52 -5.97
N ASN C 105 -9.85 -18.62 -6.31
CA ASN C 105 -10.75 -19.49 -5.55
C ASN C 105 -10.38 -20.95 -5.71
N ILE C 106 -9.95 -21.34 -6.91
CA ILE C 106 -9.45 -22.71 -7.11
C ILE C 106 -8.23 -22.94 -6.23
N MET C 107 -7.32 -21.98 -6.17
CA MET C 107 -6.15 -22.11 -5.30
C MET C 107 -6.55 -22.22 -3.84
N LEU C 108 -7.56 -21.47 -3.42
CA LEU C 108 -8.01 -21.53 -2.03
C LEU C 108 -8.63 -22.88 -1.70
N LYS C 109 -9.40 -23.45 -2.63
CA LYS C 109 -9.93 -24.79 -2.43
C LYS C 109 -8.81 -25.82 -2.36
N ILE C 110 -7.79 -25.66 -3.22
CA ILE C 110 -6.62 -26.54 -3.16
C ILE C 110 -6.00 -26.49 -1.77
N ALA C 111 -5.79 -25.27 -1.25
CA ALA C 111 -5.17 -25.13 0.06
C ALA C 111 -6.04 -25.72 1.16
N ASP C 112 -7.35 -25.54 1.07
CA ASP C 112 -8.24 -26.04 2.12
C ASP C 112 -8.33 -27.56 2.11
N ARG C 113 -8.29 -28.19 0.93
CA ARG C 113 -8.25 -29.64 0.90
C ARG C 113 -6.88 -30.17 1.30
N MET C 114 -5.82 -29.40 1.06
CA MET C 114 -4.51 -29.77 1.57
C MET C 114 -4.45 -29.69 3.08
N GLU C 115 -5.23 -28.80 3.68
CA GLU C 115 -5.15 -28.60 5.13
C GLU C 115 -5.73 -29.78 5.90
N ARG C 116 -7.00 -30.12 5.64
CA ARG C 116 -7.66 -31.16 6.43
C ARG C 116 -7.05 -32.54 6.21
N ASN C 117 -6.26 -32.72 5.16
CA ASN C 117 -5.50 -33.93 4.92
C ASN C 117 -4.03 -33.75 5.32
N LEU C 118 -3.78 -33.01 6.39
CA LEU C 118 -2.41 -32.65 6.74
C LEU C 118 -1.59 -33.88 7.09
N GLU C 119 -2.16 -34.75 7.93
CA GLU C 119 -1.43 -35.92 8.40
C GLU C 119 -1.05 -36.83 7.25
N LEU C 120 -1.93 -36.96 6.25
CA LEU C 120 -1.66 -37.90 5.16
C LEU C 120 -0.50 -37.43 4.30
N LEU C 121 -0.51 -36.16 3.89
CA LEU C 121 0.59 -35.66 3.06
C LEU C 121 1.88 -35.56 3.86
N ALA C 122 1.79 -35.22 5.14
CA ALA C 122 3.00 -35.19 5.98
C ALA C 122 3.60 -36.59 6.12
N THR C 123 2.76 -37.59 6.34
CA THR C 123 3.23 -38.96 6.45
C THR C 123 3.82 -39.43 5.12
N ALA C 124 3.20 -39.05 4.01
CA ALA C 124 3.74 -39.42 2.71
C ALA C 124 5.13 -38.83 2.51
N GLU C 125 5.31 -37.56 2.86
CA GLU C 125 6.61 -36.93 2.66
C GLU C 125 7.65 -37.51 3.62
N THR C 126 7.25 -37.86 4.85
CA THR C 126 8.18 -38.48 5.79
C THR C 126 8.62 -39.85 5.31
N TRP C 127 7.68 -40.70 4.91
CA TRP C 127 8.02 -42.01 4.41
C TRP C 127 8.90 -41.92 3.18
N ASP C 128 8.61 -40.96 2.30
CA ASP C 128 9.31 -40.86 1.02
C ASP C 128 10.69 -40.25 1.15
N ASN C 129 10.90 -39.33 2.09
CA ASN C 129 12.15 -38.58 2.15
C ASN C 129 12.95 -38.84 3.42
N GLY C 130 12.35 -39.40 4.46
CA GLY C 130 13.06 -39.66 5.69
C GLY C 130 13.15 -38.49 6.63
N LYS C 131 12.53 -37.36 6.30
CA LYS C 131 12.49 -36.23 7.20
C LYS C 131 11.65 -36.59 8.43
N PRO C 132 11.89 -35.92 9.55
CA PRO C 132 11.11 -36.22 10.76
C PRO C 132 9.63 -35.94 10.55
N ILE C 133 8.80 -36.70 11.27
CA ILE C 133 7.37 -36.42 11.27
C ILE C 133 7.05 -35.19 12.12
N ARG C 134 7.91 -34.85 13.08
CA ARG C 134 7.75 -33.60 13.80
C ARG C 134 7.98 -32.41 12.89
N GLU C 135 8.93 -32.53 11.97
CA GLU C 135 9.34 -31.45 11.08
C GLU C 135 8.45 -31.32 9.86
N THR C 136 7.48 -32.22 9.68
CA THR C 136 6.59 -32.17 8.52
C THR C 136 5.21 -31.61 8.82
N MET C 137 4.61 -31.95 9.97
CA MET C 137 3.36 -31.31 10.33
C MET C 137 3.56 -29.98 11.03
N ALA C 138 4.75 -29.39 10.95
CA ALA C 138 5.01 -28.13 11.64
C ALA C 138 5.62 -27.10 10.72
N ALA C 139 6.39 -27.52 9.72
CA ALA C 139 7.16 -26.59 8.91
C ALA C 139 7.09 -26.81 7.43
N ASP C 140 6.58 -27.95 6.95
CA ASP C 140 6.54 -28.24 5.52
C ASP C 140 5.15 -28.10 4.95
N LEU C 141 4.19 -28.86 5.49
CA LEU C 141 2.82 -28.73 5.02
C LEU C 141 2.25 -27.35 5.32
N PRO C 142 2.18 -26.90 6.59
CA PRO C 142 1.60 -25.57 6.83
C PRO C 142 2.23 -24.47 5.97
N LEU C 143 3.53 -24.57 5.70
CA LEU C 143 4.15 -23.65 4.76
C LEU C 143 3.61 -23.83 3.35
N ALA C 144 3.32 -25.06 2.94
CA ALA C 144 2.80 -25.28 1.58
C ALA C 144 1.39 -24.72 1.43
N ILE C 145 0.51 -25.04 2.39
CA ILE C 145 -0.85 -24.51 2.38
C ILE C 145 -0.82 -22.98 2.44
N ASP C 146 0.03 -22.42 3.29
CA ASP C 146 0.09 -20.96 3.39
C ASP C 146 0.65 -20.35 2.11
N HIS C 147 1.53 -21.05 1.40
CA HIS C 147 1.98 -20.56 0.11
C HIS C 147 0.84 -20.52 -0.89
N PHE C 148 0.02 -21.57 -0.90
CA PHE C 148 -1.14 -21.58 -1.79
C PHE C 148 -2.08 -20.42 -1.50
N ARG C 149 -2.42 -20.24 -0.23
CA ARG C 149 -3.30 -19.15 0.15
C ARG C 149 -2.69 -17.79 -0.17
N TYR C 150 -1.38 -17.66 0.08
CA TYR C 150 -0.70 -16.40 -0.17
C TYR C 150 -0.72 -16.03 -1.64
N PHE C 151 -0.42 -16.97 -2.52
CA PHE C 151 -0.42 -16.61 -3.93
C PHE C 151 -1.83 -16.54 -4.49
N ALA C 152 -2.82 -17.11 -3.82
CA ALA C 152 -4.19 -16.75 -4.11
C ALA C 152 -4.46 -15.31 -3.71
N GLY C 153 -3.77 -14.81 -2.68
CA GLY C 153 -3.97 -13.46 -2.23
C GLY C 153 -3.22 -12.41 -3.02
N VAL C 154 -2.08 -12.77 -3.60
CA VAL C 154 -1.31 -11.82 -4.40
C VAL C 154 -1.91 -11.64 -5.78
N LEU C 155 -2.64 -12.63 -6.29
CA LEU C 155 -3.29 -12.50 -7.58
C LEU C 155 -4.51 -11.59 -7.49
N ARG C 156 -5.22 -11.62 -6.36
CA ARG C 156 -6.33 -10.70 -6.17
C ARG C 156 -5.87 -9.25 -6.14
N ALA C 157 -4.76 -8.98 -5.45
CA ALA C 157 -4.24 -7.63 -5.34
C ALA C 157 -3.43 -7.18 -6.55
N GLN C 158 -3.17 -8.08 -7.49
CA GLN C 158 -2.30 -7.74 -8.60
C GLN C 158 -2.95 -6.74 -9.54
N GLU C 159 -2.12 -5.88 -10.13
CA GLU C 159 -2.58 -4.85 -11.04
C GLU C 159 -1.55 -4.67 -12.15
N GLY C 160 -2.03 -4.23 -13.30
CA GLY C 160 -1.17 -3.71 -14.33
C GLY C 160 -0.92 -2.24 -14.06
N SER C 161 -0.53 -1.51 -15.11
CA SER C 161 -0.20 -0.11 -14.88
C SER C 161 -0.64 0.74 -16.06
N ILE C 162 -1.12 1.94 -15.75
CA ILE C 162 -1.47 2.94 -16.76
C ILE C 162 -0.47 4.07 -16.67
N SER C 163 0.10 4.45 -17.79
CA SER C 163 0.96 5.62 -17.89
C SER C 163 0.28 6.63 -18.80
N GLN C 164 -0.13 7.75 -18.23
CA GLN C 164 -0.77 8.83 -18.96
C GLN C 164 0.32 9.64 -19.64
N ILE C 165 0.62 9.30 -20.89
CA ILE C 165 1.67 9.99 -21.61
C ILE C 165 1.34 11.47 -21.75
N ASP C 166 0.12 11.77 -22.16
CA ASP C 166 -0.35 13.13 -22.35
C ASP C 166 -1.88 13.09 -22.30
N ASP C 167 -2.52 14.16 -22.75
CA ASP C 167 -3.97 14.18 -22.79
C ASP C 167 -4.53 13.21 -23.83
N ASP C 168 -3.76 12.85 -24.84
CA ASP C 168 -4.26 12.05 -25.95
C ASP C 168 -3.78 10.61 -25.94
N THR C 169 -2.61 10.32 -25.38
CA THR C 169 -1.97 9.02 -25.50
C THR C 169 -1.87 8.38 -24.13
N VAL C 170 -2.27 7.10 -24.05
CA VAL C 170 -2.29 6.35 -22.80
C VAL C 170 -1.62 5.00 -23.06
N ALA C 171 -0.79 4.56 -22.12
CA ALA C 171 -0.15 3.25 -22.22
C ALA C 171 -0.68 2.34 -21.13
N TYR C 172 -1.14 1.15 -21.53
CA TYR C 172 -1.69 0.16 -20.62
C TYR C 172 -0.76 -1.03 -20.55
N HIS C 173 -0.56 -1.56 -19.34
CA HIS C 173 0.32 -2.71 -19.14
C HIS C 173 -0.46 -3.77 -18.38
N PHE C 174 -0.83 -4.84 -19.08
CA PHE C 174 -1.52 -5.99 -18.53
C PHE C 174 -0.53 -7.11 -18.23
N HIS C 175 -0.94 -7.99 -17.32
CA HIS C 175 -0.18 -9.19 -16.97
C HIS C 175 -0.84 -10.40 -17.61
N GLU C 176 -0.10 -11.10 -18.47
CA GLU C 176 -0.54 -12.30 -19.16
C GLU C 176 0.22 -13.52 -18.65
N PRO C 177 -0.39 -14.71 -18.70
CA PRO C 177 0.35 -15.92 -18.33
C PRO C 177 1.44 -16.22 -19.35
N LEU C 178 2.43 -16.99 -18.91
CA LEU C 178 3.50 -17.39 -19.83
C LEU C 178 3.06 -18.46 -20.79
N GLY C 179 2.12 -19.32 -20.37
CA GLY C 179 1.75 -20.46 -21.17
C GLY C 179 1.97 -21.76 -20.42
N VAL C 180 2.94 -22.55 -20.87
CA VAL C 180 3.33 -23.80 -20.21
C VAL C 180 4.69 -23.62 -19.58
N VAL C 181 4.85 -24.10 -18.36
CA VAL C 181 6.11 -24.06 -17.63
C VAL C 181 6.37 -25.42 -17.00
N GLY C 182 7.58 -25.94 -17.20
CA GLY C 182 7.97 -27.22 -16.65
C GLY C 182 8.87 -27.05 -15.44
N GLN C 183 8.55 -27.77 -14.37
CA GLN C 183 9.21 -27.63 -13.09
C GLN C 183 9.90 -28.94 -12.70
N ILE C 184 11.14 -28.83 -12.26
CA ILE C 184 11.95 -29.97 -11.85
C ILE C 184 12.16 -29.86 -10.35
N ILE C 185 11.38 -30.60 -9.58
CA ILE C 185 11.38 -30.53 -8.12
C ILE C 185 12.64 -31.20 -7.57
N PRO C 186 13.33 -30.59 -6.61
CA PRO C 186 14.46 -31.28 -5.97
C PRO C 186 13.96 -32.33 -4.99
N TRP C 187 14.86 -33.00 -4.29
CA TRP C 187 14.46 -33.99 -3.29
C TRP C 187 14.56 -33.46 -1.87
N ASN C 188 14.87 -32.18 -1.70
CA ASN C 188 15.09 -31.62 -0.36
C ASN C 188 13.77 -31.51 0.39
N PHE C 189 12.86 -30.69 -0.13
CA PHE C 189 11.46 -30.69 0.31
C PHE C 189 10.65 -31.06 -0.92
N PRO C 190 10.31 -32.34 -1.11
CA PRO C 190 9.60 -32.73 -2.33
C PRO C 190 8.15 -32.29 -2.38
N LEU C 191 7.60 -31.78 -1.27
CA LEU C 191 6.27 -31.21 -1.28
C LEU C 191 6.24 -29.72 -1.01
N LEU C 192 7.08 -29.24 -0.09
CA LEU C 192 7.15 -27.80 0.16
C LEU C 192 7.69 -27.06 -1.06
N MET C 193 8.77 -27.56 -1.66
CA MET C 193 9.34 -26.89 -2.81
C MET C 193 8.49 -27.06 -4.06
N ALA C 194 7.83 -28.22 -4.19
CA ALA C 194 6.91 -28.42 -5.30
C ALA C 194 5.79 -27.40 -5.26
N CYS C 195 5.22 -27.16 -4.08
CA CYS C 195 4.18 -26.14 -3.98
C CYS C 195 4.74 -24.74 -4.13
N TRP C 196 5.95 -24.49 -3.61
CA TRP C 196 6.58 -23.19 -3.79
C TRP C 196 6.76 -22.86 -5.26
N LYS C 197 6.96 -23.88 -6.09
CA LYS C 197 7.14 -23.67 -7.53
C LYS C 197 5.83 -23.76 -8.30
N LEU C 198 4.82 -24.43 -7.76
CA LEU C 198 3.53 -24.51 -8.44
C LEU C 198 2.69 -23.27 -8.22
N ALA C 199 2.42 -22.94 -6.95
CA ALA C 199 1.43 -21.91 -6.64
C ALA C 199 1.63 -20.62 -7.42
N PRO C 200 2.84 -20.04 -7.51
CA PRO C 200 2.99 -18.88 -8.41
C PRO C 200 2.66 -19.19 -9.86
N ALA C 201 3.00 -20.39 -10.34
CA ALA C 201 2.80 -20.69 -11.76
C ALA C 201 1.33 -20.95 -12.09
N ILE C 202 0.57 -21.47 -11.13
CA ILE C 202 -0.86 -21.69 -11.35
C ILE C 202 -1.66 -20.43 -11.07
N ALA C 203 -1.23 -19.61 -10.12
CA ALA C 203 -1.88 -18.32 -9.89
C ALA C 203 -1.78 -17.44 -11.13
N ALA C 204 -0.62 -17.41 -11.76
CA ALA C 204 -0.45 -16.61 -12.97
C ALA C 204 -1.20 -17.19 -14.16
N GLY C 205 -1.77 -18.39 -14.04
CA GLY C 205 -2.57 -18.95 -15.11
C GLY C 205 -1.82 -19.84 -16.07
N ASN C 206 -0.80 -20.54 -15.63
CA ASN C 206 -0.01 -21.42 -16.47
C ASN C 206 -0.36 -22.88 -16.20
N CYS C 207 -0.12 -23.72 -17.20
CA CYS C 207 -0.15 -25.16 -17.04
C CYS C 207 1.25 -25.66 -16.79
N VAL C 208 1.38 -26.61 -15.86
CA VAL C 208 2.68 -27.03 -15.36
C VAL C 208 2.92 -28.49 -15.70
N VAL C 209 4.14 -28.79 -16.11
CA VAL C 209 4.63 -30.16 -16.28
C VAL C 209 5.67 -30.40 -15.21
N LEU C 210 5.41 -31.32 -14.31
CA LEU C 210 6.30 -31.60 -13.19
C LEU C 210 7.09 -32.87 -13.43
N LYS C 211 8.39 -32.82 -13.13
CA LYS C 211 9.18 -34.03 -12.96
C LYS C 211 9.77 -34.04 -11.56
N PRO C 212 9.17 -34.76 -10.61
CA PRO C 212 9.82 -34.93 -9.30
C PRO C 212 11.12 -35.69 -9.44
N ALA C 213 12.09 -35.33 -8.61
CA ALA C 213 13.37 -36.03 -8.59
C ALA C 213 13.17 -37.47 -8.12
N GLU C 214 13.86 -38.39 -8.79
CA GLU C 214 13.68 -39.81 -8.51
C GLU C 214 14.19 -40.23 -7.13
N GLN C 215 14.93 -39.38 -6.43
CA GLN C 215 15.34 -39.72 -5.08
C GLN C 215 14.12 -39.86 -4.17
N THR C 216 13.17 -38.95 -4.30
CA THR C 216 11.99 -38.90 -3.44
C THR C 216 10.76 -38.63 -4.29
N PRO C 217 10.33 -39.59 -5.11
CA PRO C 217 9.16 -39.35 -5.95
C PRO C 217 7.87 -39.58 -5.19
N ALA C 218 6.74 -39.42 -5.87
CA ALA C 218 5.50 -40.08 -5.50
C ALA C 218 4.87 -39.59 -4.20
N GLY C 219 5.53 -38.67 -3.47
CA GLY C 219 4.79 -37.84 -2.54
C GLY C 219 4.00 -36.80 -3.29
N ILE C 220 4.56 -36.33 -4.41
CA ILE C 220 3.83 -35.51 -5.36
C ILE C 220 2.72 -36.33 -6.02
N MET C 221 2.94 -37.63 -6.22
CA MET C 221 1.87 -38.48 -6.71
C MET C 221 0.71 -38.55 -5.72
N VAL C 222 1.02 -38.66 -4.43
CA VAL C 222 -0.02 -38.66 -3.41
C VAL C 222 -0.77 -37.34 -3.43
N TRP C 223 -0.03 -36.24 -3.51
CA TRP C 223 -0.65 -34.91 -3.52
C TRP C 223 -1.54 -34.73 -4.74
N ALA C 224 -1.09 -35.19 -5.90
CA ALA C 224 -1.92 -35.13 -7.11
C ALA C 224 -3.16 -35.98 -6.97
N ASN C 225 -3.02 -37.21 -6.46
CA ASN C 225 -4.20 -38.03 -6.22
C ASN C 225 -5.15 -37.37 -5.24
N LEU C 226 -4.65 -36.45 -4.42
CA LEU C 226 -5.53 -35.73 -3.50
C LEU C 226 -6.26 -34.58 -4.19
N ILE C 227 -5.57 -33.80 -5.03
CA ILE C 227 -6.13 -32.53 -5.49
C ILE C 227 -6.49 -32.51 -6.98
N GLY C 228 -5.75 -33.20 -7.84
CA GLY C 228 -5.68 -32.91 -9.26
C GLY C 228 -6.95 -32.61 -10.03
N ASP C 229 -8.10 -33.10 -9.56
CA ASP C 229 -9.33 -32.85 -10.29
C ASP C 229 -9.81 -31.42 -10.11
N LEU C 230 -9.37 -30.73 -9.06
CA LEU C 230 -9.72 -29.33 -8.85
C LEU C 230 -9.24 -28.43 -9.96
N LEU C 231 -8.29 -28.86 -10.75
CA LEU C 231 -7.77 -28.06 -11.84
C LEU C 231 -8.32 -28.59 -13.17
N PRO C 232 -8.45 -27.74 -14.18
CA PRO C 232 -8.85 -28.22 -15.50
C PRO C 232 -7.89 -29.28 -16.00
N PRO C 233 -8.40 -30.35 -16.59
CA PRO C 233 -7.52 -31.41 -17.11
C PRO C 233 -6.42 -30.88 -18.02
N GLY C 234 -5.18 -31.13 -17.64
CA GLY C 234 -4.04 -30.60 -18.34
C GLY C 234 -3.41 -29.38 -17.72
N VAL C 235 -3.83 -29.00 -16.52
CA VAL C 235 -3.18 -27.89 -15.83
C VAL C 235 -2.02 -28.39 -14.96
N LEU C 236 -2.21 -29.52 -14.29
CA LEU C 236 -1.17 -30.10 -13.43
C LEU C 236 -0.79 -31.46 -14.00
N ASN C 237 0.30 -31.50 -14.76
CA ASN C 237 0.83 -32.73 -15.34
C ASN C 237 2.09 -33.11 -14.58
N ILE C 238 2.17 -34.36 -14.12
CA ILE C 238 3.30 -34.81 -13.32
C ILE C 238 3.83 -36.08 -13.95
N VAL C 239 4.82 -35.95 -14.83
CA VAL C 239 5.56 -37.10 -15.34
C VAL C 239 6.55 -37.52 -14.27
N ASN C 240 7.15 -38.70 -14.41
CA ASN C 240 8.12 -39.13 -13.42
C ASN C 240 9.12 -40.08 -14.08
N GLY C 241 10.30 -40.16 -13.49
CA GLY C 241 11.35 -40.99 -14.04
C GLY C 241 12.74 -40.61 -13.54
N PHE C 242 13.70 -40.52 -14.44
CA PHE C 242 15.08 -40.21 -14.07
C PHE C 242 15.50 -38.86 -14.66
N GLY C 243 16.47 -38.24 -14.01
CA GLY C 243 16.90 -36.91 -14.43
C GLY C 243 17.48 -36.90 -15.83
N LEU C 244 18.32 -37.89 -16.15
CA LEU C 244 18.85 -38.04 -17.49
C LEU C 244 17.87 -38.69 -18.45
N GLU C 245 16.80 -39.27 -17.94
CA GLU C 245 15.81 -39.97 -18.75
C GLU C 245 14.60 -39.11 -19.04
N ALA C 246 13.92 -38.63 -18.00
CA ALA C 246 12.70 -37.84 -18.15
C ALA C 246 12.98 -36.35 -18.26
N GLY C 247 13.83 -35.81 -17.39
CA GLY C 247 14.00 -34.37 -17.32
C GLY C 247 14.69 -33.77 -18.53
N LYS C 248 15.70 -34.45 -19.06
CA LYS C 248 16.48 -33.87 -20.15
C LYS C 248 15.63 -33.51 -21.36
N PRO C 249 14.71 -34.35 -21.85
CA PRO C 249 13.81 -33.88 -22.92
C PRO C 249 12.91 -32.74 -22.46
N LEU C 250 12.54 -32.71 -21.19
CA LEU C 250 11.67 -31.64 -20.68
C LEU C 250 12.44 -30.33 -20.54
N ALA C 251 13.55 -30.35 -19.80
CA ALA C 251 14.30 -29.12 -19.56
C ALA C 251 14.85 -28.54 -20.84
N SER C 252 15.12 -29.39 -21.83
CA SER C 252 15.54 -28.96 -23.16
C SER C 252 14.36 -29.19 -24.09
N SER C 253 13.45 -28.22 -24.13
CA SER C 253 12.25 -28.32 -24.96
C SER C 253 11.95 -26.95 -25.54
N ASN C 254 11.79 -26.88 -26.87
CA ASN C 254 11.43 -25.63 -27.53
C ASN C 254 9.96 -25.29 -27.40
N ARG C 255 9.21 -26.04 -26.58
CA ARG C 255 7.80 -25.76 -26.34
C ARG C 255 7.59 -24.91 -25.11
N ILE C 256 8.05 -25.38 -23.95
CA ILE C 256 7.85 -24.65 -22.70
C ILE C 256 8.70 -23.39 -22.71
N ALA C 257 8.07 -22.26 -22.39
CA ALA C 257 8.77 -20.97 -22.49
C ALA C 257 9.84 -20.83 -21.42
N LYS C 258 9.63 -21.41 -20.24
CA LYS C 258 10.56 -21.24 -19.14
C LYS C 258 10.73 -22.56 -18.40
N ILE C 259 11.86 -22.70 -17.72
CA ILE C 259 12.14 -23.88 -16.90
C ILE C 259 12.47 -23.44 -15.48
N GLY C 287 22.70 -23.28 -3.38
CA GLY C 287 23.21 -24.06 -2.27
C GLY C 287 24.69 -23.88 -2.01
N GLY C 288 25.01 -23.26 -0.88
CA GLY C 288 26.40 -23.00 -0.50
C GLY C 288 26.59 -23.12 0.98
N LYS C 289 27.47 -22.28 1.53
CA LYS C 289 27.78 -22.28 2.95
C LYS C 289 27.25 -21.00 3.57
N SER C 290 26.40 -21.14 4.59
CA SER C 290 25.70 -19.99 5.17
C SER C 290 26.23 -19.71 6.56
N PRO C 291 26.92 -18.59 6.77
CA PRO C 291 27.44 -18.28 8.10
C PRO C 291 26.34 -18.06 9.11
N ASN C 292 26.69 -18.26 10.37
CA ASN C 292 25.78 -18.11 11.50
C ASN C 292 26.47 -17.32 12.60
N ILE C 293 27.02 -16.15 12.24
CA ILE C 293 27.87 -15.37 13.12
C ILE C 293 27.22 -15.16 14.48
N PHE C 294 28.00 -15.35 15.54
CA PHE C 294 27.59 -15.06 16.91
C PHE C 294 28.56 -14.03 17.47
N PHE C 295 28.05 -12.84 17.79
CA PHE C 295 28.87 -11.80 18.39
C PHE C 295 28.86 -11.94 19.91
N ALA C 296 29.80 -11.26 20.56
CA ALA C 296 29.88 -11.31 22.01
C ALA C 296 28.65 -10.72 22.67
N ASP C 297 27.84 -9.98 21.91
CA ASP C 297 26.63 -9.39 22.47
C ASP C 297 25.68 -10.46 23.01
N VAL C 298 25.54 -11.58 22.28
CA VAL C 298 24.52 -12.57 22.60
C VAL C 298 24.72 -13.18 23.98
N ALA C 299 25.92 -13.05 24.55
CA ALA C 299 26.26 -13.72 25.80
C ALA C 299 26.33 -12.76 26.98
N ARG C 300 25.52 -11.71 27.01
CA ARG C 300 25.46 -10.86 28.19
C ARG C 300 24.83 -11.59 29.36
N GLU C 301 23.70 -12.26 29.12
CA GLU C 301 22.98 -12.95 30.18
C GLU C 301 22.44 -14.28 29.67
N ASP C 302 22.21 -15.19 30.62
CA ASP C 302 21.66 -16.52 30.35
C ASP C 302 20.16 -16.52 30.66
N ASP C 303 19.39 -15.75 29.89
CA ASP C 303 17.96 -15.64 30.17
C ASP C 303 17.09 -16.21 29.06
N ASP C 304 17.02 -15.59 27.89
CA ASP C 304 16.16 -16.11 26.84
C ASP C 304 16.72 -15.94 25.44
N PHE C 305 17.58 -14.94 25.24
CA PHE C 305 18.18 -14.75 23.93
C PHE C 305 19.39 -15.62 23.73
N PHE C 306 20.07 -16.02 24.80
CA PHE C 306 21.18 -16.95 24.65
C PHE C 306 20.68 -18.37 24.42
N ASP C 307 19.57 -18.74 25.07
CA ASP C 307 18.93 -20.01 24.74
C ASP C 307 18.50 -20.04 23.28
N LYS C 308 17.90 -18.95 22.80
CA LYS C 308 17.53 -18.85 21.39
C LYS C 308 18.76 -18.88 20.49
N ALA C 309 19.86 -18.29 20.94
CA ALA C 309 21.08 -18.30 20.15
C ALA C 309 21.62 -19.71 19.98
N LEU C 310 21.67 -20.47 21.08
CA LEU C 310 22.11 -21.86 20.99
C LEU C 310 21.15 -22.68 20.13
N GLU C 311 19.85 -22.52 20.35
CA GLU C 311 18.86 -23.25 19.57
C GLU C 311 18.95 -22.92 18.09
N GLY C 312 19.35 -21.70 17.74
CA GLY C 312 19.61 -21.34 16.37
C GLY C 312 20.97 -21.74 15.86
N PHE C 313 21.88 -22.10 16.76
CA PHE C 313 23.15 -22.70 16.35
C PHE C 313 22.93 -24.12 15.84
N THR C 314 22.08 -24.88 16.53
CA THR C 314 21.76 -26.26 16.14
C THR C 314 20.71 -26.26 15.04
N MET C 315 21.04 -25.62 13.93
CA MET C 315 20.16 -25.53 12.78
C MET C 315 20.68 -26.28 11.57
N PHE C 316 21.90 -26.79 11.64
CA PHE C 316 22.36 -27.76 10.64
C PHE C 316 21.61 -29.08 10.77
N ALA C 317 21.09 -29.38 11.96
CA ALA C 317 20.47 -30.65 12.28
C ALA C 317 18.96 -30.62 12.15
N LEU C 318 18.41 -29.59 11.51
CA LEU C 318 16.99 -29.55 11.16
C LEU C 318 16.87 -29.89 9.68
N ASN C 319 16.07 -30.91 9.38
CA ASN C 319 15.95 -31.42 8.01
C ASN C 319 17.31 -31.84 7.47
N GLN C 320 18.15 -32.39 8.37
CA GLN C 320 19.37 -33.11 8.02
C GLN C 320 20.28 -32.31 7.08
N GLY C 321 20.29 -30.99 7.25
CA GLY C 321 21.24 -30.15 6.56
C GLY C 321 21.25 -30.19 5.04
N GLU C 322 20.28 -30.87 4.43
CA GLU C 322 20.21 -30.83 2.97
C GLU C 322 19.71 -29.49 2.45
N VAL C 323 19.26 -28.59 3.34
CA VAL C 323 18.77 -27.29 2.92
C VAL C 323 19.86 -26.55 2.17
N CYS C 324 19.47 -25.86 1.10
CA CYS C 324 20.46 -25.13 0.31
C CYS C 324 21.05 -23.95 1.09
N THR C 325 20.31 -23.42 2.05
CA THR C 325 20.79 -22.34 2.93
C THR C 325 21.24 -22.88 4.27
N CYS C 326 21.86 -24.05 4.30
CA CYS C 326 22.24 -24.68 5.56
C CYS C 326 23.20 -23.80 6.34
N PRO C 327 22.94 -23.52 7.62
CA PRO C 327 23.86 -22.76 8.47
C PRO C 327 25.02 -23.64 8.96
N SER C 328 25.85 -24.07 8.02
CA SER C 328 26.91 -25.03 8.27
C SER C 328 28.26 -24.37 8.47
N ARG C 329 28.27 -23.14 9.00
CA ARG C 329 29.51 -22.41 9.22
C ARG C 329 29.24 -21.39 10.34
N VAL C 330 29.69 -21.70 11.55
CA VAL C 330 29.33 -20.93 12.73
C VAL C 330 30.55 -20.15 13.21
N LEU C 331 30.41 -18.82 13.24
CA LEU C 331 31.46 -17.90 13.68
C LEU C 331 31.09 -17.40 15.06
N ILE C 332 31.87 -17.79 16.07
CA ILE C 332 31.59 -17.41 17.45
C ILE C 332 32.68 -16.46 17.92
N GLN C 333 32.27 -15.41 18.63
CA GLN C 333 33.22 -14.43 19.14
C GLN C 333 34.20 -15.07 20.11
N GLU C 334 35.46 -14.67 20.01
CA GLU C 334 36.50 -15.25 20.87
C GLU C 334 36.19 -15.01 22.35
N SER C 335 35.61 -13.86 22.68
CA SER C 335 35.30 -13.54 24.06
C SER C 335 34.15 -14.35 24.64
N ILE C 336 33.44 -15.13 23.82
CA ILE C 336 32.33 -15.95 24.27
C ILE C 336 32.43 -17.39 23.80
N TYR C 337 33.51 -17.76 23.13
CA TYR C 337 33.56 -19.06 22.47
C TYR C 337 33.46 -20.20 23.47
N ASP C 338 34.14 -20.10 24.61
CA ASP C 338 34.20 -21.22 25.53
C ASP C 338 32.82 -21.59 26.07
N LYS C 339 32.09 -20.61 26.61
CA LYS C 339 30.79 -20.89 27.20
C LYS C 339 29.77 -21.26 26.13
N PHE C 340 29.81 -20.56 25.00
CA PHE C 340 28.87 -20.84 23.92
C PHE C 340 29.05 -22.26 23.40
N MET C 341 30.31 -22.70 23.24
CA MET C 341 30.54 -24.06 22.78
C MET C 341 30.26 -25.10 23.85
N GLU C 342 30.46 -24.76 25.13
CA GLU C 342 29.96 -25.62 26.19
C GLU C 342 28.49 -25.94 25.98
N ARG C 343 27.65 -24.89 25.97
CA ARG C 343 26.22 -25.11 25.83
C ARG C 343 25.86 -25.70 24.47
N ALA C 344 26.61 -25.33 23.42
CA ALA C 344 26.30 -25.83 22.09
C ALA C 344 26.56 -27.32 21.96
N VAL C 345 27.65 -27.81 22.54
CA VAL C 345 27.91 -29.24 22.53
C VAL C 345 26.91 -29.97 23.41
N GLN C 346 26.54 -29.38 24.57
CA GLN C 346 25.47 -29.99 25.34
C GLN C 346 24.17 -30.05 24.56
N ARG C 347 23.96 -29.13 23.61
CA ARG C 347 22.72 -29.10 22.86
C ARG C 347 22.71 -30.04 21.66
N VAL C 348 23.82 -30.14 20.92
CA VAL C 348 23.82 -30.98 19.72
C VAL C 348 23.73 -32.45 20.09
N GLN C 349 24.43 -32.85 21.15
CA GLN C 349 24.32 -34.23 21.64
C GLN C 349 22.98 -34.49 22.32
N ALA C 350 22.17 -33.46 22.56
CA ALA C 350 20.82 -33.63 23.07
C ALA C 350 19.80 -33.83 21.97
N ILE C 351 20.23 -33.86 20.72
CA ILE C 351 19.35 -34.16 19.60
C ILE C 351 19.04 -35.65 19.60
N LYS C 352 17.75 -35.99 19.47
CA LYS C 352 17.32 -37.38 19.50
C LYS C 352 17.21 -37.90 18.07
N GLN C 353 18.24 -38.62 17.63
CA GLN C 353 18.18 -39.31 16.35
C GLN C 353 17.46 -40.62 16.51
N GLY C 354 16.74 -41.02 15.46
CA GLY C 354 15.96 -42.25 15.52
C GLY C 354 15.09 -42.39 14.30
N ASP C 355 13.99 -43.13 14.46
CA ASP C 355 13.06 -43.34 13.36
C ASP C 355 12.36 -42.03 13.05
N PRO C 356 12.48 -41.50 11.83
CA PRO C 356 11.91 -40.17 11.55
C PRO C 356 10.41 -40.08 11.81
N ARG C 357 9.69 -41.16 11.59
CA ARG C 357 8.23 -41.13 11.64
C ARG C 357 7.69 -41.64 12.97
N GLU C 358 8.08 -41.07 14.11
CA GLU C 358 7.44 -41.56 15.32
C GLU C 358 6.59 -40.51 16.02
N SER C 359 7.21 -39.56 16.71
CA SER C 359 6.55 -38.31 17.06
C SER C 359 7.54 -37.17 17.17
N ASP C 360 8.78 -37.51 17.51
CA ASP C 360 9.71 -36.56 18.11
C ASP C 360 11.15 -36.72 17.68
N THR C 361 11.45 -37.60 16.74
CA THR C 361 12.79 -37.73 16.20
C THR C 361 13.23 -36.40 15.60
N MET C 362 14.29 -35.81 16.15
CA MET C 362 14.71 -34.50 15.66
C MET C 362 15.47 -34.58 14.35
N ILE C 363 15.94 -35.74 13.94
CA ILE C 363 16.75 -35.86 12.74
C ILE C 363 16.61 -37.27 12.17
N GLY C 364 16.40 -37.37 10.85
CA GLY C 364 16.12 -38.65 10.22
C GLY C 364 17.06 -39.03 9.10
N ALA C 365 16.67 -40.02 8.30
CA ALA C 365 17.51 -40.53 7.23
C ALA C 365 17.73 -39.47 6.16
N GLN C 366 18.83 -39.59 5.42
CA GLN C 366 19.25 -38.41 4.69
C GLN C 366 18.51 -38.22 3.38
N ALA C 367 18.89 -38.94 2.33
CA ALA C 367 18.09 -38.99 1.11
C ALA C 367 18.22 -40.30 0.36
N SER C 368 19.37 -40.95 0.48
CA SER C 368 19.74 -42.04 -0.42
C SER C 368 21.08 -42.66 -0.03
N SER C 369 21.58 -43.56 -0.88
CA SER C 369 22.95 -44.07 -0.71
C SER C 369 23.98 -43.03 -1.13
N GLU C 370 23.73 -42.33 -2.23
CA GLU C 370 24.67 -41.31 -2.71
C GLU C 370 24.83 -40.19 -1.70
N GLN C 371 23.75 -39.85 -1.00
CA GLN C 371 23.84 -38.86 0.08
C GLN C 371 24.83 -39.31 1.13
N LYS C 372 24.70 -40.55 1.60
CA LYS C 372 25.63 -41.03 2.61
C LYS C 372 27.05 -41.10 2.10
N GLU C 373 27.26 -41.52 0.85
CA GLU C 373 28.65 -41.61 0.37
C GLU C 373 29.29 -40.22 0.31
N LYS C 374 28.54 -39.22 -0.18
CA LYS C 374 29.10 -37.87 -0.21
C LYS C 374 29.36 -37.34 1.20
N ILE C 375 28.39 -37.51 2.11
CA ILE C 375 28.56 -36.98 3.46
C ILE C 375 29.74 -37.65 4.16
N LEU C 376 29.84 -38.97 4.03
CA LEU C 376 30.94 -39.69 4.66
C LEU C 376 32.29 -39.32 4.05
N SER C 377 32.34 -39.13 2.74
CA SER C 377 33.59 -38.74 2.11
C SER C 377 34.05 -37.38 2.60
N TYR C 378 33.14 -36.40 2.59
CA TYR C 378 33.51 -35.07 3.08
C TYR C 378 33.87 -35.10 4.56
N LEU C 379 33.17 -35.92 5.34
CA LEU C 379 33.47 -36.02 6.77
C LEU C 379 34.87 -36.58 6.99
N ASP C 380 35.24 -37.61 6.24
CA ASP C 380 36.58 -38.18 6.38
C ASP C 380 37.64 -37.19 5.94
N ILE C 381 37.40 -36.50 4.83
CA ILE C 381 38.36 -35.50 4.35
C ILE C 381 38.53 -34.41 5.38
N GLY C 382 37.45 -34.03 6.07
CA GLY C 382 37.58 -33.09 7.16
C GLY C 382 38.41 -33.64 8.30
N LYS C 383 38.11 -34.89 8.71
CA LYS C 383 38.83 -35.50 9.82
C LYS C 383 40.33 -35.56 9.56
N LYS C 384 40.75 -35.76 8.31
CA LYS C 384 42.17 -35.85 8.02
C LYS C 384 42.89 -34.54 8.35
N GLU C 385 42.51 -33.44 7.70
CA GLU C 385 43.27 -32.20 7.81
C GLU C 385 43.22 -31.56 9.19
N GLY C 386 42.47 -32.13 10.12
CA GLY C 386 42.43 -31.62 11.49
C GLY C 386 41.20 -30.78 11.70
N ALA C 387 40.15 -31.41 12.21
CA ALA C 387 38.82 -30.82 12.26
C ALA C 387 38.15 -31.18 13.57
N GLU C 388 38.84 -30.94 14.68
CA GLU C 388 38.59 -31.58 15.96
C GLU C 388 37.10 -31.80 16.19
N VAL C 389 36.72 -33.06 16.35
CA VAL C 389 35.32 -33.45 16.43
C VAL C 389 34.87 -33.31 17.87
N LEU C 390 33.88 -32.45 18.10
CA LEU C 390 33.31 -32.30 19.42
C LEU C 390 32.16 -33.26 19.66
N THR C 391 31.49 -33.70 18.59
CA THR C 391 30.48 -34.75 18.68
C THR C 391 30.26 -35.33 17.29
N GLY C 392 29.70 -36.54 17.26
CA GLY C 392 29.40 -37.18 16.00
C GLY C 392 30.65 -37.61 15.24
N GLY C 393 30.54 -37.62 13.93
CA GLY C 393 31.66 -37.88 13.06
C GLY C 393 31.64 -39.20 12.30
N LYS C 394 30.47 -39.79 12.08
CA LYS C 394 30.36 -41.04 11.36
C LYS C 394 28.88 -41.25 11.01
N ALA C 395 28.57 -42.45 10.52
CA ALA C 395 27.17 -42.85 10.37
C ALA C 395 26.59 -43.21 11.73
N ALA C 396 25.34 -43.69 11.74
CA ALA C 396 24.66 -44.09 12.97
C ALA C 396 23.79 -45.30 12.67
N ASP C 397 24.17 -46.45 13.21
CA ASP C 397 23.35 -47.66 13.11
C ASP C 397 22.41 -47.69 14.31
N LEU C 398 21.14 -47.38 14.07
CA LEU C 398 20.18 -47.22 15.15
C LEU C 398 19.48 -48.51 15.54
N GLY C 399 19.68 -49.59 14.79
CA GLY C 399 19.14 -50.88 15.18
C GLY C 399 17.67 -51.04 14.86
N GLY C 400 17.13 -52.18 15.28
CA GLY C 400 15.75 -52.51 14.97
C GLY C 400 15.57 -52.70 13.47
N GLU C 401 14.49 -52.15 12.93
CA GLU C 401 14.29 -52.10 11.50
C GLU C 401 15.19 -51.09 10.82
N LEU C 402 15.92 -50.29 11.60
CA LEU C 402 16.65 -49.13 11.09
C LEU C 402 18.12 -49.49 10.88
N SER C 403 18.37 -50.30 9.87
CA SER C 403 19.73 -50.63 9.50
C SER C 403 20.01 -50.35 8.03
N GLY C 404 19.04 -50.57 7.16
CA GLY C 404 19.19 -50.26 5.75
C GLY C 404 19.03 -48.79 5.43
N GLY C 405 18.76 -47.97 6.44
CA GLY C 405 18.57 -46.55 6.25
C GLY C 405 19.84 -45.82 5.86
N TYR C 406 19.83 -44.49 5.95
CA TYR C 406 20.95 -43.70 5.50
C TYR C 406 21.25 -42.57 6.48
N TYR C 407 21.24 -42.88 7.78
CA TYR C 407 21.45 -41.87 8.80
C TYR C 407 22.91 -41.43 8.89
N ILE C 408 23.10 -40.14 9.18
CA ILE C 408 24.38 -39.56 9.54
C ILE C 408 24.20 -38.86 10.88
N GLU C 409 25.15 -39.05 11.79
CA GLU C 409 24.82 -38.39 13.04
C GLU C 409 25.35 -36.96 13.05
N PRO C 410 24.70 -36.06 13.79
CA PRO C 410 25.10 -34.64 13.76
C PRO C 410 26.52 -34.44 14.26
N THR C 411 27.35 -33.83 13.42
CA THR C 411 28.77 -33.68 13.69
C THR C 411 29.12 -32.21 13.82
N ILE C 412 29.68 -31.84 14.97
CA ILE C 412 30.28 -30.52 15.15
C ILE C 412 31.75 -30.61 14.79
N PHE C 413 32.14 -29.94 13.72
CA PHE C 413 33.54 -29.87 13.32
C PHE C 413 34.19 -28.73 14.09
N ARG C 414 35.44 -28.40 13.76
CA ARG C 414 36.12 -27.27 14.37
C ARG C 414 37.38 -26.94 13.59
N GLY C 415 37.57 -25.68 13.24
CA GLY C 415 38.75 -25.31 12.49
C GLY C 415 38.80 -23.87 12.06
N ASN C 416 39.20 -23.65 10.81
CA ASN C 416 39.36 -22.30 10.28
C ASN C 416 38.95 -22.30 8.82
N ASN C 417 38.60 -21.12 8.32
CA ASN C 417 38.03 -21.00 6.98
C ASN C 417 39.02 -21.34 5.88
N LYS C 418 40.27 -21.65 6.22
CA LYS C 418 41.19 -22.17 5.21
C LYS C 418 40.85 -23.61 4.85
N MET C 419 40.39 -24.39 5.82
CA MET C 419 40.14 -25.80 5.63
C MET C 419 39.04 -26.02 4.60
N ARG C 420 39.09 -27.18 3.94
CA ARG C 420 38.20 -27.38 2.79
C ARG C 420 36.78 -27.71 3.21
N ILE C 421 36.58 -28.07 4.48
CA ILE C 421 35.22 -28.24 5.00
C ILE C 421 34.45 -26.94 5.08
N PHE C 422 35.14 -25.80 5.03
CA PHE C 422 34.48 -24.50 5.09
C PHE C 422 34.09 -23.98 3.72
N GLN C 423 34.85 -24.31 2.67
CA GLN C 423 34.58 -23.86 1.32
C GLN C 423 33.96 -24.95 0.46
N GLU C 424 33.48 -26.03 1.09
CA GLU C 424 32.79 -27.10 0.38
C GLU C 424 31.58 -27.54 1.20
N GLU C 425 30.47 -27.79 0.53
CA GLU C 425 29.19 -28.01 1.17
C GLU C 425 28.83 -29.49 1.20
N ILE C 426 28.37 -29.96 2.35
CA ILE C 426 28.22 -31.39 2.61
C ILE C 426 26.81 -31.88 2.29
N PHE C 427 25.80 -31.05 2.49
CA PHE C 427 24.40 -31.50 2.55
C PHE C 427 24.19 -32.54 3.64
N GLY C 428 24.68 -32.23 4.83
CA GLY C 428 24.55 -33.14 5.94
C GLY C 428 24.60 -32.41 7.27
N PRO C 429 24.25 -33.10 8.35
CA PRO C 429 24.32 -32.48 9.67
C PRO C 429 25.75 -32.32 10.16
N VAL C 430 26.54 -31.51 9.46
CA VAL C 430 27.93 -31.28 9.78
C VAL C 430 28.16 -29.77 9.81
N VAL C 431 28.49 -29.24 10.99
CA VAL C 431 28.70 -27.81 11.17
C VAL C 431 30.18 -27.57 11.45
N SER C 432 30.70 -26.48 10.89
CA SER C 432 32.12 -26.15 10.95
C SER C 432 32.31 -24.87 11.77
N VAL C 433 32.50 -25.04 13.08
CA VAL C 433 32.67 -23.89 13.96
C VAL C 433 34.02 -23.25 13.72
N THR C 434 34.11 -21.94 13.99
CA THR C 434 35.35 -21.19 13.89
C THR C 434 35.22 -19.98 14.83
N THR C 435 36.20 -19.08 14.78
CA THR C 435 36.20 -17.89 15.63
C THR C 435 36.67 -16.68 14.85
N PHE C 436 36.38 -15.51 15.41
CA PHE C 436 36.73 -14.22 14.81
C PHE C 436 36.99 -13.23 15.93
N LYS C 437 37.63 -12.12 15.59
CA LYS C 437 38.07 -11.17 16.61
C LYS C 437 37.08 -10.02 16.81
N ASP C 438 36.68 -9.35 15.74
CA ASP C 438 35.81 -8.19 15.83
C ASP C 438 34.76 -8.25 14.74
N GLN C 439 33.99 -7.17 14.59
CA GLN C 439 32.98 -7.11 13.55
C GLN C 439 33.60 -7.09 12.15
N ALA C 440 34.70 -6.35 11.99
CA ALA C 440 35.33 -6.28 10.67
C ALA C 440 35.88 -7.63 10.26
N GLU C 441 36.47 -8.38 11.20
CA GLU C 441 36.96 -9.72 10.88
C GLU C 441 35.80 -10.67 10.64
N ALA C 442 34.70 -10.50 11.36
CA ALA C 442 33.52 -11.33 11.10
C ALA C 442 33.02 -11.11 9.68
N LEU C 443 32.99 -9.86 9.23
CA LEU C 443 32.60 -9.60 7.85
C LEU C 443 33.62 -10.12 6.86
N GLU C 444 34.90 -10.05 7.20
CA GLU C 444 35.93 -10.54 6.30
C GLU C 444 35.86 -12.05 6.12
N ILE C 445 35.50 -12.77 7.18
CA ILE C 445 35.42 -14.23 7.10
C ILE C 445 34.09 -14.66 6.50
N ALA C 446 32.98 -14.10 6.98
CA ALA C 446 31.65 -14.48 6.50
C ALA C 446 31.49 -14.24 5.01
N ASN C 447 32.26 -13.33 4.42
CA ASN C 447 32.23 -13.10 3.00
C ASN C 447 33.29 -13.89 2.25
N ASP C 448 33.99 -14.79 2.94
CA ASP C 448 35.00 -15.64 2.30
C ASP C 448 34.34 -16.95 1.91
N THR C 449 33.82 -16.98 0.68
CA THR C 449 33.14 -18.14 0.13
C THR C 449 32.79 -17.84 -1.31
N LEU C 450 32.51 -18.89 -2.08
CA LEU C 450 32.03 -18.79 -3.45
C LEU C 450 30.51 -18.88 -3.50
N TYR C 451 29.86 -18.36 -2.47
CA TYR C 451 28.47 -18.65 -2.17
C TYR C 451 27.89 -17.40 -1.52
N GLY C 452 26.80 -17.56 -0.76
CA GLY C 452 26.08 -16.40 -0.29
C GLY C 452 24.58 -16.56 -0.36
N LEU C 453 24.11 -17.79 -0.53
CA LEU C 453 22.67 -18.03 -0.56
C LEU C 453 21.98 -17.58 0.72
N GLY C 454 22.71 -17.45 1.81
CA GLY C 454 22.12 -17.00 3.05
C GLY C 454 23.18 -16.70 4.09
N ALA C 455 22.73 -16.09 5.19
CA ALA C 455 23.62 -15.78 6.30
C ALA C 455 22.77 -15.55 7.53
N GLY C 456 23.42 -15.64 8.69
CA GLY C 456 22.71 -15.42 9.94
C GLY C 456 23.53 -14.66 10.95
N VAL C 457 22.98 -13.60 11.51
CA VAL C 457 23.69 -12.71 12.43
C VAL C 457 22.94 -12.71 13.76
N TRP C 458 23.66 -12.94 14.85
CA TRP C 458 23.09 -12.91 16.19
C TRP C 458 23.83 -11.87 17.00
N SER C 459 23.09 -10.89 17.53
CA SER C 459 23.67 -9.78 18.26
C SER C 459 22.56 -9.01 18.95
N ARG C 460 22.90 -8.41 20.09
CA ARG C 460 21.96 -7.57 20.84
C ARG C 460 22.17 -6.09 20.58
N ASP C 461 22.81 -5.73 19.47
CA ASP C 461 23.13 -4.33 19.19
C ASP C 461 22.53 -3.94 17.86
N ALA C 462 21.90 -2.76 17.82
CA ALA C 462 21.19 -2.33 16.62
C ALA C 462 22.15 -2.04 15.48
N ASN C 463 23.23 -1.32 15.76
CA ASN C 463 24.20 -0.99 14.73
C ASN C 463 24.89 -2.23 14.20
N THR C 464 25.22 -3.17 15.10
CA THR C 464 25.87 -4.40 14.68
C THR C 464 24.99 -5.16 13.69
N CYS C 465 23.72 -5.36 14.05
CA CYS C 465 22.84 -6.18 13.21
C CYS C 465 22.65 -5.55 11.84
N TYR C 466 22.38 -4.26 11.79
CA TYR C 466 22.16 -3.61 10.50
C TYR C 466 23.43 -3.60 9.67
N ARG C 467 24.56 -3.28 10.27
CA ARG C 467 25.80 -3.21 9.49
C ARG C 467 26.21 -4.58 8.99
N MET C 468 26.02 -5.63 9.80
CA MET C 468 26.28 -6.98 9.35
C MET C 468 25.35 -7.36 8.20
N GLY C 469 24.05 -7.17 8.38
CA GLY C 469 23.11 -7.56 7.36
C GLY C 469 23.34 -6.83 6.05
N ARG C 470 23.72 -5.56 6.11
CA ARG C 470 23.94 -4.80 4.89
C ARG C 470 25.32 -5.02 4.31
N GLY C 471 26.27 -5.48 5.11
CA GLY C 471 27.62 -5.73 4.63
C GLY C 471 27.82 -7.13 4.10
N ILE C 472 27.24 -8.12 4.77
CA ILE C 472 27.29 -9.49 4.29
C ILE C 472 26.75 -9.56 2.88
N LYS C 473 27.49 -10.26 2.01
CA LYS C 473 27.10 -10.37 0.60
C LYS C 473 26.18 -11.55 0.35
N ALA C 474 25.38 -11.94 1.34
CA ALA C 474 24.37 -12.96 1.16
C ALA C 474 23.18 -12.33 0.45
N GLY C 475 22.07 -13.06 0.38
CA GLY C 475 20.87 -12.52 -0.23
C GLY C 475 19.71 -12.49 0.73
N ARG C 476 19.76 -13.34 1.75
CA ARG C 476 18.72 -13.40 2.78
C ARG C 476 19.45 -13.52 4.12
N VAL C 477 19.56 -12.41 4.83
CA VAL C 477 20.27 -12.36 6.09
C VAL C 477 19.26 -12.48 7.21
N TRP C 478 19.37 -13.53 8.01
CA TRP C 478 18.56 -13.64 9.21
C TRP C 478 19.22 -12.87 10.34
N THR C 479 18.41 -12.36 11.26
CA THR C 479 18.89 -11.60 12.40
C THR C 479 18.16 -12.06 13.64
N ASN C 480 18.90 -12.62 14.60
CA ASN C 480 18.34 -13.12 15.86
C ASN C 480 17.24 -14.15 15.62
N CYS C 481 17.40 -14.92 14.55
CA CYS C 481 16.55 -16.05 14.19
C CYS C 481 17.25 -16.77 13.06
N TYR C 482 16.76 -17.95 12.71
CA TYR C 482 17.24 -18.56 11.48
C TYR C 482 16.18 -19.53 11.00
N HIS C 483 16.26 -19.86 9.71
CA HIS C 483 15.43 -20.88 9.08
C HIS C 483 13.94 -20.58 9.15
N ALA C 484 13.58 -19.33 9.41
CA ALA C 484 12.20 -18.90 9.25
C ALA C 484 11.98 -18.56 7.78
N TYR C 485 11.15 -19.36 7.11
CA TYR C 485 10.84 -19.19 5.68
C TYR C 485 9.37 -18.88 5.54
N PRO C 486 8.94 -17.67 5.88
CA PRO C 486 7.53 -17.32 5.72
C PRO C 486 7.24 -16.74 4.35
N ALA C 487 5.97 -16.87 3.97
CA ALA C 487 5.53 -16.27 2.71
C ALA C 487 5.52 -14.75 2.83
N HIS C 488 5.66 -14.10 1.69
CA HIS C 488 5.65 -12.65 1.46
C HIS C 488 7.00 -12.06 1.84
N ALA C 489 7.93 -12.86 2.33
CA ALA C 489 9.31 -12.45 2.57
C ALA C 489 10.19 -13.14 1.55
N ALA C 490 10.92 -12.36 0.77
CA ALA C 490 11.82 -12.91 -0.25
C ALA C 490 13.08 -13.48 0.40
N THR C 503 8.63 -17.19 -2.77
CA THR C 503 8.20 -16.91 -1.41
C THR C 503 7.62 -15.50 -1.29
N HIS C 504 8.11 -14.58 -2.12
CA HIS C 504 7.64 -13.22 -2.11
C HIS C 504 6.64 -13.00 -3.24
N LYS C 505 5.85 -11.94 -3.12
CA LYS C 505 4.81 -11.65 -4.10
C LYS C 505 5.34 -11.28 -5.47
N MET C 506 6.65 -11.19 -5.64
CA MET C 506 7.25 -10.92 -6.94
C MET C 506 7.57 -12.19 -7.71
N MET C 507 7.24 -13.36 -7.15
CA MET C 507 7.35 -14.60 -7.92
C MET C 507 6.29 -14.67 -9.00
N LEU C 508 5.11 -14.09 -8.77
CA LEU C 508 4.06 -14.11 -9.77
C LEU C 508 4.51 -13.48 -11.07
N ASP C 509 5.49 -12.57 -11.01
CA ASP C 509 6.04 -11.99 -12.22
C ASP C 509 7.03 -12.91 -12.91
N HIS C 510 7.54 -13.93 -12.21
CA HIS C 510 8.36 -14.93 -12.88
C HIS C 510 7.56 -15.68 -13.93
N TYR C 511 6.33 -16.04 -13.61
CA TYR C 511 5.47 -16.82 -14.48
C TYR C 511 4.46 -15.95 -15.22
N GLN C 512 4.81 -14.71 -15.50
CA GLN C 512 3.95 -13.81 -16.22
C GLN C 512 4.77 -13.03 -17.24
N GLN C 513 4.17 -12.79 -18.39
CA GLN C 513 4.67 -11.82 -19.35
C GLN C 513 3.77 -10.59 -19.30
N THR C 514 4.24 -9.52 -19.94
CA THR C 514 3.54 -8.25 -19.89
C THR C 514 3.08 -7.86 -21.28
N LYS C 515 1.84 -7.39 -21.38
CA LYS C 515 1.28 -6.88 -22.62
C LYS C 515 1.16 -5.37 -22.54
N ASN C 516 1.74 -4.67 -23.51
CA ASN C 516 1.74 -3.21 -23.51
C ASN C 516 0.91 -2.73 -24.69
N MET C 517 -0.13 -1.95 -24.40
CA MET C 517 -1.00 -1.38 -25.43
C MET C 517 -0.92 0.14 -25.33
N LEU C 518 -0.38 0.78 -26.36
CA LEU C 518 -0.27 2.23 -26.40
C LEU C 518 -1.33 2.77 -27.34
N VAL C 519 -2.24 3.59 -26.81
CA VAL C 519 -3.47 3.98 -27.49
C VAL C 519 -3.49 5.49 -27.59
N SER C 520 -3.75 6.01 -28.80
CA SER C 520 -3.81 7.45 -29.04
C SER C 520 -5.25 7.85 -29.33
N TYR C 521 -5.81 8.68 -28.47
CA TYR C 521 -7.19 9.16 -28.60
C TYR C 521 -7.22 10.54 -29.28
N SER C 522 -6.79 10.58 -30.52
CA SER C 522 -6.78 11.84 -31.26
C SER C 522 -6.97 11.56 -32.75
N PRO C 523 -8.11 11.97 -33.32
CA PRO C 523 -8.33 11.71 -34.76
C PRO C 523 -7.27 12.33 -35.65
N LYS C 524 -6.80 13.52 -35.32
CA LYS C 524 -5.72 14.16 -36.05
C LYS C 524 -4.38 13.82 -35.41
N LYS C 525 -3.30 14.09 -36.14
CA LYS C 525 -1.97 13.87 -35.61
C LYS C 525 -1.25 15.21 -35.40
N GLY D 79 43.59 -5.70 -20.41
CA GLY D 79 44.50 -4.68 -19.91
C GLY D 79 43.85 -3.33 -19.78
N ASP D 80 43.57 -2.69 -20.92
CA ASP D 80 42.84 -1.42 -20.91
C ASP D 80 41.46 -1.62 -20.28
N ILE D 81 40.74 -2.67 -20.71
CA ILE D 81 39.48 -3.02 -20.08
C ILE D 81 39.72 -3.45 -18.63
N GLU D 82 40.85 -4.10 -18.36
CA GLU D 82 41.16 -4.51 -17.00
C GLU D 82 41.36 -3.30 -16.09
N LEU D 83 42.07 -2.27 -16.56
CA LEU D 83 42.24 -1.08 -15.73
C LEU D 83 40.94 -0.30 -15.62
N ALA D 84 40.10 -0.33 -16.65
CA ALA D 84 38.76 0.23 -16.52
C ALA D 84 37.99 -0.47 -15.40
N LEU D 85 38.05 -1.80 -15.36
CA LEU D 85 37.37 -2.55 -14.30
C LEU D 85 37.94 -2.22 -12.93
N ASP D 86 39.27 -2.08 -12.84
CA ASP D 86 39.89 -1.75 -11.56
C ASP D 86 39.41 -0.38 -11.06
N ALA D 87 39.39 0.61 -11.95
CA ALA D 87 38.87 1.92 -11.58
C ALA D 87 37.40 1.82 -11.16
N ALA D 88 36.62 1.03 -11.91
CA ALA D 88 35.20 0.90 -11.60
C ALA D 88 34.99 0.30 -10.22
N HIS D 89 35.79 -0.69 -9.84
CA HIS D 89 35.66 -1.27 -8.50
C HIS D 89 36.06 -0.27 -7.42
N ALA D 90 37.19 0.41 -7.63
CA ALA D 90 37.64 1.41 -6.67
C ALA D 90 36.57 2.48 -6.45
N ALA D 91 35.86 2.87 -7.50
CA ALA D 91 34.78 3.84 -7.34
C ALA D 91 33.53 3.20 -6.74
N LYS D 92 33.27 1.93 -7.10
CA LYS D 92 32.11 1.22 -6.57
C LYS D 92 32.14 1.14 -5.05
N GLU D 93 33.34 1.10 -4.47
CA GLU D 93 33.45 1.17 -3.02
C GLU D 93 32.66 2.35 -2.46
N LYS D 94 32.72 3.50 -3.15
CA LYS D 94 32.17 4.76 -2.66
C LYS D 94 30.85 5.15 -3.30
N TRP D 95 30.68 4.85 -4.59
CA TRP D 95 29.48 5.29 -5.31
C TRP D 95 28.21 4.67 -4.72
N GLY D 96 28.27 3.40 -4.34
CA GLY D 96 27.10 2.76 -3.75
C GLY D 96 26.72 3.33 -2.41
N ALA D 97 27.63 4.03 -1.74
CA ALA D 97 27.31 4.69 -0.49
C ALA D 97 26.53 5.99 -0.70
N THR D 98 26.57 6.55 -1.90
CA THR D 98 25.92 7.83 -2.16
C THR D 98 24.41 7.69 -2.03
N SER D 99 23.79 8.71 -1.44
CA SER D 99 22.35 8.69 -1.23
C SER D 99 21.61 8.68 -2.57
N PRO D 100 20.41 8.11 -2.61
CA PRO D 100 19.61 8.23 -3.85
C PRO D 100 19.33 9.66 -4.23
N ALA D 101 19.14 10.53 -3.24
CA ALA D 101 18.92 11.95 -3.52
C ALA D 101 20.12 12.56 -4.23
N GLU D 102 21.33 12.22 -3.78
CA GLU D 102 22.53 12.82 -4.34
C GLU D 102 22.80 12.34 -5.76
N ARG D 103 22.58 11.04 -6.01
CA ARG D 103 22.74 10.53 -7.38
C ARG D 103 21.68 11.10 -8.31
N ALA D 104 20.45 11.24 -7.82
CA ALA D 104 19.41 11.86 -8.63
C ALA D 104 19.75 13.32 -8.93
N ASN D 105 20.29 14.03 -7.95
CA ASN D 105 20.71 15.41 -8.20
C ASN D 105 21.82 15.48 -9.22
N ILE D 106 22.78 14.55 -9.16
CA ILE D 106 23.84 14.49 -10.17
C ILE D 106 23.24 14.25 -11.55
N MET D 107 22.25 13.37 -11.63
CA MET D 107 21.59 13.12 -12.91
C MET D 107 20.86 14.36 -13.43
N LEU D 108 20.22 15.11 -12.53
CA LEU D 108 19.56 16.33 -12.95
C LEU D 108 20.57 17.35 -13.46
N LYS D 109 21.72 17.45 -12.81
CA LYS D 109 22.78 18.33 -13.29
C LYS D 109 23.29 17.88 -14.65
N ILE D 110 23.38 16.56 -14.86
CA ILE D 110 23.77 16.04 -16.17
C ILE D 110 22.76 16.45 -17.23
N ALA D 111 21.47 16.31 -16.93
CA ALA D 111 20.44 16.70 -17.88
C ALA D 111 20.50 18.20 -18.18
N ASP D 112 20.71 19.02 -17.16
CA ASP D 112 20.86 20.46 -17.37
C ASP D 112 22.03 20.76 -18.29
N ARG D 113 23.19 20.18 -18.00
CA ARG D 113 24.38 20.42 -18.82
C ARG D 113 24.17 19.93 -20.24
N MET D 114 23.40 18.86 -20.43
CA MET D 114 23.11 18.39 -21.77
C MET D 114 22.17 19.33 -22.50
N GLU D 115 21.21 19.93 -21.78
CA GLU D 115 20.36 20.96 -22.38
C GLU D 115 21.18 22.13 -22.87
N ARG D 116 22.13 22.59 -22.04
CA ARG D 116 22.93 23.75 -22.42
C ARG D 116 23.69 23.49 -23.72
N ASN D 117 24.13 22.26 -23.96
CA ASN D 117 24.89 21.92 -25.16
C ASN D 117 24.04 21.21 -26.21
N LEU D 118 22.72 21.25 -26.08
CA LEU D 118 21.83 20.68 -27.08
C LEU D 118 21.92 21.45 -28.40
N ALA D 139 14.93 14.09 -32.47
CA ALA D 139 14.26 13.54 -31.29
C ALA D 139 15.11 12.45 -30.62
N ASP D 140 16.40 12.74 -30.43
CA ASP D 140 17.29 11.83 -29.71
C ASP D 140 17.80 12.46 -28.42
N LEU D 141 18.42 13.63 -28.51
CA LEU D 141 18.79 14.36 -27.30
C LEU D 141 17.59 14.70 -26.41
N PRO D 142 16.42 15.09 -26.93
CA PRO D 142 15.26 15.27 -26.03
C PRO D 142 14.97 14.04 -25.20
N LEU D 143 14.95 12.85 -25.80
CA LEU D 143 14.69 11.65 -25.02
C LEU D 143 15.86 11.28 -24.11
N ALA D 144 17.10 11.57 -24.51
CA ALA D 144 18.22 11.29 -23.62
C ALA D 144 18.12 12.11 -22.35
N ILE D 145 17.91 13.42 -22.50
CA ILE D 145 17.70 14.29 -21.35
C ILE D 145 16.49 13.84 -20.56
N ASP D 146 15.42 13.45 -21.27
CA ASP D 146 14.18 13.09 -20.62
C ASP D 146 14.33 11.80 -19.81
N HIS D 147 15.14 10.85 -20.29
CA HIS D 147 15.38 9.65 -19.50
C HIS D 147 16.29 9.92 -18.32
N PHE D 148 17.25 10.83 -18.46
CA PHE D 148 18.02 11.21 -17.27
C PHE D 148 17.10 11.77 -16.19
N ARG D 149 16.22 12.70 -16.57
CA ARG D 149 15.28 13.25 -15.61
C ARG D 149 14.33 12.19 -15.07
N TYR D 150 13.83 11.32 -15.96
CA TYR D 150 12.85 10.32 -15.55
C TYR D 150 13.46 9.32 -14.58
N PHE D 151 14.71 8.91 -14.81
CA PHE D 151 15.30 7.91 -13.95
C PHE D 151 15.80 8.52 -12.64
N ALA D 152 16.22 9.78 -12.67
CA ALA D 152 16.36 10.49 -11.40
C ALA D 152 15.03 10.48 -10.63
N GLY D 153 13.92 10.67 -11.33
CA GLY D 153 12.63 10.67 -10.68
C GLY D 153 12.26 9.32 -10.09
N VAL D 154 12.46 8.25 -10.85
CA VAL D 154 12.15 6.91 -10.35
C VAL D 154 13.06 6.54 -9.20
N LEU D 155 14.33 6.95 -9.25
CA LEU D 155 15.22 6.72 -8.12
C LEU D 155 14.74 7.46 -6.88
N ARG D 156 14.30 8.70 -7.04
CA ARG D 156 13.73 9.43 -5.91
C ARG D 156 12.46 8.76 -5.39
N ALA D 157 11.69 8.13 -6.28
CA ALA D 157 10.44 7.50 -5.89
C ALA D 157 10.62 6.13 -5.26
N GLN D 158 11.71 5.43 -5.60
CA GLN D 158 11.88 4.02 -5.22
C GLN D 158 11.95 3.87 -3.71
N GLU D 159 11.24 2.86 -3.19
CA GLU D 159 11.15 2.68 -1.74
C GLU D 159 11.79 1.40 -1.24
N GLY D 160 11.31 0.23 -1.64
CA GLY D 160 11.70 -0.94 -0.87
C GLY D 160 10.67 -1.31 0.18
N SER D 161 10.55 -2.62 0.42
CA SER D 161 9.42 -3.17 1.18
C SER D 161 9.82 -3.47 2.61
N ILE D 162 8.81 -3.50 3.49
CA ILE D 162 9.05 -3.71 4.92
C ILE D 162 8.14 -4.83 5.44
N SER D 163 7.89 -5.83 4.60
CA SER D 163 6.93 -6.90 4.87
C SER D 163 6.89 -7.31 6.34
N GLN D 164 5.71 -7.19 6.94
CA GLN D 164 5.52 -7.52 8.35
C GLN D 164 5.06 -8.97 8.44
N ILE D 165 5.93 -9.85 8.92
CA ILE D 165 5.56 -11.25 8.98
C ILE D 165 4.74 -11.54 10.22
N ASP D 166 5.02 -10.85 11.31
CA ASP D 166 4.33 -11.12 12.57
C ASP D 166 4.46 -9.88 13.44
N ASP D 167 3.93 -9.97 14.66
CA ASP D 167 4.21 -8.94 15.64
C ASP D 167 5.68 -8.90 16.01
N ASP D 168 6.36 -10.06 15.94
CA ASP D 168 7.74 -10.18 16.39
C ASP D 168 8.70 -10.55 15.26
N THR D 169 8.36 -10.26 14.01
CA THR D 169 9.22 -10.65 12.90
C THR D 169 8.89 -9.80 11.69
N VAL D 170 9.91 -9.15 11.13
CA VAL D 170 9.73 -8.24 10.01
C VAL D 170 10.78 -8.55 8.95
N ALA D 171 10.37 -8.53 7.69
CA ALA D 171 11.30 -8.72 6.59
C ALA D 171 11.49 -7.39 5.88
N TYR D 172 12.74 -6.97 5.74
CA TYR D 172 13.08 -5.71 5.10
C TYR D 172 13.71 -6.03 3.75
N HIS D 173 13.28 -5.33 2.70
CA HIS D 173 13.74 -5.60 1.34
C HIS D 173 14.44 -4.36 0.80
N PHE D 174 15.73 -4.26 1.07
CA PHE D 174 16.53 -3.14 0.58
C PHE D 174 16.89 -3.35 -0.89
N HIS D 175 17.35 -2.27 -1.51
CA HIS D 175 17.56 -2.22 -2.95
C HIS D 175 19.02 -1.96 -3.32
N GLU D 176 19.94 -2.73 -2.74
CA GLU D 176 21.37 -2.61 -2.99
C GLU D 176 21.71 -2.51 -4.47
N PRO D 177 22.81 -1.84 -4.82
CA PRO D 177 23.29 -1.88 -6.20
C PRO D 177 24.04 -3.17 -6.48
N LEU D 178 24.07 -3.55 -7.76
CA LEU D 178 24.84 -4.72 -8.17
C LEU D 178 26.33 -4.51 -7.90
N GLY D 179 26.92 -3.51 -8.54
CA GLY D 179 28.36 -3.32 -8.51
C GLY D 179 28.82 -2.66 -9.79
N VAL D 180 29.77 -3.28 -10.46
CA VAL D 180 30.21 -2.83 -11.77
C VAL D 180 29.38 -3.55 -12.82
N VAL D 181 28.91 -2.80 -13.83
CA VAL D 181 28.18 -3.37 -14.96
C VAL D 181 28.85 -2.92 -16.24
N GLY D 182 28.50 -3.59 -17.34
CA GLY D 182 29.05 -3.25 -18.63
C GLY D 182 28.01 -3.22 -19.74
N GLN D 183 28.06 -2.17 -20.55
CA GLN D 183 27.14 -2.04 -21.67
C GLN D 183 27.90 -2.13 -22.99
N PRO D 190 23.33 4.96 -31.61
CA PRO D 190 23.79 6.31 -31.30
C PRO D 190 23.93 6.56 -29.80
N LEU D 191 23.56 7.77 -29.34
CA LEU D 191 23.74 8.12 -27.91
C LEU D 191 22.45 7.88 -27.13
N LEU D 192 21.31 7.85 -27.82
CA LEU D 192 20.02 7.62 -27.14
C LEU D 192 20.10 6.28 -26.38
N MET D 193 20.61 5.23 -27.04
CA MET D 193 20.73 3.91 -26.38
C MET D 193 21.75 4.01 -25.25
N ALA D 194 22.91 4.61 -25.54
CA ALA D 194 23.91 4.83 -24.46
C ALA D 194 23.17 5.32 -23.22
N CYS D 195 22.30 6.32 -23.36
CA CYS D 195 21.63 6.91 -22.17
C CYS D 195 20.57 5.95 -21.60
N TRP D 196 19.69 5.40 -22.42
CA TRP D 196 18.72 4.39 -21.93
C TRP D 196 19.45 3.38 -21.05
N LYS D 197 20.76 3.17 -21.28
CA LYS D 197 21.47 2.15 -20.48
C LYS D 197 22.13 2.79 -19.25
N LEU D 198 22.97 3.81 -19.46
CA LEU D 198 23.71 4.48 -18.36
C LEU D 198 22.72 5.11 -17.38
N ALA D 199 21.70 5.80 -17.91
CA ALA D 199 20.81 6.49 -16.98
C ALA D 199 20.24 5.58 -15.90
N PRO D 200 19.70 4.39 -16.20
CA PRO D 200 19.25 3.53 -15.11
C PRO D 200 20.39 3.02 -14.23
N ALA D 201 21.46 2.48 -14.83
CA ALA D 201 22.54 1.89 -14.05
C ALA D 201 23.15 2.90 -13.09
N ILE D 202 23.51 4.08 -13.59
CA ILE D 202 24.05 5.14 -12.74
C ILE D 202 23.04 5.50 -11.66
N ALA D 203 21.74 5.44 -12.00
CA ALA D 203 20.71 5.68 -11.01
C ALA D 203 20.77 4.66 -9.88
N ALA D 204 21.00 3.40 -10.22
CA ALA D 204 20.97 2.35 -9.22
C ALA D 204 22.21 2.35 -8.33
N GLY D 205 23.28 3.02 -8.76
CA GLY D 205 24.50 3.06 -7.98
C GLY D 205 25.55 2.11 -8.50
N ASN D 206 25.71 2.06 -9.83
CA ASN D 206 26.63 1.14 -10.48
C ASN D 206 27.65 1.92 -11.29
N CYS D 207 28.92 1.53 -11.17
CA CYS D 207 29.99 2.14 -11.95
C CYS D 207 30.10 1.41 -13.26
N VAL D 208 29.58 2.02 -14.33
CA VAL D 208 29.50 1.38 -15.63
C VAL D 208 30.88 1.31 -16.28
N VAL D 209 30.99 0.49 -17.31
CA VAL D 209 32.17 0.45 -18.17
C VAL D 209 31.69 0.39 -19.61
N LEU D 210 32.16 1.33 -20.44
CA LEU D 210 31.67 1.42 -21.81
C LEU D 210 32.73 0.97 -22.82
N ILE D 220 28.98 9.89 -28.61
CA ILE D 220 29.18 9.38 -27.25
C ILE D 220 30.45 9.96 -26.64
N MET D 221 31.51 10.03 -27.44
CA MET D 221 32.78 10.56 -26.94
C MET D 221 32.64 12.02 -26.52
N VAL D 222 32.12 12.86 -27.41
CA VAL D 222 31.98 14.29 -27.10
C VAL D 222 31.07 14.48 -25.89
N TRP D 223 29.97 13.74 -25.85
CA TRP D 223 29.09 13.78 -24.69
C TRP D 223 29.79 13.26 -23.44
N ALA D 224 30.60 12.20 -23.58
CA ALA D 224 31.34 11.68 -22.44
C ALA D 224 32.32 12.71 -21.89
N ASN D 225 32.77 13.65 -22.73
CA ASN D 225 33.72 14.65 -22.26
C ASN D 225 33.09 15.59 -21.23
N LEU D 226 31.85 16.00 -21.44
CA LEU D 226 31.22 16.94 -20.50
C LEU D 226 30.55 16.19 -19.34
N ILE D 227 29.93 15.04 -19.61
CA ILE D 227 29.25 14.31 -18.55
C ILE D 227 30.26 13.76 -17.54
N GLY D 228 31.45 13.39 -17.99
CA GLY D 228 32.36 12.62 -17.14
C GLY D 228 32.74 13.36 -15.87
N ASP D 229 32.96 14.67 -15.98
CA ASP D 229 33.45 15.42 -14.82
C ASP D 229 32.38 15.52 -13.73
N LEU D 230 31.12 15.56 -14.12
CA LEU D 230 30.04 15.63 -13.12
C LEU D 230 30.04 14.38 -12.24
N LEU D 231 30.21 13.21 -12.84
CA LEU D 231 30.29 12.00 -12.06
C LEU D 231 31.64 11.88 -11.38
N PRO D 232 31.69 11.34 -10.17
CA PRO D 232 32.99 11.05 -9.54
C PRO D 232 33.79 10.09 -10.38
N PRO D 233 35.12 10.22 -10.39
CA PRO D 233 35.94 9.39 -11.29
C PRO D 233 35.80 7.91 -10.97
N GLY D 234 35.78 7.10 -12.03
CA GLY D 234 35.60 5.68 -11.91
C GLY D 234 34.18 5.20 -12.09
N VAL D 235 33.19 6.09 -11.98
CA VAL D 235 31.81 5.70 -12.18
C VAL D 235 31.52 5.45 -13.64
N LEU D 236 31.91 6.39 -14.51
CA LEU D 236 31.71 6.26 -15.95
C LEU D 236 33.07 6.09 -16.63
N ASN D 237 33.16 5.12 -17.52
CA ASN D 237 34.42 4.81 -18.18
C ASN D 237 34.24 4.59 -19.68
N SER D 290 6.53 -6.75 -37.20
CA SER D 290 5.43 -6.07 -36.54
C SER D 290 4.31 -5.72 -37.52
N PRO D 291 3.25 -6.53 -37.54
CA PRO D 291 2.11 -6.22 -38.41
C PRO D 291 1.52 -4.87 -38.05
N ASN D 292 0.77 -4.32 -39.01
CA ASN D 292 0.32 -2.93 -38.92
C ASN D 292 -1.16 -2.84 -39.30
N ILE D 293 -1.98 -3.71 -38.70
CA ILE D 293 -3.34 -3.97 -39.16
C ILE D 293 -4.13 -2.67 -39.34
N PHE D 294 -4.96 -2.63 -40.39
CA PHE D 294 -5.94 -1.57 -40.61
C PHE D 294 -7.32 -2.20 -40.74
N PHE D 295 -8.20 -1.93 -39.78
CA PHE D 295 -9.54 -2.53 -39.76
C PHE D 295 -10.62 -1.63 -40.36
N ALA D 296 -10.44 -1.16 -41.59
CA ALA D 296 -11.55 -0.70 -42.42
C ALA D 296 -12.25 0.58 -41.93
N ASP D 297 -11.90 1.08 -40.75
CA ASP D 297 -12.43 2.36 -40.28
C ASP D 297 -11.65 2.85 -39.07
N ARG D 329 5.26 -6.17 -42.17
CA ARG D 329 3.90 -6.65 -42.38
C ARG D 329 2.89 -5.50 -42.27
N VAL D 330 2.10 -5.32 -43.31
CA VAL D 330 1.03 -4.31 -43.35
C VAL D 330 -0.24 -5.06 -43.72
N LEU D 331 -1.13 -5.24 -42.73
CA LEU D 331 -2.31 -6.07 -42.90
C LEU D 331 -3.51 -5.16 -43.17
N ILE D 332 -3.61 -4.69 -44.40
CA ILE D 332 -4.73 -3.86 -44.82
C ILE D 332 -5.93 -4.77 -45.05
N GLN D 333 -7.05 -4.47 -44.40
CA GLN D 333 -8.25 -5.27 -44.55
C GLN D 333 -8.78 -5.22 -45.98
N VAL D 433 3.22 -5.30 -47.35
CA VAL D 433 1.79 -5.09 -47.58
C VAL D 433 1.14 -6.42 -47.96
N THR D 434 -0.09 -6.61 -47.50
CA THR D 434 -0.87 -7.82 -47.72
C THR D 434 -2.31 -7.50 -47.37
N THR D 435 -3.16 -8.51 -47.32
CA THR D 435 -4.58 -8.29 -47.09
C THR D 435 -5.16 -9.42 -46.27
N PHE D 436 -6.34 -9.17 -45.71
CA PHE D 436 -7.05 -10.14 -44.89
C PHE D 436 -8.54 -9.86 -45.00
N LYS D 437 -9.33 -10.69 -44.32
CA LYS D 437 -10.78 -10.68 -44.49
C LYS D 437 -11.52 -10.15 -43.26
N ASP D 438 -11.30 -10.75 -42.09
CA ASP D 438 -12.06 -10.40 -40.90
C ASP D 438 -11.12 -10.30 -39.71
N GLN D 439 -11.70 -10.06 -38.54
CA GLN D 439 -10.89 -9.86 -37.34
C GLN D 439 -10.07 -11.10 -37.02
N ALA D 440 -10.73 -12.26 -36.94
CA ALA D 440 -10.00 -13.49 -36.64
C ALA D 440 -8.98 -13.81 -37.73
N GLU D 441 -9.24 -13.39 -38.97
CA GLU D 441 -8.29 -13.63 -40.05
C GLU D 441 -6.94 -12.97 -39.76
N ALA D 442 -6.97 -11.66 -39.51
CA ALA D 442 -5.76 -10.94 -39.17
C ALA D 442 -5.25 -11.27 -37.77
N LEU D 443 -6.06 -11.93 -36.94
CA LEU D 443 -5.55 -12.44 -35.68
C LEU D 443 -4.68 -13.67 -35.89
N GLU D 444 -5.17 -14.63 -36.69
CA GLU D 444 -4.38 -15.83 -36.93
C GLU D 444 -3.21 -15.58 -37.89
N ILE D 445 -3.28 -14.52 -38.69
CA ILE D 445 -2.12 -14.13 -39.49
C ILE D 445 -0.98 -13.66 -38.58
N ALA D 446 -1.29 -12.82 -37.61
CA ALA D 446 -0.27 -12.33 -36.70
C ALA D 446 0.05 -13.36 -35.61
N GLY D 454 6.13 -5.16 -32.10
CA GLY D 454 4.98 -5.85 -31.57
C GLY D 454 3.83 -6.00 -32.55
N ALA D 455 2.94 -5.01 -32.58
CA ALA D 455 1.84 -4.97 -33.55
C ALA D 455 1.48 -3.51 -33.80
N GLY D 456 0.34 -3.29 -34.44
CA GLY D 456 -0.25 -1.97 -34.58
C GLY D 456 -1.66 -2.07 -35.12
N VAL D 457 -2.61 -1.42 -34.48
CA VAL D 457 -4.03 -1.64 -34.78
C VAL D 457 -4.80 -0.34 -34.90
N TRP D 458 -5.14 0.05 -36.14
CA TRP D 458 -6.09 1.12 -36.39
C TRP D 458 -7.50 0.55 -36.58
N SER D 459 -8.42 1.02 -35.74
CA SER D 459 -9.85 0.75 -35.85
C SER D 459 -10.55 1.70 -34.89
N ARG D 460 -11.87 1.58 -34.80
CA ARG D 460 -12.65 2.43 -33.92
C ARG D 460 -13.73 1.70 -33.15
N ASP D 461 -13.84 0.38 -33.25
CA ASP D 461 -14.96 -0.34 -32.67
C ASP D 461 -14.87 -0.48 -31.15
N ALA D 462 -13.68 -0.28 -30.58
CA ALA D 462 -13.49 -0.29 -29.12
C ALA D 462 -13.71 -1.68 -28.53
N ASN D 463 -14.13 -2.63 -29.36
CA ASN D 463 -14.14 -4.03 -28.99
C ASN D 463 -13.30 -4.87 -29.94
N THR D 464 -12.82 -4.28 -31.03
CA THR D 464 -11.78 -4.88 -31.83
C THR D 464 -10.40 -4.34 -31.48
N CYS D 465 -10.31 -3.08 -31.07
CA CYS D 465 -9.02 -2.55 -30.61
C CYS D 465 -8.53 -3.32 -29.39
N TYR D 466 -9.42 -3.60 -28.44
CA TYR D 466 -9.03 -4.35 -27.26
C TYR D 466 -8.73 -5.80 -27.61
N ARG D 467 -9.62 -6.45 -28.36
CA ARG D 467 -9.41 -7.85 -28.68
C ARG D 467 -8.16 -8.04 -29.52
N MET D 468 -7.94 -7.16 -30.48
CA MET D 468 -6.74 -7.25 -31.31
C MET D 468 -5.50 -6.78 -30.59
N GLY D 469 -5.63 -5.99 -29.53
CA GLY D 469 -4.47 -5.64 -28.73
C GLY D 469 -4.08 -6.71 -27.74
N ARG D 470 -5.05 -7.47 -27.25
CA ARG D 470 -4.78 -8.56 -26.31
C ARG D 470 -4.46 -9.87 -26.99
N GLY D 471 -4.98 -10.10 -28.19
CA GLY D 471 -4.81 -11.36 -28.88
C GLY D 471 -3.53 -11.52 -29.66
N ILE D 472 -2.70 -10.49 -29.74
CA ILE D 472 -1.44 -10.55 -30.46
C ILE D 472 -0.36 -11.06 -29.52
N LYS D 473 0.41 -12.03 -29.99
CA LYS D 473 1.46 -12.66 -29.20
C LYS D 473 2.75 -11.85 -29.30
N ALA D 474 2.68 -10.62 -28.79
CA ALA D 474 3.80 -9.70 -28.82
C ALA D 474 3.80 -8.88 -27.53
N GLY D 475 4.79 -8.01 -27.39
CA GLY D 475 4.97 -7.22 -26.18
C GLY D 475 4.62 -5.75 -26.29
N ARG D 476 4.11 -5.29 -27.42
CA ARG D 476 3.81 -3.87 -27.58
C ARG D 476 2.83 -3.72 -28.72
N VAL D 477 1.63 -3.22 -28.43
CA VAL D 477 0.59 -3.00 -29.44
C VAL D 477 0.28 -1.52 -29.47
N TRP D 478 0.34 -0.91 -30.65
CA TRP D 478 0.02 0.49 -30.83
C TRP D 478 -1.35 0.62 -31.48
N THR D 479 -2.26 1.31 -30.82
CA THR D 479 -3.63 1.49 -31.31
C THR D 479 -3.80 2.93 -31.77
N ASN D 480 -4.24 3.10 -33.01
CA ASN D 480 -4.46 4.42 -33.62
C ASN D 480 -3.22 5.31 -33.54
N CYS D 481 -2.05 4.69 -33.49
CA CYS D 481 -0.77 5.39 -33.51
C CYS D 481 0.32 4.39 -33.82
N TYR D 482 1.56 4.85 -33.80
CA TYR D 482 2.71 3.98 -34.03
C TYR D 482 4.01 4.66 -33.62
N THR D 503 12.54 3.89 -20.29
CA THR D 503 11.16 4.21 -20.57
C THR D 503 10.23 3.74 -19.46
N HIS D 504 10.71 2.83 -18.62
CA HIS D 504 9.89 2.22 -17.60
C HIS D 504 10.68 2.10 -16.30
N LYS D 505 9.97 2.13 -15.18
CA LYS D 505 10.59 1.97 -13.87
C LYS D 505 11.31 0.64 -13.76
N MET D 506 10.86 -0.37 -14.50
CA MET D 506 11.44 -1.71 -14.39
C MET D 506 12.88 -1.77 -14.85
N MET D 507 13.38 -0.73 -15.52
CA MET D 507 14.82 -0.66 -15.78
C MET D 507 15.62 -0.47 -14.51
N LEU D 508 15.13 0.38 -13.60
CA LEU D 508 15.88 0.67 -12.38
C LEU D 508 16.04 -0.56 -11.51
N ASP D 509 15.14 -1.54 -11.62
CA ASP D 509 15.22 -2.77 -10.85
C ASP D 509 15.98 -3.86 -11.59
N HIS D 510 16.54 -3.56 -12.76
CA HIS D 510 17.36 -4.52 -13.48
C HIS D 510 18.84 -4.36 -13.21
N TYR D 511 19.28 -3.16 -12.85
CA TYR D 511 20.65 -2.90 -12.44
C TYR D 511 20.78 -2.76 -10.94
N GLN D 512 19.98 -3.52 -10.19
CA GLN D 512 19.82 -3.27 -8.77
C GLN D 512 19.34 -4.54 -8.12
N GLN D 513 19.95 -4.92 -7.00
CA GLN D 513 19.66 -6.20 -6.36
C GLN D 513 19.02 -5.96 -5.00
N THR D 514 18.36 -6.98 -4.50
CA THR D 514 17.54 -6.88 -3.30
C THR D 514 18.24 -7.58 -2.14
N LYS D 515 18.41 -6.87 -1.04
CA LYS D 515 18.89 -7.46 0.21
C LYS D 515 17.70 -7.71 1.11
N ASN D 516 17.38 -8.98 1.32
CA ASN D 516 16.33 -9.35 2.24
C ASN D 516 16.92 -9.60 3.62
N MET D 517 16.44 -8.85 4.60
CA MET D 517 16.88 -8.98 5.98
C MET D 517 15.66 -9.37 6.81
N LEU D 518 15.58 -10.62 7.22
CA LEU D 518 14.51 -11.07 8.09
C LEU D 518 14.96 -10.93 9.53
N VAL D 519 14.34 -10.02 10.28
CA VAL D 519 14.73 -9.71 11.63
C VAL D 519 13.64 -10.18 12.57
N SER D 520 14.03 -10.94 13.59
CA SER D 520 13.11 -11.41 14.61
C SER D 520 13.38 -10.63 15.90
N TYR D 521 12.32 -10.07 16.47
CA TYR D 521 12.43 -9.20 17.63
C TYR D 521 11.94 -9.87 18.90
N SER D 522 11.90 -11.17 18.92
CA SER D 522 11.45 -11.89 20.10
C SER D 522 12.63 -12.40 20.90
N PRO D 523 12.67 -12.19 22.20
CA PRO D 523 13.79 -12.71 23.00
C PRO D 523 13.58 -14.17 23.39
N LYS D 524 12.34 -14.59 23.51
CA LYS D 524 12.00 -15.96 23.87
C LYS D 524 11.97 -16.85 22.64
N LYS D 525 11.98 -18.16 22.89
CA LYS D 525 11.87 -19.14 21.82
C LYS D 525 10.85 -20.21 22.18
K K E . -36.89 -3.85 6.63
K K F . 7.16 39.00 10.51
#